data_9I4Q
#
_entry.id   9I4Q
#
_cell.length_a   86.4
_cell.length_b   121.373
_cell.length_c   199.295
_cell.angle_alpha   90
_cell.angle_beta   90
_cell.angle_gamma   90
#
_symmetry.space_group_name_H-M   'P 21 21 21'
#
loop_
_entity.id
_entity.type
_entity.pdbx_description
1 polymer 'Dyp-type peroxidase family'
2 non-polymer 'PROTOPORPHYRIN IX CONTAINING FE'
3 non-polymer 'MAGNESIUM ION'
4 water water
#
_entity_poly.entity_id   1
_entity_poly.type   'polypeptide(L)'
_entity_poly.pdbx_seq_one_letter_code
;MGGEVEEPEPQMVLSPLTSAAIFLVVTIDSGGEDTVRDLLSDVASLERAVGFRAQPDGRLSCVTGIGSEAWDRLFSGARP
AGLHPFRELDGPVHRAVATPGDLLFHIRASRLDLCFALATEIMGRLRGAVTPQDEVHGFKYFDERDMLGFVDGTENPTGA
AARRAVLVGAEDPAFAGGSYAVVQKYLHDIDAWEGLSVEAQERVIGRRKMTDVELSDDVKPADSHVALTSVTGPDGSDLE
ILRDNMPFGSVGREEFGTYFIGYARTPEVTETMLERMFLGTASAPHDRILDFSTAVTGSLFFTPAADFLEDLSARP
;
_entity_poly.pdbx_strand_id   A,B,C,D,E,F
#
loop_
_chem_comp.id
_chem_comp.type
_chem_comp.name
_chem_comp.formula
HEM non-polymer 'PROTOPORPHYRIN IX CONTAINING FE' 'C34 H32 Fe N4 O4'
MG non-polymer 'MAGNESIUM ION' 'Mg 2'
#
# COMPACT_ATOMS: atom_id res chain seq x y z
N GLU A 7 -24.98 -3.41 -26.68
CA GLU A 7 -23.73 -4.08 -26.24
C GLU A 7 -23.93 -4.73 -24.87
N PRO A 8 -24.01 -6.08 -24.78
CA PRO A 8 -24.32 -6.75 -23.52
C PRO A 8 -23.14 -6.90 -22.54
N GLU A 9 -23.40 -6.49 -21.30
CA GLU A 9 -22.41 -6.47 -20.22
C GLU A 9 -22.32 -7.87 -19.63
N PRO A 10 -21.14 -8.53 -19.71
CA PRO A 10 -20.96 -9.85 -19.12
C PRO A 10 -20.74 -9.76 -17.61
N GLN A 11 -20.80 -10.92 -16.95
CA GLN A 11 -20.39 -11.05 -15.56
C GLN A 11 -18.87 -10.88 -15.48
N MET A 12 -18.36 -10.80 -14.24
CA MET A 12 -16.95 -10.56 -13.97
C MET A 12 -16.16 -11.85 -14.17
N VAL A 13 -16.25 -12.42 -15.37
CA VAL A 13 -15.48 -13.59 -15.75
C VAL A 13 -14.00 -13.21 -15.77
N LEU A 14 -13.71 -12.09 -16.44
CA LEU A 14 -12.39 -11.48 -16.46
C LEU A 14 -12.24 -10.60 -15.23
N SER A 15 -11.86 -11.23 -14.11
CA SER A 15 -11.60 -10.54 -12.86
C SER A 15 -10.09 -10.26 -12.77
N PRO A 16 -9.67 -9.11 -12.20
CA PRO A 16 -8.29 -8.94 -11.76
C PRO A 16 -7.87 -10.13 -10.89
N LEU A 17 -6.55 -10.27 -10.71
CA LEU A 17 -5.98 -11.27 -9.82
C LEU A 17 -6.54 -11.07 -8.41
N THR A 18 -7.02 -12.17 -7.81
CA THR A 18 -7.54 -12.16 -6.45
C THR A 18 -6.86 -13.28 -5.67
N SER A 19 -6.67 -13.04 -4.37
CA SER A 19 -5.86 -13.92 -3.53
C SER A 19 -6.74 -14.95 -2.83
N ALA A 20 -8.06 -14.70 -2.82
CA ALA A 20 -9.02 -15.55 -2.12
C ALA A 20 -10.21 -15.87 -3.01
N ALA A 21 -10.81 -17.04 -2.78
CA ALA A 21 -12.00 -17.45 -3.52
C ALA A 21 -12.83 -18.42 -2.68
N ILE A 22 -14.16 -18.33 -2.84
CA ILE A 22 -15.06 -19.39 -2.37
C ILE A 22 -15.83 -19.94 -3.56
N PHE A 23 -15.68 -21.25 -3.77
CA PHE A 23 -16.48 -21.98 -4.74
C PHE A 23 -17.63 -22.63 -3.98
N LEU A 24 -18.85 -22.41 -4.47
CA LEU A 24 -20.03 -22.91 -3.80
C LEU A 24 -20.94 -23.57 -4.84
N VAL A 25 -21.20 -24.87 -4.65
CA VAL A 25 -21.92 -25.66 -5.64
C VAL A 25 -23.16 -26.27 -4.99
N VAL A 26 -24.33 -25.99 -5.57
CA VAL A 26 -25.59 -26.44 -4.98
C VAL A 26 -26.48 -27.10 -6.04
N THR A 27 -27.34 -28.00 -5.56
CA THR A 27 -28.46 -28.51 -6.32
C THR A 27 -29.74 -27.85 -5.81
N ILE A 28 -30.67 -27.59 -6.73
CA ILE A 28 -31.95 -27.00 -6.41
C ILE A 28 -32.89 -28.12 -5.92
N ASP A 29 -33.32 -28.02 -4.67
CA ASP A 29 -34.35 -28.89 -4.13
C ASP A 29 -35.65 -28.63 -4.87
N SER A 30 -36.50 -29.65 -4.92
CA SER A 30 -37.78 -29.54 -5.61
C SER A 30 -38.68 -28.56 -4.87
N GLY A 31 -39.23 -27.60 -5.63
CA GLY A 31 -40.04 -26.54 -5.06
C GLY A 31 -39.28 -25.22 -4.99
N GLY A 32 -37.95 -25.31 -4.94
CA GLY A 32 -37.09 -24.17 -4.63
C GLY A 32 -36.85 -23.25 -5.83
N GLU A 33 -37.49 -23.56 -6.96
CA GLU A 33 -37.23 -22.88 -8.23
C GLU A 33 -37.40 -21.37 -8.08
N ASP A 34 -38.53 -20.92 -7.53
CA ASP A 34 -38.88 -19.50 -7.55
C ASP A 34 -38.01 -18.70 -6.57
N THR A 35 -37.53 -19.36 -5.50
CA THR A 35 -36.57 -18.77 -4.59
C THR A 35 -35.27 -18.47 -5.36
N VAL A 36 -34.79 -19.46 -6.12
CA VAL A 36 -33.59 -19.34 -6.92
C VAL A 36 -33.78 -18.20 -7.92
N ARG A 37 -34.93 -18.21 -8.60
CA ARG A 37 -35.28 -17.24 -9.63
C ARG A 37 -35.24 -15.81 -9.07
N ASP A 38 -35.56 -15.65 -7.78
CA ASP A 38 -35.55 -14.34 -7.15
C ASP A 38 -34.13 -13.92 -6.79
N LEU A 39 -33.33 -14.88 -6.33
CA LEU A 39 -31.94 -14.64 -5.93
C LEU A 39 -31.10 -14.29 -7.14
N LEU A 40 -31.35 -14.98 -8.26
CA LEU A 40 -30.58 -14.79 -9.49
C LEU A 40 -30.65 -13.33 -9.92
N SER A 41 -31.80 -12.70 -9.70
CA SER A 41 -32.04 -11.33 -10.15
C SER A 41 -31.49 -10.32 -9.15
N ASP A 42 -31.11 -10.78 -7.95
CA ASP A 42 -30.67 -9.88 -6.91
C ASP A 42 -29.18 -10.04 -6.62
N VAL A 43 -28.52 -10.97 -7.33
CA VAL A 43 -27.15 -11.36 -7.02
C VAL A 43 -26.19 -10.23 -7.37
N ALA A 44 -26.41 -9.58 -8.52
CA ALA A 44 -25.62 -8.43 -8.93
C ALA A 44 -25.66 -7.37 -7.84
N SER A 45 -26.84 -7.18 -7.24
CA SER A 45 -27.06 -6.16 -6.22
C SER A 45 -26.33 -6.52 -4.94
N LEU A 46 -26.43 -7.81 -4.56
CA LEU A 46 -25.79 -8.30 -3.36
C LEU A 46 -24.28 -8.12 -3.47
N GLU A 47 -23.74 -8.45 -4.65
CA GLU A 47 -22.32 -8.26 -4.94
C GLU A 47 -21.89 -6.85 -4.54
N ARG A 48 -22.65 -5.84 -5.00
CA ARG A 48 -22.32 -4.45 -4.73
C ARG A 48 -22.47 -4.15 -3.24
N ALA A 49 -23.52 -4.69 -2.61
CA ALA A 49 -23.82 -4.40 -1.21
C ALA A 49 -22.63 -4.78 -0.32
N VAL A 50 -22.16 -6.02 -0.50
CA VAL A 50 -21.08 -6.57 0.31
C VAL A 50 -19.76 -5.93 -0.09
N GLY A 51 -19.62 -5.59 -1.38
CA GLY A 51 -18.33 -5.25 -1.96
C GLY A 51 -18.00 -3.76 -1.89
N PHE A 52 -19.02 -2.90 -2.03
CA PHE A 52 -18.81 -1.48 -2.28
C PHE A 52 -17.98 -0.85 -1.16
N ARG A 53 -18.37 -1.12 0.08
CA ARG A 53 -17.82 -0.40 1.22
C ARG A 53 -16.37 -0.79 1.49
N ALA A 54 -15.78 -1.59 0.59
CA ALA A 54 -14.41 -2.05 0.78
C ALA A 54 -13.59 -1.83 -0.48
N GLN A 55 -13.92 -0.77 -1.23
CA GLN A 55 -13.24 -0.46 -2.49
C GLN A 55 -12.06 0.46 -2.22
N PRO A 56 -11.02 0.46 -3.10
CA PRO A 56 -10.92 -0.48 -4.23
C PRO A 56 -10.09 -1.72 -3.97
N ASP A 57 -9.70 -1.94 -2.70
CA ASP A 57 -8.84 -3.04 -2.29
C ASP A 57 -9.58 -4.37 -2.40
N GLY A 58 -10.89 -4.32 -2.14
CA GLY A 58 -11.73 -5.51 -2.02
C GLY A 58 -11.64 -6.40 -3.25
N ARG A 59 -11.94 -5.81 -4.43
CA ARG A 59 -12.03 -6.52 -5.70
C ARG A 59 -12.97 -7.71 -5.56
N LEU A 60 -14.12 -7.51 -4.89
CA LEU A 60 -15.12 -8.54 -4.73
C LEU A 60 -15.91 -8.69 -6.03
N SER A 61 -16.10 -9.95 -6.45
CA SER A 61 -16.97 -10.26 -7.56
C SER A 61 -17.57 -11.66 -7.36
N CYS A 62 -18.69 -11.90 -8.03
CA CYS A 62 -19.34 -13.21 -7.99
C CYS A 62 -19.82 -13.58 -9.38
N VAL A 63 -19.31 -14.70 -9.89
CA VAL A 63 -19.78 -15.24 -11.16
C VAL A 63 -20.79 -16.36 -10.86
N THR A 64 -21.96 -16.26 -11.48
CA THR A 64 -23.07 -17.16 -11.21
C THR A 64 -23.31 -18.06 -12.42
N GLY A 65 -23.27 -19.38 -12.18
CA GLY A 65 -23.35 -20.37 -13.24
C GLY A 65 -24.54 -21.31 -13.06
N ILE A 66 -25.13 -21.73 -14.19
CA ILE A 66 -26.32 -22.56 -14.18
C ILE A 66 -26.05 -23.81 -15.00
N GLY A 67 -26.46 -24.97 -14.47
CA GLY A 67 -26.22 -26.26 -15.10
C GLY A 67 -27.29 -26.62 -16.11
N SER A 68 -27.05 -27.72 -16.84
CA SER A 68 -27.85 -28.15 -17.98
C SER A 68 -29.25 -28.57 -17.56
N GLU A 69 -29.34 -29.44 -16.55
CA GLU A 69 -30.59 -30.02 -16.11
C GLU A 69 -31.40 -29.02 -15.29
N ALA A 70 -30.71 -28.09 -14.62
CA ALA A 70 -31.35 -27.06 -13.81
C ALA A 70 -31.93 -25.97 -14.72
N TRP A 71 -31.31 -25.78 -15.89
CA TRP A 71 -31.74 -24.76 -16.84
C TRP A 71 -33.14 -25.07 -17.37
N ASP A 72 -33.45 -26.37 -17.56
CA ASP A 72 -34.75 -26.78 -18.03
C ASP A 72 -35.80 -26.61 -16.94
N ARG A 73 -35.36 -26.70 -15.67
CA ARG A 73 -36.26 -26.53 -14.54
C ARG A 73 -36.59 -25.05 -14.35
N LEU A 74 -35.72 -24.16 -14.85
CA LEU A 74 -35.76 -22.76 -14.45
C LEU A 74 -36.37 -21.88 -15.54
N PHE A 75 -36.01 -22.14 -16.80
CA PHE A 75 -36.33 -21.18 -17.86
C PHE A 75 -37.03 -21.88 -19.01
N SER A 76 -38.19 -21.33 -19.38
CA SER A 76 -38.78 -21.60 -20.68
C SER A 76 -38.12 -20.68 -21.71
N GLY A 77 -37.85 -21.22 -22.90
CA GLY A 77 -37.20 -20.45 -23.95
C GLY A 77 -36.06 -21.23 -24.60
N ALA A 78 -35.08 -20.48 -25.10
CA ALA A 78 -33.92 -21.06 -25.78
C ALA A 78 -32.86 -21.45 -24.75
N ARG A 79 -32.07 -22.47 -25.11
CA ARG A 79 -30.95 -22.93 -24.29
C ARG A 79 -29.63 -22.50 -24.95
N PRO A 80 -28.59 -22.16 -24.16
CA PRO A 80 -27.25 -21.95 -24.70
C PRO A 80 -26.82 -23.16 -25.54
N ALA A 81 -26.20 -22.87 -26.68
CA ALA A 81 -25.88 -23.87 -27.70
C ALA A 81 -25.10 -25.04 -27.08
N GLY A 82 -24.08 -24.72 -26.27
CA GLY A 82 -23.16 -25.73 -25.78
C GLY A 82 -23.44 -26.11 -24.33
N LEU A 83 -24.71 -26.06 -23.91
CA LEU A 83 -25.02 -26.40 -22.53
C LEU A 83 -25.50 -27.85 -22.45
N HIS A 84 -24.71 -28.66 -21.74
CA HIS A 84 -25.01 -30.07 -21.52
C HIS A 84 -24.38 -30.49 -20.19
N PRO A 85 -24.80 -31.64 -19.61
CA PRO A 85 -24.18 -32.16 -18.40
C PRO A 85 -22.72 -32.50 -18.69
N PHE A 86 -21.86 -32.23 -17.70
CA PHE A 86 -20.46 -32.62 -17.76
C PHE A 86 -20.39 -34.11 -18.08
N ARG A 87 -19.46 -34.47 -18.98
CA ARG A 87 -19.33 -35.82 -19.50
C ARG A 87 -18.21 -36.55 -18.77
N GLU A 88 -18.53 -37.73 -18.22
CA GLU A 88 -17.53 -38.61 -17.65
C GLU A 88 -16.55 -39.04 -18.73
N LEU A 89 -15.27 -39.12 -18.33
CA LEU A 89 -14.23 -39.65 -19.20
C LEU A 89 -13.61 -40.85 -18.49
N ASP A 90 -13.86 -42.04 -19.05
CA ASP A 90 -13.28 -43.30 -18.58
C ASP A 90 -11.99 -43.59 -19.34
N GLY A 91 -10.87 -43.17 -18.73
CA GLY A 91 -9.55 -43.35 -19.32
C GLY A 91 -8.97 -44.70 -18.93
N PRO A 92 -7.96 -45.20 -19.67
CA PRO A 92 -7.30 -46.47 -19.33
C PRO A 92 -6.86 -46.46 -17.87
N VAL A 93 -6.22 -45.35 -17.46
CA VAL A 93 -5.68 -45.22 -16.13
C VAL A 93 -6.57 -44.31 -15.28
N HIS A 94 -6.87 -43.11 -15.78
CA HIS A 94 -7.46 -42.07 -14.94
C HIS A 94 -8.89 -41.75 -15.40
N ARG A 95 -9.73 -41.41 -14.41
CA ARG A 95 -11.14 -41.13 -14.64
C ARG A 95 -11.45 -39.69 -14.27
N ALA A 96 -12.28 -39.03 -15.11
CA ALA A 96 -12.81 -37.71 -14.84
C ALA A 96 -14.30 -37.82 -14.52
N VAL A 97 -14.62 -37.79 -13.22
CA VAL A 97 -15.95 -38.08 -12.72
C VAL A 97 -16.89 -36.90 -13.00
N ALA A 98 -18.19 -37.20 -13.11
CA ALA A 98 -19.22 -36.18 -13.19
C ALA A 98 -20.07 -36.21 -11.92
N THR A 99 -20.07 -35.09 -11.18
CA THR A 99 -20.82 -35.01 -9.92
C THR A 99 -21.93 -33.98 -10.08
N PRO A 100 -23.06 -34.13 -9.34
CA PRO A 100 -24.20 -33.21 -9.47
C PRO A 100 -23.90 -31.77 -9.07
N GLY A 101 -24.55 -30.83 -9.78
CA GLY A 101 -24.41 -29.40 -9.54
C GLY A 101 -25.35 -28.62 -10.45
N ASP A 102 -26.21 -27.79 -9.83
CA ASP A 102 -27.18 -27.00 -10.57
C ASP A 102 -26.71 -25.56 -10.72
N LEU A 103 -26.11 -25.05 -9.64
CA LEU A 103 -25.68 -23.66 -9.61
C LEU A 103 -24.24 -23.61 -9.13
N LEU A 104 -23.48 -22.69 -9.73
CA LEU A 104 -22.14 -22.37 -9.28
C LEU A 104 -22.14 -20.93 -8.77
N PHE A 105 -21.45 -20.72 -7.66
CA PHE A 105 -21.05 -19.38 -7.26
C PHE A 105 -19.53 -19.37 -7.11
N HIS A 106 -18.88 -18.70 -8.07
CA HIS A 106 -17.45 -18.45 -8.08
C HIS A 106 -17.23 -17.06 -7.51
N ILE A 107 -16.79 -17.01 -6.25
CA ILE A 107 -16.69 -15.75 -5.52
C ILE A 107 -15.23 -15.44 -5.27
N ARG A 108 -14.80 -14.27 -5.76
CA ARG A 108 -13.39 -13.88 -5.76
C ARG A 108 -13.24 -12.52 -5.09
N ALA A 109 -12.23 -12.41 -4.22
CA ALA A 109 -11.87 -11.17 -3.57
C ALA A 109 -10.38 -11.21 -3.19
N SER A 110 -9.89 -10.10 -2.63
CA SER A 110 -8.54 -10.02 -2.13
C SER A 110 -8.46 -10.57 -0.69
N ARG A 111 -9.63 -10.86 -0.10
CA ARG A 111 -9.75 -11.29 1.28
C ARG A 111 -10.85 -12.34 1.40
N LEU A 112 -10.60 -13.39 2.19
CA LEU A 112 -11.55 -14.49 2.33
C LEU A 112 -12.87 -13.98 2.90
N ASP A 113 -12.80 -12.92 3.71
CA ASP A 113 -13.95 -12.45 4.47
C ASP A 113 -15.00 -11.83 3.55
N LEU A 114 -14.54 -11.10 2.53
CA LEU A 114 -15.43 -10.47 1.56
C LEU A 114 -16.17 -11.56 0.78
N CYS A 115 -15.47 -12.67 0.55
CA CYS A 115 -16.03 -13.83 -0.12
C CYS A 115 -17.06 -14.49 0.77
N PHE A 116 -16.76 -14.52 2.07
CA PHE A 116 -17.57 -15.25 3.03
C PHE A 116 -18.86 -14.48 3.32
N ALA A 117 -18.76 -13.14 3.28
CA ALA A 117 -19.91 -12.30 3.56
C ALA A 117 -20.88 -12.35 2.39
N LEU A 118 -20.35 -12.45 1.17
CA LEU A 118 -21.20 -12.57 0.00
C LEU A 118 -21.82 -13.96 -0.04
N ALA A 119 -21.01 -14.99 0.29
CA ALA A 119 -21.46 -16.37 0.34
C ALA A 119 -22.58 -16.52 1.36
N THR A 120 -22.37 -15.94 2.56
CA THR A 120 -23.33 -15.96 3.65
C THR A 120 -24.65 -15.35 3.19
N GLU A 121 -24.56 -14.24 2.44
CA GLU A 121 -25.74 -13.51 1.99
C GLU A 121 -26.52 -14.32 0.95
N ILE A 122 -25.80 -14.96 0.03
CA ILE A 122 -26.41 -15.72 -1.05
C ILE A 122 -27.10 -16.95 -0.47
N MET A 123 -26.41 -17.69 0.40
CA MET A 123 -26.94 -18.90 1.00
C MET A 123 -28.08 -18.58 1.96
N GLY A 124 -28.03 -17.39 2.56
CA GLY A 124 -29.08 -16.93 3.46
C GLY A 124 -30.42 -16.77 2.74
N ARG A 125 -30.36 -16.42 1.46
CA ARG A 125 -31.55 -16.21 0.65
C ARG A 125 -32.06 -17.55 0.11
N LEU A 126 -31.21 -18.57 0.15
CA LEU A 126 -31.47 -19.84 -0.52
C LEU A 126 -31.75 -20.96 0.47
N ARG A 127 -31.87 -20.60 1.76
CA ARG A 127 -32.11 -21.58 2.81
C ARG A 127 -33.43 -22.29 2.55
N GLY A 128 -33.33 -23.59 2.23
CA GLY A 128 -34.50 -24.44 2.09
C GLY A 128 -34.93 -24.59 0.63
N ALA A 129 -34.13 -24.06 -0.30
CA ALA A 129 -34.41 -24.20 -1.71
C ALA A 129 -33.33 -25.04 -2.38
N VAL A 130 -32.16 -25.15 -1.71
CA VAL A 130 -31.02 -25.82 -2.30
C VAL A 130 -30.41 -26.78 -1.29
N THR A 131 -29.62 -27.73 -1.79
CA THR A 131 -28.77 -28.60 -1.00
C THR A 131 -27.33 -28.39 -1.43
N PRO A 132 -26.40 -28.05 -0.49
CA PRO A 132 -25.00 -27.83 -0.83
C PRO A 132 -24.31 -29.14 -1.22
N GLN A 133 -23.58 -29.09 -2.34
CA GLN A 133 -22.83 -30.24 -2.84
C GLN A 133 -21.35 -30.07 -2.50
N ASP A 134 -20.85 -28.83 -2.62
CA ASP A 134 -19.44 -28.56 -2.45
C ASP A 134 -19.20 -27.12 -2.01
N GLU A 135 -18.22 -26.95 -1.13
CA GLU A 135 -17.82 -25.64 -0.64
C GLU A 135 -16.31 -25.64 -0.42
N VAL A 136 -15.62 -24.73 -1.11
CA VAL A 136 -14.16 -24.69 -1.11
C VAL A 136 -13.70 -23.26 -0.84
N HIS A 137 -12.91 -23.09 0.23
CA HIS A 137 -12.21 -21.84 0.48
C HIS A 137 -10.78 -21.97 -0.03
N GLY A 138 -10.48 -21.18 -1.07
CA GLY A 138 -9.21 -21.28 -1.78
C GLY A 138 -8.34 -20.05 -1.50
N PHE A 139 -7.03 -20.29 -1.43
CA PHE A 139 -6.03 -19.27 -1.19
C PHE A 139 -4.87 -19.45 -2.18
N LYS A 140 -4.57 -18.39 -2.92
CA LYS A 140 -3.43 -18.37 -3.83
C LYS A 140 -2.17 -18.11 -3.00
N TYR A 141 -1.06 -18.76 -3.38
CA TYR A 141 0.23 -18.52 -2.75
C TYR A 141 0.77 -17.16 -3.19
N PHE A 142 1.68 -16.59 -2.38
CA PHE A 142 2.08 -15.20 -2.48
C PHE A 142 2.73 -14.91 -3.83
N ASP A 143 3.36 -15.93 -4.44
CA ASP A 143 4.07 -15.77 -5.70
C ASP A 143 3.28 -16.40 -6.85
N GLU A 144 1.97 -16.56 -6.65
CA GLU A 144 1.03 -17.01 -7.66
C GLU A 144 1.21 -18.52 -7.93
N ARG A 145 1.86 -19.22 -7.00
CA ARG A 145 2.13 -20.65 -7.15
C ARG A 145 0.96 -21.48 -6.64
N ASP A 146 0.87 -22.72 -7.14
CA ASP A 146 -0.19 -23.65 -6.74
C ASP A 146 0.34 -24.64 -5.71
N MET A 147 -0.46 -25.68 -5.45
CA MET A 147 -0.17 -26.67 -4.43
C MET A 147 1.08 -27.47 -4.79
N LEU A 148 1.40 -27.54 -6.09
CA LEU A 148 2.52 -28.33 -6.58
C LEU A 148 3.80 -27.50 -6.58
N GLY A 149 3.69 -26.21 -6.28
CA GLY A 149 4.83 -25.31 -6.17
C GLY A 149 5.19 -24.63 -7.49
N PHE A 150 4.29 -24.71 -8.47
CA PHE A 150 4.53 -24.09 -9.77
C PHE A 150 3.62 -22.88 -9.93
N VAL A 151 4.17 -21.82 -10.54
CA VAL A 151 3.38 -20.66 -10.91
C VAL A 151 2.21 -21.12 -11.78
N ASP A 152 1.00 -20.64 -11.43
CA ASP A 152 -0.23 -21.13 -12.02
C ASP A 152 -1.02 -19.93 -12.54
N GLY A 153 -1.11 -19.81 -13.87
CA GLY A 153 -1.91 -18.77 -14.49
C GLY A 153 -1.12 -17.97 -15.53
N THR A 154 0.17 -18.29 -15.64
CA THR A 154 1.14 -17.58 -16.47
C THR A 154 0.60 -17.38 -17.89
N GLU A 155 0.07 -18.45 -18.48
CA GLU A 155 -0.24 -18.44 -19.90
C GLU A 155 -1.73 -18.19 -20.16
N ASN A 156 -2.39 -17.52 -19.21
CA ASN A 156 -3.78 -17.11 -19.38
C ASN A 156 -3.87 -15.97 -20.41
N PRO A 157 -4.92 -15.95 -21.27
CA PRO A 157 -5.10 -14.84 -22.21
C PRO A 157 -5.50 -13.56 -21.48
N THR A 158 -5.02 -12.42 -21.98
CA THR A 158 -5.34 -11.12 -21.41
C THR A 158 -5.89 -10.19 -22.50
N GLY A 159 -6.71 -9.22 -22.08
CA GLY A 159 -7.18 -8.16 -22.94
C GLY A 159 -8.25 -8.66 -23.91
N ALA A 160 -8.04 -8.37 -25.20
CA ALA A 160 -8.97 -8.71 -26.26
C ALA A 160 -8.92 -10.22 -26.52
N ALA A 161 -7.76 -10.83 -26.24
CA ALA A 161 -7.57 -12.26 -26.37
C ALA A 161 -8.48 -13.00 -25.38
N ALA A 162 -8.55 -12.50 -24.15
CA ALA A 162 -9.35 -13.08 -23.10
C ALA A 162 -10.83 -13.00 -23.47
N ARG A 163 -11.25 -11.85 -24.03
CA ARG A 163 -12.63 -11.56 -24.34
C ARG A 163 -13.12 -12.47 -25.46
N ARG A 164 -12.29 -12.62 -26.50
CA ARG A 164 -12.62 -13.41 -27.67
C ARG A 164 -12.57 -14.89 -27.34
N ALA A 165 -11.86 -15.25 -26.25
CA ALA A 165 -11.64 -16.64 -25.90
C ALA A 165 -12.74 -17.16 -24.99
N VAL A 166 -13.30 -16.27 -24.14
CA VAL A 166 -14.17 -16.73 -23.07
C VAL A 166 -15.63 -16.33 -23.33
N LEU A 167 -15.84 -15.18 -23.97
CA LEU A 167 -17.18 -14.61 -24.10
C LEU A 167 -17.87 -15.13 -25.35
N VAL A 168 -19.13 -15.55 -25.17
CA VAL A 168 -19.98 -15.96 -26.29
C VAL A 168 -20.33 -14.71 -27.10
N GLY A 169 -20.31 -14.86 -28.43
CA GLY A 169 -20.67 -13.80 -29.35
C GLY A 169 -21.73 -14.27 -30.36
N ALA A 170 -21.45 -14.01 -31.64
CA ALA A 170 -22.41 -14.15 -32.73
C ALA A 170 -22.81 -15.62 -32.97
N GLU A 171 -21.94 -16.55 -32.56
CA GLU A 171 -22.24 -17.97 -32.71
C GLU A 171 -23.57 -18.29 -32.02
N ASP A 172 -23.91 -17.52 -30.98
CA ASP A 172 -25.14 -17.75 -30.23
C ASP A 172 -25.70 -16.43 -29.73
N PRO A 173 -26.20 -15.56 -30.65
CA PRO A 173 -26.43 -14.14 -30.33
C PRO A 173 -27.33 -13.87 -29.13
N ALA A 174 -28.24 -14.81 -28.85
CA ALA A 174 -29.14 -14.71 -27.72
C ALA A 174 -28.36 -14.70 -26.41
N PHE A 175 -27.26 -15.46 -26.35
CA PHE A 175 -26.53 -15.65 -25.10
C PHE A 175 -25.17 -14.95 -25.15
N ALA A 176 -25.06 -13.95 -26.03
CA ALA A 176 -23.87 -13.11 -26.15
C ALA A 176 -23.44 -12.63 -24.77
N GLY A 177 -22.13 -12.54 -24.55
CA GLY A 177 -21.60 -12.08 -23.28
C GLY A 177 -21.65 -13.17 -22.22
N GLY A 178 -22.22 -14.32 -22.59
CA GLY A 178 -22.17 -15.50 -21.74
C GLY A 178 -20.80 -16.17 -21.81
N SER A 179 -20.63 -17.23 -21.01
CA SER A 179 -19.42 -18.03 -20.99
C SER A 179 -19.75 -19.41 -20.40
N TYR A 180 -18.78 -20.33 -20.51
CA TYR A 180 -18.96 -21.68 -20.02
C TYR A 180 -17.88 -22.00 -18.99
N ALA A 181 -18.30 -22.49 -17.83
CA ALA A 181 -17.39 -22.84 -16.77
C ALA A 181 -17.40 -24.36 -16.54
N VAL A 182 -16.19 -24.94 -16.52
CA VAL A 182 -15.98 -26.32 -16.11
C VAL A 182 -15.20 -26.30 -14.80
N VAL A 183 -15.73 -27.00 -13.79
CA VAL A 183 -15.09 -27.02 -12.48
C VAL A 183 -14.68 -28.45 -12.15
N GLN A 184 -13.52 -28.59 -11.50
CA GLN A 184 -13.06 -29.88 -11.00
C GLN A 184 -12.27 -29.68 -9.71
N LYS A 185 -12.68 -30.40 -8.67
CA LYS A 185 -11.90 -30.44 -7.44
C LYS A 185 -10.85 -31.53 -7.57
N TYR A 186 -9.57 -31.12 -7.52
CA TYR A 186 -8.45 -32.05 -7.57
C TYR A 186 -7.84 -32.20 -6.17
N LEU A 187 -7.41 -33.43 -5.88
CA LEU A 187 -6.76 -33.80 -4.64
C LEU A 187 -5.37 -34.34 -4.99
N HIS A 188 -4.32 -33.78 -4.35
CA HIS A 188 -2.95 -34.10 -4.76
C HIS A 188 -2.32 -35.12 -3.82
N ASP A 189 -1.41 -35.91 -4.40
CA ASP A 189 -0.55 -36.83 -3.67
C ASP A 189 0.80 -36.15 -3.49
N ILE A 190 0.91 -35.34 -2.43
CA ILE A 190 2.06 -34.47 -2.21
C ILE A 190 3.28 -35.31 -1.84
N ASP A 191 3.04 -36.43 -1.14
CA ASP A 191 4.10 -37.35 -0.77
C ASP A 191 4.85 -37.78 -2.03
N ALA A 192 4.11 -38.26 -3.03
CA ALA A 192 4.67 -38.75 -4.27
C ALA A 192 5.38 -37.64 -5.03
N TRP A 193 4.77 -36.44 -5.06
CA TRP A 193 5.25 -35.29 -5.80
C TRP A 193 6.61 -34.83 -5.28
N GLU A 194 6.78 -34.84 -3.96
CA GLU A 194 7.99 -34.34 -3.33
C GLU A 194 9.13 -35.37 -3.42
N GLY A 195 8.80 -36.59 -3.83
CA GLY A 195 9.80 -37.63 -4.07
C GLY A 195 10.43 -37.50 -5.46
N LEU A 196 9.74 -36.78 -6.36
CA LEU A 196 10.33 -36.41 -7.64
C LEU A 196 11.39 -35.34 -7.41
N SER A 197 12.42 -35.34 -8.26
CA SER A 197 13.36 -34.23 -8.31
C SER A 197 12.69 -33.06 -9.05
N VAL A 198 13.22 -31.84 -8.85
CA VAL A 198 12.68 -30.64 -9.47
C VAL A 198 12.60 -30.84 -10.98
N GLU A 199 13.65 -31.44 -11.56
CA GLU A 199 13.75 -31.66 -13.00
C GLU A 199 12.66 -32.63 -13.46
N ALA A 200 12.34 -33.61 -12.61
CA ALA A 200 11.28 -34.56 -12.91
C ALA A 200 9.94 -33.83 -12.92
N GLN A 201 9.73 -32.97 -11.92
CA GLN A 201 8.50 -32.18 -11.81
C GLN A 201 8.37 -31.26 -13.01
N GLU A 202 9.50 -30.72 -13.47
CA GLU A 202 9.57 -29.88 -14.66
C GLU A 202 9.08 -30.64 -15.89
N ARG A 203 9.44 -31.93 -15.98
CA ARG A 203 9.06 -32.77 -17.10
C ARG A 203 7.57 -33.09 -17.05
N VAL A 204 6.98 -33.02 -15.86
CA VAL A 204 5.57 -33.30 -15.68
C VAL A 204 4.74 -32.10 -16.12
N ILE A 205 5.24 -30.89 -15.82
CA ILE A 205 4.49 -29.68 -16.09
C ILE A 205 4.82 -29.16 -17.48
N GLY A 206 6.12 -28.98 -17.76
CA GLY A 206 6.57 -28.48 -19.05
C GLY A 206 7.13 -27.06 -18.94
N ARG A 207 7.26 -26.59 -17.70
CA ARG A 207 7.85 -25.29 -17.41
C ARG A 207 8.89 -25.47 -16.31
N ARG A 208 9.92 -24.60 -16.33
CA ARG A 208 10.96 -24.55 -15.31
C ARG A 208 10.33 -24.09 -14.00
N LYS A 209 10.74 -24.70 -12.89
CA LYS A 209 10.07 -24.48 -11.62
C LYS A 209 10.29 -23.06 -11.11
N MET A 210 11.54 -22.76 -10.72
N MET A 210 11.54 -22.73 -10.76
CA MET A 210 11.96 -21.49 -10.15
CA MET A 210 11.82 -21.47 -10.10
C MET A 210 11.51 -20.33 -11.04
C MET A 210 11.61 -20.26 -11.01
N THR A 211 11.92 -20.39 -12.31
CA THR A 211 11.92 -19.22 -13.19
C THR A 211 10.69 -19.15 -14.11
N ASP A 212 9.86 -20.21 -14.10
CA ASP A 212 8.58 -20.23 -14.79
C ASP A 212 8.74 -19.94 -16.29
N VAL A 213 9.81 -20.49 -16.87
CA VAL A 213 10.03 -20.42 -18.32
C VAL A 213 9.54 -21.73 -18.92
N GLU A 214 8.82 -21.63 -20.05
CA GLU A 214 8.42 -22.84 -20.75
C GLU A 214 9.68 -23.62 -21.13
N LEU A 215 9.64 -24.94 -20.90
CA LEU A 215 10.62 -25.83 -21.50
C LEU A 215 10.56 -25.66 -23.01
N SER A 216 11.72 -25.72 -23.66
CA SER A 216 11.83 -25.52 -25.09
C SER A 216 11.19 -26.68 -25.85
N ASP A 217 10.50 -26.35 -26.96
CA ASP A 217 9.65 -27.27 -27.72
C ASP A 217 10.32 -28.62 -27.92
N ASP A 218 11.65 -28.64 -27.81
CA ASP A 218 12.45 -29.80 -28.18
C ASP A 218 12.82 -30.65 -26.97
N VAL A 219 12.54 -30.16 -25.76
CA VAL A 219 12.79 -30.94 -24.55
C VAL A 219 11.47 -31.23 -23.85
N LYS A 220 10.43 -30.48 -24.22
CA LYS A 220 9.12 -30.63 -23.62
C LYS A 220 8.58 -32.02 -23.96
N PRO A 221 8.33 -32.89 -22.95
CA PRO A 221 7.80 -34.23 -23.19
C PRO A 221 6.37 -34.19 -23.70
N ALA A 222 6.03 -35.17 -24.55
CA ALA A 222 4.73 -35.24 -25.19
C ALA A 222 3.61 -35.36 -24.16
N ASP A 223 3.94 -35.87 -22.98
CA ASP A 223 2.92 -36.17 -21.97
C ASP A 223 3.01 -35.18 -20.81
N SER A 224 3.64 -34.02 -21.04
CA SER A 224 3.67 -32.98 -20.03
C SER A 224 2.33 -32.24 -20.01
N HIS A 225 2.04 -31.55 -18.91
CA HIS A 225 0.76 -30.87 -18.74
C HIS A 225 0.59 -29.85 -19.86
N VAL A 226 1.65 -29.09 -20.14
CA VAL A 226 1.58 -27.96 -21.05
C VAL A 226 1.49 -28.46 -22.49
N ALA A 227 2.11 -29.63 -22.77
CA ALA A 227 2.09 -30.19 -24.11
C ALA A 227 0.69 -30.64 -24.49
N LEU A 228 -0.06 -31.17 -23.52
CA LEU A 228 -1.35 -31.79 -23.80
C LEU A 228 -2.49 -30.78 -23.72
N THR A 229 -2.24 -29.61 -23.13
CA THR A 229 -3.30 -28.62 -22.95
C THR A 229 -3.13 -27.48 -23.94
N SER A 230 -2.21 -27.65 -24.89
CA SER A 230 -2.06 -26.74 -26.02
C SER A 230 -2.76 -27.33 -27.23
N VAL A 231 -3.84 -26.66 -27.68
CA VAL A 231 -4.62 -27.13 -28.81
C VAL A 231 -4.61 -26.04 -29.87
N THR A 232 -4.52 -26.44 -31.14
CA THR A 232 -4.64 -25.50 -32.25
C THR A 232 -6.02 -25.62 -32.89
N GLY A 233 -6.46 -24.52 -33.50
CA GLY A 233 -7.78 -24.45 -34.10
C GLY A 233 -7.78 -24.96 -35.54
N PRO A 234 -8.91 -24.83 -36.28
CA PRO A 234 -8.95 -25.22 -37.70
C PRO A 234 -7.82 -24.56 -38.48
N ASP A 235 -7.62 -23.26 -38.22
CA ASP A 235 -6.68 -22.43 -38.96
C ASP A 235 -5.27 -22.60 -38.41
N GLY A 236 -5.17 -22.95 -37.13
CA GLY A 236 -3.86 -22.99 -36.47
C GLY A 236 -3.73 -21.85 -35.48
N SER A 237 -4.88 -21.31 -35.05
CA SER A 237 -4.95 -20.44 -33.89
C SER A 237 -5.09 -21.29 -32.64
N ASP A 238 -4.04 -21.25 -31.82
CA ASP A 238 -4.00 -21.90 -30.51
C ASP A 238 -5.28 -21.57 -29.75
N LEU A 239 -6.04 -22.61 -29.39
CA LEU A 239 -7.29 -22.46 -28.65
C LEU A 239 -6.96 -22.21 -27.18
N GLU A 240 -7.72 -21.31 -26.56
CA GLU A 240 -7.39 -20.77 -25.25
C GLU A 240 -8.56 -20.92 -24.28
N ILE A 241 -8.23 -21.06 -22.99
CA ILE A 241 -9.20 -20.97 -21.90
C ILE A 241 -8.65 -20.02 -20.85
N LEU A 242 -9.54 -19.50 -19.99
CA LEU A 242 -9.15 -18.65 -18.89
C LEU A 242 -9.30 -19.43 -17.58
N ARG A 243 -8.17 -19.71 -16.93
CA ARG A 243 -8.15 -20.49 -15.70
C ARG A 243 -8.03 -19.55 -14.49
N ASP A 244 -8.51 -20.04 -13.34
CA ASP A 244 -8.25 -19.40 -12.06
C ASP A 244 -8.18 -20.49 -10.98
N ASN A 245 -7.16 -21.34 -11.10
CA ASN A 245 -6.91 -22.42 -10.15
C ASN A 245 -6.62 -21.83 -8.77
N MET A 246 -7.19 -22.46 -7.73
CA MET A 246 -7.00 -22.04 -6.36
C MET A 246 -6.59 -23.24 -5.50
N PRO A 247 -5.44 -23.16 -4.79
CA PRO A 247 -5.11 -24.13 -3.76
C PRO A 247 -6.12 -24.07 -2.61
N PHE A 248 -6.45 -25.25 -2.07
CA PHE A 248 -7.29 -25.37 -0.88
C PHE A 248 -6.74 -26.52 -0.05
N GLY A 249 -7.05 -26.56 1.26
CA GLY A 249 -6.41 -27.58 2.06
C GLY A 249 -6.91 -27.71 3.49
N SER A 250 -6.69 -28.91 4.03
CA SER A 250 -6.80 -29.22 5.43
C SER A 250 -5.60 -30.05 5.86
N VAL A 251 -4.79 -29.49 6.77
CA VAL A 251 -3.49 -30.02 7.14
C VAL A 251 -3.65 -31.29 7.99
N GLY A 252 -4.66 -31.29 8.86
CA GLY A 252 -4.92 -32.40 9.76
C GLY A 252 -5.56 -33.60 9.07
N ARG A 253 -6.24 -33.35 7.94
CA ARG A 253 -6.81 -34.44 7.15
C ARG A 253 -5.84 -34.83 6.05
N GLU A 254 -4.71 -34.12 5.97
CA GLU A 254 -3.70 -34.33 4.94
C GLU A 254 -4.37 -34.24 3.57
N GLU A 255 -4.96 -33.08 3.29
CA GLU A 255 -5.76 -32.86 2.10
C GLU A 255 -5.21 -31.64 1.39
N PHE A 256 -4.43 -31.88 0.33
CA PHE A 256 -3.79 -30.81 -0.41
C PHE A 256 -4.41 -30.80 -1.80
N GLY A 257 -5.02 -29.67 -2.16
CA GLY A 257 -5.90 -29.65 -3.31
C GLY A 257 -5.67 -28.45 -4.22
N THR A 258 -6.07 -28.61 -5.50
CA THR A 258 -6.20 -27.53 -6.46
C THR A 258 -7.64 -27.52 -6.98
N TYR A 259 -8.32 -26.39 -6.79
CA TYR A 259 -9.61 -26.22 -7.44
C TYR A 259 -9.36 -25.70 -8.85
N PHE A 260 -9.76 -26.51 -9.84
CA PHE A 260 -9.74 -26.09 -11.23
C PHE A 260 -11.07 -25.42 -11.57
N ILE A 261 -10.99 -24.23 -12.15
CA ILE A 261 -12.08 -23.67 -12.94
C ILE A 261 -11.50 -23.09 -14.22
N GLY A 262 -12.16 -23.39 -15.34
CA GLY A 262 -11.78 -22.85 -16.62
C GLY A 262 -12.99 -22.36 -17.40
N TYR A 263 -12.86 -21.18 -18.00
CA TYR A 263 -13.90 -20.60 -18.83
C TYR A 263 -13.45 -20.64 -20.29
N ALA A 264 -14.44 -20.80 -21.19
CA ALA A 264 -14.25 -20.65 -22.62
C ALA A 264 -15.55 -20.11 -23.21
N ARG A 265 -15.54 -19.77 -24.51
CA ARG A 265 -16.77 -19.34 -25.17
C ARG A 265 -17.59 -20.57 -25.55
N THR A 266 -16.91 -21.70 -25.72
CA THR A 266 -17.57 -22.97 -26.02
C THR A 266 -16.94 -24.05 -25.16
N PRO A 267 -17.75 -24.98 -24.59
CA PRO A 267 -17.22 -25.97 -23.65
C PRO A 267 -16.34 -26.99 -24.34
N GLU A 268 -16.38 -26.97 -25.68
CA GLU A 268 -15.76 -27.97 -26.52
C GLU A 268 -14.24 -27.80 -26.51
N VAL A 269 -13.79 -26.55 -26.33
CA VAL A 269 -12.37 -26.26 -26.24
C VAL A 269 -11.82 -26.94 -24.98
N THR A 270 -12.51 -26.73 -23.86
CA THR A 270 -12.14 -27.28 -22.57
C THR A 270 -12.22 -28.80 -22.65
N GLU A 271 -13.30 -29.29 -23.28
CA GLU A 271 -13.60 -30.71 -23.37
C GLU A 271 -12.55 -31.43 -24.21
N THR A 272 -12.05 -30.77 -25.25
CA THR A 272 -10.95 -31.30 -26.04
C THR A 272 -9.75 -31.57 -25.11
N MET A 273 -9.44 -30.58 -24.28
CA MET A 273 -8.26 -30.59 -23.43
C MET A 273 -8.37 -31.70 -22.38
N LEU A 274 -9.58 -31.88 -21.84
CA LEU A 274 -9.84 -32.92 -20.87
C LEU A 274 -9.68 -34.29 -21.53
N GLU A 275 -10.23 -34.44 -22.74
CA GLU A 275 -10.09 -35.66 -23.51
C GLU A 275 -8.61 -36.04 -23.63
N ARG A 276 -7.77 -35.07 -24.01
CA ARG A 276 -6.37 -35.29 -24.28
C ARG A 276 -5.62 -35.61 -22.99
N MET A 277 -6.05 -35.00 -21.88
CA MET A 277 -5.41 -35.22 -20.59
C MET A 277 -5.73 -36.63 -20.10
N PHE A 278 -7.02 -37.00 -20.11
CA PHE A 278 -7.49 -38.19 -19.44
C PHE A 278 -7.41 -39.41 -20.34
N LEU A 279 -7.74 -39.23 -21.63
CA LEU A 279 -7.83 -40.36 -22.56
C LEU A 279 -6.51 -40.60 -23.28
N GLY A 280 -5.70 -39.54 -23.43
CA GLY A 280 -4.41 -39.66 -24.07
C GLY A 280 -4.53 -39.51 -25.58
N THR A 281 -3.37 -39.35 -26.24
CA THR A 281 -3.27 -39.29 -27.69
C THR A 281 -2.44 -40.49 -28.16
N ALA A 282 -2.05 -40.46 -29.44
CA ALA A 282 -1.14 -41.46 -29.99
C ALA A 282 0.24 -41.28 -29.37
N SER A 283 0.58 -40.02 -29.06
CA SER A 283 1.90 -39.65 -28.57
C SER A 283 1.98 -39.82 -27.05
N ALA A 284 0.87 -39.59 -26.35
CA ALA A 284 0.91 -39.52 -24.90
C ALA A 284 -0.08 -40.49 -24.28
N PRO A 285 0.37 -41.38 -23.35
CA PRO A 285 -0.53 -42.29 -22.64
C PRO A 285 -1.65 -41.54 -21.91
N HIS A 286 -1.26 -40.49 -21.17
CA HIS A 286 -2.14 -39.57 -20.48
C HIS A 286 -1.27 -38.44 -19.94
N ASP A 287 -1.91 -37.40 -19.40
CA ASP A 287 -1.21 -36.26 -18.81
C ASP A 287 -0.53 -36.70 -17.52
N ARG A 288 0.76 -36.37 -17.38
CA ARG A 288 1.53 -36.81 -16.23
C ARG A 288 1.04 -36.14 -14.94
N ILE A 289 0.35 -35.00 -15.05
CA ILE A 289 -0.15 -34.31 -13.87
C ILE A 289 -1.22 -35.14 -13.17
N LEU A 290 -1.83 -36.09 -13.89
CA LEU A 290 -2.92 -36.89 -13.35
C LEU A 290 -2.37 -38.01 -12.46
N ASP A 291 -1.06 -38.27 -12.58
CA ASP A 291 -0.40 -39.28 -11.77
C ASP A 291 -0.19 -38.77 -10.35
N PHE A 292 -0.56 -37.50 -10.12
CA PHE A 292 -0.36 -36.85 -8.83
C PHE A 292 -1.63 -36.10 -8.43
N SER A 293 -2.67 -36.20 -9.25
CA SER A 293 -3.90 -35.44 -9.05
C SER A 293 -5.11 -36.34 -9.29
N THR A 294 -6.10 -36.25 -8.40
CA THR A 294 -7.34 -37.00 -8.57
C THR A 294 -8.51 -36.03 -8.62
N ALA A 295 -9.35 -36.18 -9.65
CA ALA A 295 -10.57 -35.41 -9.78
C ALA A 295 -11.68 -36.09 -8.97
N VAL A 296 -12.25 -35.32 -8.04
CA VAL A 296 -13.25 -35.86 -7.11
C VAL A 296 -14.59 -35.18 -7.37
N THR A 297 -14.57 -34.11 -8.17
CA THR A 297 -15.80 -33.52 -8.71
C THR A 297 -15.57 -33.16 -10.17
N GLY A 298 -16.69 -32.99 -10.88
CA GLY A 298 -16.72 -32.44 -12.22
C GLY A 298 -18.14 -32.01 -12.56
N SER A 299 -18.30 -30.72 -12.86
CA SER A 299 -19.57 -30.14 -13.26
C SER A 299 -19.31 -29.11 -14.35
N LEU A 300 -20.39 -28.74 -15.07
CA LEU A 300 -20.33 -27.79 -16.16
C LEU A 300 -21.51 -26.84 -16.04
N PHE A 301 -21.23 -25.55 -16.24
CA PHE A 301 -22.22 -24.50 -16.07
C PHE A 301 -22.09 -23.50 -17.21
N PHE A 302 -23.23 -22.93 -17.62
CA PHE A 302 -23.21 -21.74 -18.44
C PHE A 302 -23.39 -20.53 -17.52
N THR A 303 -22.53 -19.53 -17.71
CA THR A 303 -22.59 -18.29 -16.96
C THR A 303 -23.11 -17.19 -17.89
N PRO A 304 -24.41 -16.83 -17.78
CA PRO A 304 -25.00 -15.82 -18.67
C PRO A 304 -24.48 -14.41 -18.37
N ALA A 305 -24.69 -13.50 -19.32
CA ALA A 305 -24.38 -12.09 -19.14
C ALA A 305 -25.23 -11.54 -18.00
N ALA A 306 -24.76 -10.44 -17.40
CA ALA A 306 -25.43 -9.83 -16.25
C ALA A 306 -26.86 -9.45 -16.61
N ASP A 307 -27.05 -8.89 -17.81
CA ASP A 307 -28.35 -8.44 -18.28
C ASP A 307 -29.39 -9.54 -18.16
N PHE A 308 -28.98 -10.77 -18.50
CA PHE A 308 -29.89 -11.91 -18.53
C PHE A 308 -30.45 -12.16 -17.13
N LEU A 309 -29.60 -12.00 -16.11
CA LEU A 309 -29.99 -12.35 -14.74
C LEU A 309 -30.92 -11.29 -14.17
N GLU A 310 -30.84 -10.07 -14.72
CA GLU A 310 -31.51 -8.91 -14.13
C GLU A 310 -32.98 -8.89 -14.54
N ASP A 311 -33.29 -9.53 -15.68
CA ASP A 311 -34.64 -9.57 -16.22
C ASP A 311 -35.26 -10.93 -15.93
N LEU A 312 -35.60 -11.17 -14.65
CA LEU A 312 -36.27 -12.39 -14.24
C LEU A 312 -37.32 -12.07 -13.16
N GLU B 7 6.28 3.58 36.09
CA GLU B 7 6.31 3.82 34.63
C GLU B 7 4.94 4.33 34.16
N PRO B 8 4.67 5.65 34.25
CA PRO B 8 3.39 6.20 33.79
C PRO B 8 3.37 6.31 32.27
N GLU B 9 2.22 5.97 31.68
CA GLU B 9 2.03 5.98 30.24
C GLU B 9 1.66 7.40 29.79
N PRO B 10 2.48 8.05 28.93
CA PRO B 10 2.12 9.35 28.36
C PRO B 10 1.00 9.25 27.33
N GLN B 11 0.44 10.41 26.97
CA GLN B 11 -0.47 10.52 25.83
C GLN B 11 0.34 10.32 24.55
N MET B 12 -0.36 10.27 23.41
CA MET B 12 0.29 10.06 22.14
C MET B 12 0.90 11.37 21.64
N VAL B 13 1.83 11.92 22.43
CA VAL B 13 2.51 13.16 22.05
C VAL B 13 3.43 12.85 20.88
N LEU B 14 4.07 11.67 20.95
CA LEU B 14 4.91 11.18 19.88
C LEU B 14 4.05 10.32 18.95
N SER B 15 3.50 10.99 17.92
CA SER B 15 2.70 10.33 16.92
C SER B 15 3.59 9.95 15.74
N PRO B 16 3.30 8.82 15.05
CA PRO B 16 3.86 8.58 13.72
C PRO B 16 3.45 9.78 12.86
N LEU B 17 4.13 9.97 11.73
CA LEU B 17 3.80 11.07 10.83
C LEU B 17 2.34 10.94 10.40
N THR B 18 1.59 12.01 10.65
CA THR B 18 0.17 12.08 10.29
C THR B 18 -0.04 13.27 9.37
N SER B 19 -1.07 13.18 8.53
CA SER B 19 -1.24 14.07 7.41
C SER B 19 -2.48 14.95 7.55
N ALA B 20 -3.30 14.66 8.58
CA ALA B 20 -4.48 15.46 8.85
C ALA B 20 -4.60 15.71 10.36
N ALA B 21 -5.27 16.81 10.71
CA ALA B 21 -5.40 17.21 12.11
C ALA B 21 -6.62 18.12 12.28
N ILE B 22 -7.31 17.95 13.41
CA ILE B 22 -8.25 18.94 13.89
C ILE B 22 -7.70 19.49 15.21
N PHE B 23 -7.66 20.82 15.31
CA PHE B 23 -7.27 21.50 16.53
C PHE B 23 -8.52 22.08 17.18
N LEU B 24 -8.75 21.69 18.43
CA LEU B 24 -9.89 22.15 19.19
C LEU B 24 -9.43 22.93 20.41
N VAL B 25 -9.87 24.19 20.49
CA VAL B 25 -9.63 25.03 21.65
C VAL B 25 -10.97 25.53 22.15
N VAL B 26 -11.27 25.25 23.42
CA VAL B 26 -12.53 25.62 24.04
C VAL B 26 -12.27 26.26 25.41
N THR B 27 -13.21 27.12 25.83
CA THR B 27 -13.22 27.64 27.19
C THR B 27 -14.38 27.00 27.95
N ILE B 28 -14.14 26.69 29.23
CA ILE B 28 -15.11 25.99 30.07
C ILE B 28 -16.11 26.99 30.62
N ASP B 29 -17.39 26.75 30.32
CA ASP B 29 -18.48 27.62 30.75
C ASP B 29 -18.70 27.51 32.26
N SER B 30 -19.46 28.47 32.78
CA SER B 30 -19.97 28.48 34.13
C SER B 30 -20.73 27.18 34.38
N GLY B 31 -20.16 26.31 35.23
CA GLY B 31 -20.83 25.10 35.67
C GLY B 31 -20.29 23.83 34.99
N GLY B 32 -19.37 24.00 34.04
CA GLY B 32 -19.01 22.93 33.12
C GLY B 32 -17.98 21.93 33.67
N GLU B 33 -17.55 22.13 34.93
CA GLU B 33 -16.49 21.32 35.52
C GLU B 33 -16.86 19.84 35.52
N ASP B 34 -18.09 19.53 35.93
CA ASP B 34 -18.50 18.14 36.11
C ASP B 34 -18.50 17.40 34.78
N THR B 35 -19.01 18.08 33.74
CA THR B 35 -19.08 17.52 32.40
C THR B 35 -17.67 17.27 31.87
N VAL B 36 -16.80 18.28 32.02
CA VAL B 36 -15.43 18.24 31.52
C VAL B 36 -14.69 17.08 32.17
N ARG B 37 -14.86 16.94 33.50
CA ARG B 37 -14.18 15.91 34.27
C ARG B 37 -14.60 14.52 33.78
N ASP B 38 -15.88 14.39 33.41
N ASP B 38 -15.88 14.38 33.39
CA ASP B 38 -16.40 13.13 32.87
CA ASP B 38 -16.41 13.13 32.87
C ASP B 38 -15.72 12.79 31.56
C ASP B 38 -15.75 12.78 31.55
N LEU B 39 -15.65 13.78 30.65
CA LEU B 39 -15.06 13.57 29.34
C LEU B 39 -13.58 13.20 29.49
N LEU B 40 -12.88 13.93 30.36
CA LEU B 40 -11.44 13.74 30.54
C LEU B 40 -11.18 12.30 30.94
N SER B 41 -12.14 11.70 31.66
CA SER B 41 -11.97 10.35 32.18
C SER B 41 -12.29 9.31 31.10
N ASP B 42 -12.93 9.74 30.01
CA ASP B 42 -13.42 8.83 28.97
C ASP B 42 -12.71 9.10 27.64
N VAL B 43 -11.80 10.07 27.62
CA VAL B 43 -11.31 10.61 26.35
C VAL B 43 -10.46 9.57 25.63
N ALA B 44 -9.66 8.80 26.38
CA ALA B 44 -8.76 7.81 25.81
C ALA B 44 -9.53 6.63 25.20
N SER B 45 -10.72 6.35 25.72
CA SER B 45 -11.47 5.20 25.26
C SER B 45 -12.33 5.58 24.05
N LEU B 46 -12.66 6.87 23.94
CA LEU B 46 -13.33 7.40 22.76
C LEU B 46 -12.38 7.32 21.57
N GLU B 47 -11.10 7.63 21.81
CA GLU B 47 -10.05 7.49 20.83
C GLU B 47 -10.03 6.07 20.26
N ARG B 48 -10.16 5.08 21.14
CA ARG B 48 -10.10 3.69 20.75
C ARG B 48 -11.38 3.29 20.01
N ALA B 49 -12.52 3.85 20.42
CA ALA B 49 -13.80 3.53 19.83
C ALA B 49 -13.82 3.94 18.35
N VAL B 50 -13.20 5.08 18.06
CA VAL B 50 -13.22 5.64 16.73
C VAL B 50 -12.07 5.04 15.92
N GLY B 51 -10.94 4.81 16.60
CA GLY B 51 -9.69 4.48 15.93
C GLY B 51 -9.57 3.00 15.58
N PHE B 52 -10.01 2.14 16.50
CA PHE B 52 -9.63 0.74 16.44
C PHE B 52 -10.09 0.12 15.12
N ARG B 53 -11.27 0.49 14.65
CA ARG B 53 -11.84 -0.18 13.49
C ARG B 53 -11.25 0.40 12.21
N ALA B 54 -10.17 1.19 12.34
CA ALA B 54 -9.52 1.79 11.18
C ALA B 54 -8.04 1.43 11.15
N GLN B 55 -7.65 0.50 12.02
CA GLN B 55 -6.25 0.09 12.18
C GLN B 55 -5.81 -0.76 10.99
N PRO B 56 -4.51 -0.76 10.63
CA PRO B 56 -3.53 0.15 11.25
C PRO B 56 -3.29 1.46 10.50
N ASP B 57 -4.01 1.65 9.39
CA ASP B 57 -3.83 2.79 8.49
C ASP B 57 -4.21 4.09 9.19
N GLY B 58 -5.08 4.00 10.19
CA GLY B 58 -5.74 5.15 10.79
C GLY B 58 -4.75 6.11 11.45
N ARG B 59 -3.95 5.58 12.38
CA ARG B 59 -2.99 6.37 13.13
C ARG B 59 -3.71 7.54 13.79
N LEU B 60 -4.97 7.30 14.20
CA LEU B 60 -5.80 8.27 14.88
C LEU B 60 -5.38 8.36 16.35
N SER B 61 -5.15 9.59 16.82
CA SER B 61 -4.80 9.85 18.20
C SER B 61 -5.30 11.24 18.60
N CYS B 62 -5.51 11.43 19.89
CA CYS B 62 -5.92 12.71 20.45
C CYS B 62 -5.08 13.01 21.69
N VAL B 63 -4.48 14.21 21.69
CA VAL B 63 -3.76 14.70 22.85
C VAL B 63 -4.63 15.76 23.51
N THR B 64 -4.81 15.63 24.83
CA THR B 64 -5.69 16.51 25.58
C THR B 64 -4.85 17.40 26.49
N GLY B 65 -5.15 18.71 26.44
CA GLY B 65 -4.43 19.70 27.21
C GLY B 65 -5.36 20.55 28.07
N ILE B 66 -4.86 20.96 29.23
CA ILE B 66 -5.61 21.77 30.18
C ILE B 66 -4.82 23.06 30.41
N GLY B 67 -5.54 24.20 30.38
CA GLY B 67 -4.95 25.51 30.60
C GLY B 67 -4.65 25.74 32.09
N SER B 68 -3.98 26.86 32.39
CA SER B 68 -3.54 27.15 33.74
C SER B 68 -4.73 27.49 34.64
N GLU B 69 -5.58 28.43 34.17
CA GLU B 69 -6.76 28.86 34.90
C GLU B 69 -7.74 27.70 35.05
N ALA B 70 -7.71 26.77 34.08
CA ALA B 70 -8.62 25.63 34.06
C ALA B 70 -8.18 24.58 35.06
N TRP B 71 -6.86 24.43 35.25
CA TRP B 71 -6.36 23.41 36.16
C TRP B 71 -6.98 23.57 37.54
N ASP B 72 -7.10 24.83 37.97
CA ASP B 72 -7.50 25.17 39.33
C ASP B 72 -9.01 25.02 39.51
N ARG B 73 -9.76 25.04 38.40
CA ARG B 73 -11.20 24.84 38.44
C ARG B 73 -11.53 23.35 38.49
N LEU B 74 -10.56 22.51 38.06
CA LEU B 74 -10.82 21.09 37.85
C LEU B 74 -10.25 20.25 38.99
N PHE B 75 -9.07 20.65 39.49
CA PHE B 75 -8.29 19.77 40.35
C PHE B 75 -7.78 20.51 41.58
N SER B 76 -8.23 20.05 42.76
CA SER B 76 -7.62 20.44 44.01
C SER B 76 -6.35 19.62 44.22
N GLY B 77 -5.24 20.31 44.56
CA GLY B 77 -4.00 19.64 44.87
C GLY B 77 -2.83 20.21 44.07
N ALA B 78 -1.86 19.35 43.76
CA ALA B 78 -0.63 19.76 43.11
C ALA B 78 -0.91 20.35 41.73
N ARG B 79 -0.10 21.34 41.36
CA ARG B 79 -0.13 21.98 40.05
C ARG B 79 1.20 21.75 39.35
N PRO B 80 1.20 21.37 38.04
CA PRO B 80 2.43 21.19 37.29
C PRO B 80 3.37 22.39 37.38
N ALA B 81 4.68 22.11 37.48
CA ALA B 81 5.69 23.09 37.84
C ALA B 81 5.60 24.33 36.96
N GLY B 82 5.50 24.13 35.64
CA GLY B 82 5.65 25.24 34.70
C GLY B 82 4.31 25.70 34.12
N LEU B 83 3.20 25.26 34.73
CA LEU B 83 1.88 25.61 34.24
C LEU B 83 1.58 27.06 34.61
N HIS B 84 1.34 27.87 33.58
CA HIS B 84 1.01 29.29 33.74
C HIS B 84 0.39 29.81 32.44
N PRO B 85 -0.30 30.97 32.46
CA PRO B 85 -0.90 31.53 31.24
C PRO B 85 0.16 31.94 30.24
N PHE B 86 -0.21 31.91 28.96
CA PHE B 86 0.70 32.26 27.88
C PHE B 86 1.19 33.69 28.10
N ARG B 87 2.52 33.87 28.08
CA ARG B 87 3.10 35.18 28.31
C ARG B 87 3.25 35.92 26.97
N GLU B 88 2.43 36.96 26.82
CA GLU B 88 2.42 37.83 25.65
C GLU B 88 3.77 38.52 25.51
N LEU B 89 4.19 38.69 24.25
CA LEU B 89 5.44 39.34 23.94
C LEU B 89 5.15 40.51 23.00
N ASP B 90 5.32 41.73 23.53
CA ASP B 90 5.06 42.96 22.81
C ASP B 90 6.37 43.44 22.19
N GLY B 91 6.71 42.83 21.05
CA GLY B 91 7.98 43.09 20.37
C GLY B 91 8.01 44.47 19.73
N PRO B 92 9.20 45.05 19.48
CA PRO B 92 9.31 46.36 18.86
C PRO B 92 8.44 46.47 17.61
N VAL B 93 8.28 45.34 16.91
CA VAL B 93 7.63 45.31 15.61
C VAL B 93 6.49 44.30 15.61
N HIS B 94 6.73 43.08 16.12
CA HIS B 94 5.76 42.00 16.04
C HIS B 94 5.24 41.63 17.43
N ARG B 95 3.93 41.33 17.50
CA ARG B 95 3.28 40.91 18.73
C ARG B 95 3.00 39.41 18.71
N ALA B 96 3.27 38.73 19.82
CA ALA B 96 2.77 37.39 20.06
C ALA B 96 1.60 37.48 21.04
N VAL B 97 0.38 37.36 20.51
CA VAL B 97 -0.84 37.60 21.28
C VAL B 97 -1.15 36.40 22.18
N ALA B 98 -1.88 36.67 23.26
CA ALA B 98 -2.50 35.65 24.09
C ALA B 98 -4.01 35.72 23.88
N THR B 99 -4.63 34.54 23.83
CA THR B 99 -6.06 34.39 23.59
C THR B 99 -6.59 33.29 24.51
N PRO B 100 -7.90 33.30 24.87
CA PRO B 100 -8.43 32.36 25.86
C PRO B 100 -8.38 30.91 25.36
N GLY B 101 -8.12 30.00 26.30
CA GLY B 101 -8.20 28.57 26.05
C GLY B 101 -8.05 27.78 27.35
N ASP B 102 -9.06 26.97 27.67
CA ASP B 102 -8.99 26.15 28.87
C ASP B 102 -8.62 24.72 28.49
N LEU B 103 -9.16 24.24 27.36
CA LEU B 103 -8.96 22.86 26.93
C LEU B 103 -8.40 22.85 25.50
N LEU B 104 -7.44 21.95 25.27
CA LEU B 104 -6.91 21.69 23.95
C LEU B 104 -7.16 20.23 23.58
N PHE B 105 -7.65 20.01 22.35
CA PHE B 105 -7.72 18.68 21.76
C PHE B 105 -6.96 18.71 20.45
N HIS B 106 -5.77 18.10 20.46
CA HIS B 106 -4.96 17.97 19.26
C HIS B 106 -5.21 16.58 18.70
N ILE B 107 -6.04 16.50 17.66
CA ILE B 107 -6.42 15.25 17.03
C ILE B 107 -5.67 15.11 15.73
N ARG B 108 -4.96 13.97 15.58
CA ARG B 108 -4.23 13.68 14.36
C ARG B 108 -4.60 12.27 13.86
N ALA B 109 -4.58 12.12 12.53
CA ALA B 109 -4.83 10.87 11.85
C ALA B 109 -4.22 10.91 10.45
N SER B 110 -4.35 9.82 9.70
CA SER B 110 -3.88 9.78 8.33
C SER B 110 -4.94 10.36 7.38
N ARG B 111 -6.20 10.40 7.84
CA ARG B 111 -7.28 11.00 7.07
C ARG B 111 -8.12 11.87 7.98
N LEU B 112 -8.77 12.88 7.38
CA LEU B 112 -9.46 13.93 8.12
C LEU B 112 -10.73 13.39 8.80
N ASP B 113 -11.50 12.57 8.07
CA ASP B 113 -12.77 12.05 8.54
C ASP B 113 -12.63 11.45 9.94
N LEU B 114 -11.51 10.76 10.19
CA LEU B 114 -11.28 10.10 11.46
C LEU B 114 -11.13 11.12 12.58
N CYS B 115 -10.50 12.25 12.26
CA CYS B 115 -10.37 13.35 13.22
C CYS B 115 -11.76 13.91 13.53
N PHE B 116 -12.57 14.10 12.49
CA PHE B 116 -13.85 14.75 12.62
C PHE B 116 -14.77 13.90 13.49
N ALA B 117 -14.74 12.59 13.26
CA ALA B 117 -15.57 11.64 13.98
C ALA B 117 -15.29 11.71 15.48
N LEU B 118 -13.99 11.74 15.84
CA LEU B 118 -13.59 11.86 17.23
C LEU B 118 -14.02 13.22 17.76
N ALA B 119 -13.84 14.26 16.93
CA ALA B 119 -14.20 15.62 17.29
C ALA B 119 -15.69 15.75 17.59
N THR B 120 -16.52 15.05 16.80
N THR B 120 -16.54 15.06 16.80
CA THR B 120 -17.96 15.05 16.97
CA THR B 120 -17.98 15.11 17.04
C THR B 120 -18.32 14.39 18.30
C THR B 120 -18.29 14.42 18.37
N GLU B 121 -17.62 13.29 18.61
CA GLU B 121 -17.85 12.51 19.82
C GLU B 121 -17.48 13.30 21.06
N ILE B 122 -16.31 13.97 21.03
CA ILE B 122 -15.85 14.76 22.16
C ILE B 122 -16.81 15.93 22.37
N MET B 123 -16.94 16.79 21.34
CA MET B 123 -17.74 18.00 21.43
C MET B 123 -19.18 17.67 21.80
N GLY B 124 -19.62 16.46 21.44
CA GLY B 124 -20.95 15.96 21.75
C GLY B 124 -21.17 15.84 23.26
N ARG B 125 -20.19 15.24 23.95
N ARG B 125 -20.20 15.25 23.96
CA ARG B 125 -20.23 15.03 25.39
CA ARG B 125 -20.30 15.04 25.40
C ARG B 125 -20.13 16.36 26.13
C ARG B 125 -20.05 16.35 26.15
N LEU B 126 -19.63 17.39 25.43
CA LEU B 126 -19.27 18.67 26.05
C LEU B 126 -20.32 19.74 25.76
N ARG B 127 -21.37 19.42 24.99
CA ARG B 127 -22.33 20.44 24.58
C ARG B 127 -22.95 21.08 25.82
N GLY B 128 -22.94 22.43 25.84
CA GLY B 128 -23.53 23.19 26.93
C GLY B 128 -22.49 23.56 28.00
N ALA B 129 -21.43 22.76 28.09
CA ALA B 129 -20.44 22.92 29.14
C ALA B 129 -19.30 23.85 28.69
N VAL B 130 -19.11 24.00 27.38
CA VAL B 130 -17.95 24.74 26.88
C VAL B 130 -18.38 25.67 25.75
N THR B 131 -17.54 26.68 25.47
CA THR B 131 -17.68 27.56 24.32
C THR B 131 -16.45 27.39 23.44
N PRO B 132 -16.61 27.08 22.13
CA PRO B 132 -15.48 26.91 21.24
C PRO B 132 -14.80 28.25 20.97
N GLN B 133 -13.45 28.23 20.97
CA GLN B 133 -12.64 29.41 20.68
C GLN B 133 -12.05 29.28 19.28
N ASP B 134 -11.63 28.07 18.91
CA ASP B 134 -10.94 27.87 17.65
C ASP B 134 -11.14 26.42 17.19
N GLU B 135 -11.43 26.29 15.89
CA GLU B 135 -11.50 25.01 15.21
C GLU B 135 -10.66 25.10 13.94
N VAL B 136 -9.61 24.28 13.87
CA VAL B 136 -8.73 24.27 12.71
C VAL B 136 -8.70 22.86 12.13
N HIS B 137 -8.99 22.76 10.83
CA HIS B 137 -8.86 21.52 10.09
C HIS B 137 -7.56 21.61 9.27
N GLY B 138 -6.55 20.83 9.67
CA GLY B 138 -5.23 20.93 9.08
C GLY B 138 -4.95 19.81 8.07
N PHE B 139 -4.01 20.08 7.16
CA PHE B 139 -3.60 19.13 6.13
C PHE B 139 -2.15 19.40 5.76
N LYS B 140 -1.32 18.34 5.80
CA LYS B 140 0.07 18.45 5.39
C LYS B 140 0.17 18.12 3.90
N TYR B 141 1.09 18.80 3.20
CA TYR B 141 1.34 18.53 1.79
C TYR B 141 2.07 17.20 1.67
N PHE B 142 2.02 16.62 0.46
CA PHE B 142 2.31 15.20 0.27
C PHE B 142 3.80 14.92 0.52
N ASP B 143 4.62 15.98 0.49
CA ASP B 143 6.05 15.87 0.73
C ASP B 143 6.45 16.70 1.93
N GLU B 144 5.55 16.79 2.93
CA GLU B 144 5.82 17.33 4.25
C GLU B 144 6.11 18.82 4.21
N ARG B 145 5.60 19.52 3.18
CA ARG B 145 5.80 20.95 3.04
C ARG B 145 4.68 21.72 3.75
N ASP B 146 5.00 22.93 4.17
CA ASP B 146 4.06 23.82 4.83
C ASP B 146 3.57 24.85 3.83
N MET B 147 2.86 25.87 4.32
CA MET B 147 2.19 26.84 3.47
C MET B 147 3.20 27.71 2.72
N LEU B 148 4.46 27.70 3.21
CA LEU B 148 5.53 28.51 2.64
C LEU B 148 6.35 27.69 1.66
N GLY B 149 5.93 26.44 1.42
CA GLY B 149 6.55 25.58 0.42
C GLY B 149 7.92 25.04 0.85
N PHE B 150 8.22 25.09 2.15
CA PHE B 150 9.42 24.49 2.70
C PHE B 150 9.05 23.22 3.45
N VAL B 151 9.93 22.21 3.42
CA VAL B 151 9.77 21.01 4.20
C VAL B 151 9.76 21.41 5.68
N ASP B 152 8.84 20.81 6.45
CA ASP B 152 8.61 21.21 7.82
C ASP B 152 8.51 19.97 8.71
N GLY B 153 9.52 19.79 9.57
CA GLY B 153 9.57 18.69 10.52
C GLY B 153 10.95 18.04 10.60
N THR B 154 11.82 18.36 9.63
CA THR B 154 13.11 17.72 9.41
C THR B 154 13.86 17.55 10.73
N GLU B 155 13.98 18.65 11.47
CA GLU B 155 14.90 18.72 12.60
C GLU B 155 14.19 18.39 13.91
N ASN B 156 12.93 17.95 13.85
CA ASN B 156 12.27 17.40 15.02
C ASN B 156 13.12 16.26 15.58
N PRO B 157 13.21 16.12 16.92
CA PRO B 157 13.86 14.95 17.53
C PRO B 157 13.01 13.69 17.33
N THR B 158 13.66 12.53 17.44
CA THR B 158 13.02 11.23 17.25
C THR B 158 13.54 10.28 18.31
N GLY B 159 12.69 9.33 18.73
CA GLY B 159 13.05 8.28 19.65
C GLY B 159 13.47 8.84 21.02
N ALA B 160 14.52 8.24 21.59
CA ALA B 160 14.97 8.53 22.95
C ALA B 160 15.31 10.00 23.12
N ALA B 161 15.62 10.67 22.00
CA ALA B 161 15.91 12.09 22.00
C ALA B 161 14.62 12.89 22.25
N ALA B 162 13.55 12.49 21.56
CA ALA B 162 12.27 13.16 21.64
C ALA B 162 11.68 13.00 23.04
N ARG B 163 11.76 11.79 23.61
CA ARG B 163 11.17 11.52 24.90
C ARG B 163 11.80 12.41 25.98
N ARG B 164 13.13 12.48 25.97
CA ARG B 164 13.89 13.33 26.89
C ARG B 164 13.51 14.79 26.69
N ALA B 165 13.11 15.15 25.46
CA ALA B 165 12.89 16.53 25.13
C ALA B 165 11.49 16.98 25.54
N VAL B 166 10.54 16.02 25.59
CA VAL B 166 9.13 16.36 25.53
C VAL B 166 8.42 15.99 26.84
N LEU B 167 8.79 14.85 27.44
CA LEU B 167 8.07 14.31 28.58
C LEU B 167 8.71 14.73 29.89
N VAL B 168 7.85 15.13 30.84
CA VAL B 168 8.23 15.52 32.19
C VAL B 168 8.77 14.29 32.92
N GLY B 169 9.86 14.47 33.67
CA GLY B 169 10.50 13.38 34.38
C GLY B 169 10.67 13.69 35.86
N ALA B 170 11.84 13.31 36.38
CA ALA B 170 12.22 13.39 37.79
C ALA B 170 11.94 14.77 38.38
N GLU B 171 12.13 15.82 37.58
CA GLU B 171 12.15 17.19 38.08
C GLU B 171 10.74 17.66 38.47
N ASP B 172 9.73 16.84 38.17
CA ASP B 172 8.38 17.10 38.65
C ASP B 172 7.63 15.78 38.78
N PRO B 173 7.92 14.99 39.84
CA PRO B 173 7.61 13.55 39.86
C PRO B 173 6.14 13.18 39.73
N ALA B 174 5.25 14.04 40.22
CA ALA B 174 3.82 13.76 40.26
C ALA B 174 3.24 13.79 38.85
N PHE B 175 3.80 14.66 37.99
CA PHE B 175 3.30 14.87 36.63
C PHE B 175 4.29 14.35 35.61
N ALA B 176 5.08 13.33 36.01
CA ALA B 176 5.99 12.65 35.11
C ALA B 176 5.19 11.98 34.00
N GLY B 177 5.61 12.19 32.75
CA GLY B 177 4.93 11.66 31.57
C GLY B 177 3.98 12.68 30.95
N GLY B 178 3.89 13.86 31.57
CA GLY B 178 3.13 14.96 31.02
C GLY B 178 3.96 15.75 30.01
N SER B 179 3.36 16.77 29.42
CA SER B 179 4.07 17.64 28.48
C SER B 179 3.41 19.01 28.45
N TYR B 180 4.16 20.00 27.92
CA TYR B 180 3.68 21.36 27.80
C TYR B 180 3.52 21.70 26.33
N ALA B 181 2.28 22.05 25.95
CA ALA B 181 1.94 22.38 24.58
C ALA B 181 1.72 23.88 24.45
N VAL B 182 2.31 24.46 23.40
CA VAL B 182 2.04 25.86 23.05
C VAL B 182 1.49 25.87 21.64
N VAL B 183 0.35 26.56 21.46
CA VAL B 183 -0.28 26.71 20.16
C VAL B 183 -0.33 28.20 19.81
N GLN B 184 -0.11 28.50 18.52
CA GLN B 184 -0.38 29.81 17.95
C GLN B 184 -0.88 29.62 16.52
N LYS B 185 -1.92 30.38 16.16
CA LYS B 185 -2.42 30.37 14.80
C LYS B 185 -1.72 31.50 14.03
N TYR B 186 -1.08 31.13 12.91
CA TYR B 186 -0.36 32.08 12.07
C TYR B 186 -1.09 32.27 10.75
N LEU B 187 -1.34 33.54 10.39
CA LEU B 187 -1.86 33.88 9.07
C LEU B 187 -0.73 34.45 8.22
N HIS B 188 -0.62 33.94 6.99
CA HIS B 188 0.48 34.33 6.11
C HIS B 188 0.02 35.39 5.12
N ASP B 189 0.97 36.27 4.78
CA ASP B 189 0.87 37.09 3.59
C ASP B 189 1.60 36.36 2.46
N ILE B 190 0.88 35.46 1.80
CA ILE B 190 1.43 34.63 0.73
C ILE B 190 1.93 35.52 -0.41
N ASP B 191 1.23 36.63 -0.67
CA ASP B 191 1.55 37.53 -1.76
C ASP B 191 2.94 38.13 -1.58
N ALA B 192 3.28 38.50 -0.34
CA ALA B 192 4.59 39.05 -0.02
C ALA B 192 5.66 37.98 -0.24
N TRP B 193 5.34 36.77 0.21
CA TRP B 193 6.24 35.63 0.22
C TRP B 193 6.56 35.21 -1.22
N GLU B 194 5.52 34.98 -2.02
CA GLU B 194 5.67 34.52 -3.40
C GLU B 194 6.24 35.63 -4.27
N GLY B 195 6.50 36.79 -3.65
CA GLY B 195 7.16 37.91 -4.31
C GLY B 195 8.68 37.77 -4.25
N LEU B 196 9.16 37.08 -3.21
CA LEU B 196 10.58 36.83 -3.00
C LEU B 196 11.08 35.76 -3.96
N SER B 197 12.38 35.87 -4.30
CA SER B 197 13.09 34.81 -4.99
C SER B 197 13.29 33.64 -4.03
N VAL B 198 13.56 32.45 -4.59
CA VAL B 198 13.79 31.24 -3.83
C VAL B 198 15.02 31.42 -2.94
N GLU B 199 16.02 32.16 -3.45
CA GLU B 199 17.23 32.46 -2.72
C GLU B 199 16.88 33.34 -1.50
N ALA B 200 16.05 34.37 -1.74
CA ALA B 200 15.58 35.25 -0.68
C ALA B 200 14.86 34.45 0.40
N GLN B 201 13.91 33.59 -0.03
CA GLN B 201 13.12 32.78 0.87
C GLN B 201 14.02 31.84 1.66
N GLU B 202 15.02 31.27 0.96
CA GLU B 202 15.94 30.32 1.57
C GLU B 202 16.70 30.97 2.72
N ARG B 203 16.88 32.29 2.63
CA ARG B 203 17.66 33.02 3.61
C ARG B 203 16.78 33.47 4.78
N VAL B 204 15.46 33.39 4.59
CA VAL B 204 14.50 33.66 5.65
C VAL B 204 14.38 32.43 6.54
N ILE B 205 14.51 31.25 5.93
CA ILE B 205 14.34 29.99 6.65
C ILE B 205 15.70 29.51 7.14
N GLY B 206 16.69 29.51 6.24
CA GLY B 206 18.02 29.03 6.58
C GLY B 206 18.25 27.62 6.07
N ARG B 207 17.34 27.15 5.21
CA ARG B 207 17.46 25.86 4.55
C ARG B 207 17.19 26.05 3.05
N ARG B 208 17.78 25.16 2.24
CA ARG B 208 17.50 25.10 0.80
C ARG B 208 16.07 24.61 0.61
N LYS B 209 15.36 25.18 -0.37
CA LYS B 209 13.94 24.94 -0.54
C LYS B 209 13.68 23.53 -1.07
N MET B 210 14.33 23.15 -2.18
CA MET B 210 13.99 21.88 -2.80
C MET B 210 14.68 20.72 -2.07
N THR B 211 15.95 20.90 -1.69
CA THR B 211 16.77 19.81 -1.19
C THR B 211 16.74 19.74 0.33
N ASP B 212 16.22 20.80 0.99
CA ASP B 212 16.01 20.86 2.42
C ASP B 212 17.34 20.73 3.17
N VAL B 213 18.44 21.10 2.49
CA VAL B 213 19.77 21.07 3.09
C VAL B 213 19.98 22.35 3.88
N GLU B 214 20.50 22.23 5.11
CA GLU B 214 20.74 23.37 5.97
C GLU B 214 21.86 24.23 5.37
N LEU B 215 21.71 25.56 5.46
CA LEU B 215 22.76 26.48 5.03
C LEU B 215 23.91 26.39 6.01
N SER B 216 25.14 26.60 5.51
CA SER B 216 26.34 26.56 6.34
C SER B 216 26.34 27.73 7.33
N ASP B 217 26.91 27.49 8.52
CA ASP B 217 26.77 28.37 9.67
C ASP B 217 27.14 29.82 9.36
N ASP B 218 28.11 30.02 8.46
CA ASP B 218 28.62 31.35 8.20
C ASP B 218 28.01 31.94 6.93
N VAL B 219 27.08 31.20 6.31
CA VAL B 219 26.37 31.66 5.12
C VAL B 219 24.92 31.95 5.51
N LYS B 220 24.51 31.41 6.67
CA LYS B 220 23.16 31.49 7.18
C LYS B 220 22.96 32.82 7.92
N PRO B 221 21.98 33.67 7.52
CA PRO B 221 21.71 34.93 8.21
C PRO B 221 21.35 34.70 9.67
N ALA B 222 21.58 35.71 10.51
CA ALA B 222 21.37 35.59 11.93
C ALA B 222 19.92 35.90 12.30
N ASP B 223 19.19 36.52 11.37
CA ASP B 223 17.77 36.80 11.56
C ASP B 223 16.94 35.72 10.87
N SER B 224 17.62 34.64 10.43
CA SER B 224 16.98 33.48 9.86
C SER B 224 16.31 32.65 10.95
N HIS B 225 15.35 31.82 10.54
CA HIS B 225 14.46 31.12 11.45
C HIS B 225 15.22 30.02 12.19
N VAL B 226 16.01 29.24 11.44
CA VAL B 226 16.80 28.14 11.97
C VAL B 226 17.81 28.67 12.99
N ALA B 227 18.43 29.81 12.68
CA ALA B 227 19.41 30.44 13.54
C ALA B 227 18.78 30.84 14.87
N LEU B 228 17.65 31.54 14.81
CA LEU B 228 16.99 32.12 15.97
C LEU B 228 16.36 31.06 16.86
N THR B 229 15.99 29.90 16.28
CA THR B 229 15.32 28.85 17.05
C THR B 229 16.31 27.73 17.36
N SER B 230 17.60 28.00 17.18
CA SER B 230 18.65 27.12 17.67
C SER B 230 19.19 27.68 18.98
N VAL B 231 18.88 26.98 20.09
CA VAL B 231 19.20 27.45 21.43
C VAL B 231 19.98 26.36 22.15
N THR B 232 21.14 26.73 22.70
CA THR B 232 21.89 25.88 23.61
C THR B 232 21.61 26.31 25.04
N GLY B 233 21.39 25.32 25.90
CA GLY B 233 21.10 25.55 27.32
C GLY B 233 22.39 25.76 28.10
N PRO B 234 22.40 25.48 29.42
CA PRO B 234 23.58 25.66 30.26
C PRO B 234 24.90 25.09 29.75
N ASP B 235 24.86 23.89 29.15
CA ASP B 235 26.03 23.06 28.98
C ASP B 235 26.47 22.94 27.51
N GLY B 236 25.78 23.66 26.61
CA GLY B 236 26.14 23.66 25.19
C GLY B 236 25.52 22.47 24.45
N SER B 237 24.45 21.91 25.02
CA SER B 237 23.60 20.95 24.32
C SER B 237 22.33 21.64 23.85
N ASP B 238 21.81 21.17 22.70
CA ASP B 238 20.68 21.79 22.04
C ASP B 238 19.42 21.58 22.88
N LEU B 239 18.71 22.69 23.11
CA LEU B 239 17.36 22.63 23.65
C LEU B 239 16.40 22.33 22.50
N GLU B 240 15.69 21.21 22.61
CA GLU B 240 14.84 20.72 21.53
C GLU B 240 13.37 20.87 21.95
N ILE B 241 12.50 20.97 20.95
CA ILE B 241 11.05 20.84 21.10
C ILE B 241 10.53 19.95 19.98
N LEU B 242 9.30 19.45 20.13
CA LEU B 242 8.66 18.66 19.10
C LEU B 242 7.45 19.42 18.56
N ARG B 243 7.49 19.67 17.24
CA ARG B 243 6.49 20.46 16.54
C ARG B 243 5.77 19.61 15.51
N ASP B 244 4.51 19.96 15.26
CA ASP B 244 3.72 19.32 14.22
C ASP B 244 2.85 20.40 13.56
N ASN B 245 3.49 21.28 12.79
CA ASN B 245 2.82 22.40 12.14
C ASN B 245 1.91 21.89 11.03
N MET B 246 0.69 22.44 10.98
CA MET B 246 -0.29 22.03 9.99
C MET B 246 -0.68 23.23 9.13
N PRO B 247 -0.47 23.16 7.80
CA PRO B 247 -1.13 24.08 6.86
C PRO B 247 -2.64 24.01 7.07
N PHE B 248 -3.29 25.17 6.96
CA PHE B 248 -4.74 25.25 6.92
C PHE B 248 -5.12 26.47 6.08
N GLY B 249 -6.41 26.59 5.75
CA GLY B 249 -6.86 27.80 5.10
C GLY B 249 -8.19 27.63 4.37
N SER B 250 -8.45 28.60 3.49
CA SER B 250 -9.71 28.82 2.81
C SER B 250 -9.43 29.75 1.62
N VAL B 251 -9.75 29.27 0.41
N VAL B 251 -9.63 29.23 0.42
CA VAL B 251 -9.31 29.90 -0.81
CA VAL B 251 -9.28 29.97 -0.78
C VAL B 251 -10.25 31.03 -1.21
C VAL B 251 -10.12 31.24 -0.84
N GLY B 252 -11.43 31.09 -0.57
CA GLY B 252 -12.40 32.17 -0.79
C GLY B 252 -12.08 33.39 0.06
N ARG B 253 -11.70 33.16 1.32
CA ARG B 253 -11.46 34.23 2.28
C ARG B 253 -9.97 34.60 2.28
N GLU B 254 -9.21 34.00 1.36
CA GLU B 254 -7.78 34.24 1.21
C GLU B 254 -7.06 34.01 2.54
N GLU B 255 -7.42 32.91 3.21
CA GLU B 255 -6.76 32.52 4.45
C GLU B 255 -5.76 31.41 4.15
N PHE B 256 -4.48 31.69 4.44
CA PHE B 256 -3.40 30.75 4.22
C PHE B 256 -2.52 30.76 5.47
N GLY B 257 -2.53 29.65 6.22
CA GLY B 257 -1.95 29.70 7.54
C GLY B 257 -1.09 28.48 7.87
N THR B 258 -0.19 28.69 8.84
CA THR B 258 0.44 27.61 9.57
C THR B 258 -0.22 27.56 10.94
N TYR B 259 -0.55 26.35 11.39
CA TYR B 259 -0.94 26.17 12.77
C TYR B 259 0.26 25.59 13.50
N PHE B 260 0.89 26.42 14.34
CA PHE B 260 2.05 26.02 15.11
C PHE B 260 1.60 25.36 16.40
N ILE B 261 2.18 24.18 16.68
CA ILE B 261 2.09 23.54 17.98
C ILE B 261 3.47 22.97 18.32
N GLY B 262 3.91 23.25 19.55
CA GLY B 262 5.20 22.83 20.04
C GLY B 262 5.09 22.19 21.42
N TYR B 263 5.76 21.03 21.58
CA TYR B 263 5.74 20.30 22.83
C TYR B 263 7.13 20.31 23.45
N ALA B 264 7.19 20.52 24.77
CA ALA B 264 8.45 20.52 25.49
C ALA B 264 8.26 19.98 26.91
N ARG B 265 9.36 19.44 27.45
CA ARG B 265 9.48 18.95 28.82
C ARG B 265 9.14 20.06 29.80
N THR B 266 9.62 21.28 29.48
CA THR B 266 9.33 22.47 30.26
C THR B 266 8.93 23.56 29.29
N PRO B 267 7.99 24.48 29.65
CA PRO B 267 7.59 25.55 28.75
C PRO B 267 8.68 26.58 28.48
N GLU B 268 9.71 26.62 29.35
CA GLU B 268 10.75 27.64 29.29
C GLU B 268 11.46 27.59 27.94
N VAL B 269 11.57 26.38 27.37
CA VAL B 269 12.27 26.15 26.11
C VAL B 269 11.53 26.90 24.98
N THR B 270 10.26 26.54 24.79
CA THR B 270 9.41 27.14 23.77
C THR B 270 9.39 28.65 23.95
N GLU B 271 9.36 29.09 25.21
CA GLU B 271 9.26 30.51 25.56
C GLU B 271 10.55 31.23 25.20
N THR B 272 11.70 30.60 25.46
CA THR B 272 12.99 31.19 25.11
C THR B 272 13.04 31.38 23.59
N MET B 273 12.53 30.38 22.85
CA MET B 273 12.51 30.41 21.40
C MET B 273 11.60 31.52 20.91
N LEU B 274 10.48 31.73 21.61
CA LEU B 274 9.51 32.76 21.25
C LEU B 274 10.10 34.15 21.50
N GLU B 275 10.81 34.32 22.63
CA GLU B 275 11.44 35.58 22.98
C GLU B 275 12.40 36.01 21.88
N ARG B 276 13.15 35.03 21.36
CA ARG B 276 14.19 35.27 20.38
C ARG B 276 13.58 35.64 19.04
N MET B 277 12.40 35.08 18.75
CA MET B 277 11.72 35.30 17.48
C MET B 277 11.13 36.71 17.44
N PHE B 278 10.52 37.13 18.56
CA PHE B 278 9.67 38.31 18.60
C PHE B 278 10.42 39.52 19.13
N LEU B 279 11.39 39.28 20.04
CA LEU B 279 12.15 40.36 20.65
C LEU B 279 13.47 40.58 19.91
N GLY B 280 14.12 39.47 19.53
CA GLY B 280 15.39 39.53 18.81
C GLY B 280 16.56 39.24 19.74
N THR B 281 17.78 39.41 19.19
CA THR B 281 19.02 39.17 19.93
C THR B 281 19.93 40.39 19.79
N ALA B 282 21.21 40.20 20.12
CA ALA B 282 22.25 41.17 19.83
C ALA B 282 22.40 41.29 18.31
N SER B 283 22.50 40.15 17.64
CA SER B 283 22.80 40.06 16.22
C SER B 283 21.58 40.36 15.35
N ALA B 284 20.38 40.00 15.83
CA ALA B 284 19.18 40.02 15.00
C ALA B 284 18.06 40.86 15.63
N PRO B 285 17.26 41.59 14.82
CA PRO B 285 16.10 42.33 15.33
C PRO B 285 14.89 41.47 15.67
N HIS B 286 14.55 40.53 14.77
CA HIS B 286 13.44 39.60 14.94
C HIS B 286 13.48 38.55 13.84
N ASP B 287 12.79 37.42 14.07
CA ASP B 287 12.73 36.32 13.12
C ASP B 287 12.09 36.80 11.82
N ARG B 288 12.76 36.50 10.70
CA ARG B 288 12.37 37.04 9.41
C ARG B 288 11.09 36.40 8.90
N ILE B 289 10.76 35.21 9.42
CA ILE B 289 9.53 34.51 9.06
C ILE B 289 8.33 35.33 9.53
N LEU B 290 8.56 36.20 10.54
CA LEU B 290 7.50 36.95 11.19
C LEU B 290 7.03 38.10 10.30
N ASP B 291 7.81 38.44 9.26
CA ASP B 291 7.43 39.47 8.31
C ASP B 291 6.46 38.90 7.28
N PHE B 292 6.18 37.59 7.38
CA PHE B 292 5.29 36.93 6.44
C PHE B 292 4.20 36.20 7.22
N SER B 293 4.27 36.28 8.55
CA SER B 293 3.44 35.47 9.44
C SER B 293 2.94 36.30 10.62
N THR B 294 1.62 36.31 10.82
CA THR B 294 1.01 37.00 11.95
C THR B 294 0.30 36.00 12.87
N ALA B 295 0.75 35.96 14.13
CA ALA B 295 0.06 35.22 15.19
C ALA B 295 -1.28 35.89 15.48
N VAL B 296 -2.33 35.07 15.61
CA VAL B 296 -3.67 35.55 15.89
C VAL B 296 -4.24 34.86 17.14
N THR B 297 -3.60 33.77 17.57
CA THR B 297 -3.94 33.14 18.84
C THR B 297 -2.65 32.82 19.59
N GLY B 298 -2.77 32.53 20.88
CA GLY B 298 -1.64 32.15 21.71
C GLY B 298 -2.13 31.55 23.02
N SER B 299 -1.71 30.31 23.30
CA SER B 299 -2.22 29.59 24.45
C SER B 299 -1.21 28.54 24.90
N LEU B 300 -1.18 28.32 26.22
CA LEU B 300 -0.31 27.32 26.82
C LEU B 300 -1.17 26.29 27.55
N PHE B 301 -0.88 25.01 27.30
CA PHE B 301 -1.54 23.91 27.98
C PHE B 301 -0.50 22.94 28.53
N PHE B 302 -0.86 22.31 29.65
CA PHE B 302 -0.20 21.11 30.12
C PHE B 302 -0.99 19.90 29.63
N THR B 303 -0.29 18.97 28.98
CA THR B 303 -0.91 17.74 28.52
C THR B 303 -0.49 16.61 29.44
N PRO B 304 -1.34 16.19 30.40
CA PRO B 304 -0.95 15.22 31.42
C PRO B 304 -0.81 13.80 30.88
N ALA B 305 -0.15 12.93 31.67
CA ALA B 305 -0.05 11.51 31.39
C ALA B 305 -1.45 10.90 31.33
N ALA B 306 -1.61 9.85 30.52
CA ALA B 306 -2.91 9.21 30.33
C ALA B 306 -3.42 8.65 31.66
N ASP B 307 -2.49 8.21 32.51
CA ASP B 307 -2.79 7.65 33.83
C ASP B 307 -3.64 8.63 34.65
N PHE B 308 -3.32 9.92 34.52
CA PHE B 308 -3.93 10.98 35.31
C PHE B 308 -5.40 11.14 34.92
N LEU B 309 -5.65 11.21 33.61
CA LEU B 309 -6.99 11.41 33.06
C LEU B 309 -7.86 10.18 33.33
N GLU B 310 -7.24 9.00 33.24
CA GLU B 310 -7.94 7.72 33.41
C GLU B 310 -8.51 7.63 34.83
N ASP B 311 -7.77 8.17 35.80
CA ASP B 311 -8.02 7.95 37.22
C ASP B 311 -8.78 9.12 37.84
N LEU B 312 -9.92 9.51 37.23
CA LEU B 312 -10.75 10.55 37.82
C LEU B 312 -12.19 10.39 37.34
N GLU C 7 15.78 -9.53 29.43
CA GLU C 7 16.76 -10.62 29.13
C GLU C 7 16.07 -11.77 28.42
N PRO C 8 14.94 -12.32 28.93
CA PRO C 8 14.27 -13.46 28.27
C PRO C 8 13.34 -13.04 27.13
N GLU C 9 13.54 -13.65 25.95
CA GLU C 9 12.86 -13.26 24.73
C GLU C 9 11.60 -14.11 24.55
N PRO C 10 10.42 -13.49 24.43
CA PRO C 10 9.16 -14.22 24.28
C PRO C 10 8.84 -14.62 22.84
N GLN C 11 7.83 -15.49 22.69
CA GLN C 11 7.24 -15.77 21.39
C GLN C 11 6.41 -14.56 20.98
N MET C 12 6.04 -14.51 19.69
CA MET C 12 5.32 -13.39 19.12
C MET C 12 3.86 -13.42 19.60
N VAL C 13 3.69 -13.24 20.92
CA VAL C 13 2.39 -13.11 21.55
C VAL C 13 1.80 -11.75 21.16
N LEU C 14 2.58 -10.69 21.40
CA LEU C 14 2.23 -9.33 21.05
C LEU C 14 2.52 -9.10 19.57
N SER C 15 1.82 -9.86 18.73
CA SER C 15 1.90 -9.72 17.28
C SER C 15 1.12 -8.47 16.86
N PRO C 16 1.55 -7.77 15.78
CA PRO C 16 0.76 -6.71 15.17
C PRO C 16 -0.60 -7.24 14.71
N LEU C 17 -1.31 -6.43 13.93
CA LEU C 17 -2.60 -6.86 13.42
C LEU C 17 -2.39 -7.75 12.20
N THR C 18 -3.00 -8.93 12.27
CA THR C 18 -3.04 -9.90 11.18
C THR C 18 -4.50 -10.22 10.91
N SER C 19 -4.83 -10.54 9.65
CA SER C 19 -6.21 -10.72 9.24
C SER C 19 -6.49 -12.16 8.82
N ALA C 20 -5.54 -13.06 9.12
CA ALA C 20 -5.68 -14.48 8.85
C ALA C 20 -4.90 -15.29 9.90
N ALA C 21 -5.49 -16.41 10.32
CA ALA C 21 -4.87 -17.24 11.35
C ALA C 21 -5.28 -18.69 11.16
N ILE C 22 -4.46 -19.60 11.67
CA ILE C 22 -4.77 -21.02 11.75
C ILE C 22 -4.50 -21.48 13.17
N PHE C 23 -5.53 -22.07 13.79
CA PHE C 23 -5.38 -22.68 15.09
C PHE C 23 -5.26 -24.19 14.90
N LEU C 24 -4.19 -24.77 15.45
N LEU C 24 -4.17 -24.76 15.43
CA LEU C 24 -3.97 -26.21 15.38
CA LEU C 24 -3.94 -26.19 15.41
C LEU C 24 -3.80 -26.76 16.79
C LEU C 24 -3.84 -26.71 16.85
N VAL C 25 -4.71 -27.67 17.17
CA VAL C 25 -4.65 -28.38 18.44
C VAL C 25 -4.43 -29.86 18.13
N VAL C 26 -3.40 -30.45 18.73
CA VAL C 26 -3.05 -31.85 18.55
C VAL C 26 -2.78 -32.47 19.93
N THR C 27 -3.13 -33.76 20.06
CA THR C 27 -2.68 -34.55 21.20
C THR C 27 -1.45 -35.36 20.76
N ILE C 28 -0.58 -35.68 21.73
CA ILE C 28 0.64 -36.43 21.43
C ILE C 28 0.36 -37.91 21.65
N ASP C 29 0.63 -38.71 20.62
CA ASP C 29 0.47 -40.16 20.69
C ASP C 29 1.51 -40.74 21.65
N SER C 30 1.17 -41.90 22.23
CA SER C 30 2.10 -42.70 23.00
C SER C 30 3.38 -42.93 22.19
N GLY C 31 4.52 -42.53 22.77
CA GLY C 31 5.82 -42.79 22.18
C GLY C 31 6.25 -41.69 21.19
N GLY C 32 5.45 -40.63 21.07
CA GLY C 32 5.70 -39.59 20.09
C GLY C 32 6.49 -38.41 20.67
N GLU C 33 6.89 -38.51 21.94
CA GLU C 33 7.46 -37.40 22.70
C GLU C 33 8.75 -36.88 22.06
N ASP C 34 9.57 -37.78 21.53
CA ASP C 34 10.89 -37.44 21.00
C ASP C 34 10.75 -36.56 19.76
N THR C 35 9.87 -36.96 18.84
CA THR C 35 9.57 -36.23 17.62
C THR C 35 9.10 -34.82 17.98
N VAL C 36 8.27 -34.74 19.03
CA VAL C 36 7.65 -33.48 19.45
C VAL C 36 8.74 -32.52 19.95
N ARG C 37 9.70 -33.04 20.72
N ARG C 37 9.69 -33.06 20.72
CA ARG C 37 10.77 -32.24 21.29
CA ARG C 37 10.80 -32.29 21.29
C ARG C 37 11.65 -31.68 20.16
C ARG C 37 11.67 -31.72 20.19
N ASP C 38 11.88 -32.49 19.12
CA ASP C 38 12.70 -32.07 17.99
C ASP C 38 12.03 -30.94 17.24
N LEU C 39 10.70 -30.99 17.14
CA LEU C 39 9.96 -29.97 16.42
C LEU C 39 10.05 -28.64 17.18
N LEU C 40 9.90 -28.72 18.50
CA LEU C 40 9.85 -27.55 19.35
C LEU C 40 11.15 -26.76 19.21
N SER C 41 12.26 -27.48 19.00
CA SER C 41 13.58 -26.86 18.91
C SER C 41 13.81 -26.25 17.53
N ASP C 42 12.89 -26.51 16.61
CA ASP C 42 13.07 -26.08 15.23
C ASP C 42 11.92 -25.16 14.81
N VAL C 43 10.91 -25.01 15.67
CA VAL C 43 9.69 -24.31 15.32
C VAL C 43 10.03 -22.88 14.90
N ALA C 44 11.14 -22.36 15.43
CA ALA C 44 11.59 -21.01 15.13
C ALA C 44 12.28 -20.94 13.76
N SER C 45 13.08 -21.96 13.44
CA SER C 45 13.72 -22.06 12.14
C SER C 45 12.65 -21.98 11.04
N LEU C 46 11.60 -22.81 11.20
CA LEU C 46 10.56 -23.00 10.20
C LEU C 46 9.73 -21.72 10.02
N GLU C 47 9.62 -20.95 11.11
N GLU C 47 9.61 -20.93 11.10
CA GLU C 47 8.92 -19.67 11.12
CA GLU C 47 8.88 -19.67 11.05
C GLU C 47 9.65 -18.68 10.21
C GLU C 47 9.65 -18.68 10.18
N ARG C 48 10.99 -18.72 10.28
CA ARG C 48 11.83 -17.84 9.49
C ARG C 48 11.92 -18.34 8.06
N ALA C 49 11.84 -19.66 7.89
CA ALA C 49 11.98 -20.29 6.58
C ALA C 49 10.78 -19.97 5.69
N VAL C 50 9.58 -20.04 6.26
CA VAL C 50 8.36 -19.78 5.50
C VAL C 50 8.16 -18.26 5.38
N GLY C 51 8.58 -17.54 6.45
CA GLY C 51 8.20 -16.16 6.66
C GLY C 51 9.13 -15.15 5.96
N PHE C 52 10.43 -15.48 5.86
CA PHE C 52 11.42 -14.49 5.50
C PHE C 52 11.18 -13.96 4.08
N ARG C 53 10.91 -14.85 3.11
CA ARG C 53 10.80 -14.47 1.72
C ARG C 53 9.57 -13.56 1.50
N ALA C 54 8.62 -13.58 2.45
CA ALA C 54 7.39 -12.84 2.31
C ALA C 54 7.49 -11.50 3.05
N GLN C 55 8.67 -11.19 3.60
CA GLN C 55 8.86 -9.94 4.32
C GLN C 55 8.83 -8.78 3.33
N PRO C 56 8.39 -7.57 3.75
CA PRO C 56 7.97 -7.34 5.13
C PRO C 56 6.50 -7.54 5.46
N ASP C 57 5.71 -7.90 4.45
CA ASP C 57 4.25 -7.82 4.50
C ASP C 57 3.65 -9.01 5.26
N GLY C 58 4.23 -10.20 5.06
CA GLY C 58 3.66 -11.46 5.52
C GLY C 58 3.27 -11.43 6.99
N ARG C 59 4.15 -10.88 7.83
CA ARG C 59 3.99 -10.86 9.27
C ARG C 59 3.59 -12.26 9.75
N LEU C 60 4.35 -13.27 9.31
CA LEU C 60 4.12 -14.63 9.76
C LEU C 60 4.69 -14.78 11.17
N SER C 61 3.89 -15.37 12.05
CA SER C 61 4.33 -15.72 13.39
C SER C 61 3.64 -17.01 13.82
N CYS C 62 4.32 -17.75 14.71
CA CYS C 62 3.77 -18.96 15.30
C CYS C 62 3.96 -18.91 16.82
N VAL C 63 2.86 -19.12 17.55
CA VAL C 63 2.93 -19.27 19.00
C VAL C 63 2.61 -20.72 19.34
N THR C 64 3.62 -21.42 19.88
CA THR C 64 3.47 -22.79 20.34
C THR C 64 3.10 -22.76 21.82
N GLY C 65 2.06 -23.53 22.17
CA GLY C 65 1.67 -23.72 23.55
C GLY C 65 1.64 -25.20 23.91
N ILE C 66 1.80 -25.49 25.20
CA ILE C 66 1.82 -26.87 25.67
C ILE C 66 0.85 -26.99 26.85
N GLY C 67 0.11 -28.11 26.86
CA GLY C 67 -0.88 -28.39 27.89
C GLY C 67 -0.22 -28.90 29.17
N SER C 68 -1.03 -29.00 30.24
CA SER C 68 -0.58 -29.38 31.56
C SER C 68 -0.09 -30.84 31.57
N GLU C 69 -0.91 -31.73 30.99
CA GLU C 69 -0.63 -33.15 30.96
C GLU C 69 0.52 -33.43 30.00
N ALA C 70 0.62 -32.61 28.94
CA ALA C 70 1.66 -32.76 27.94
C ALA C 70 3.01 -32.31 28.51
N TRP C 71 2.99 -31.24 29.31
CA TRP C 71 4.20 -30.70 29.91
C TRP C 71 4.91 -31.79 30.71
N ASP C 72 4.13 -32.60 31.41
CA ASP C 72 4.67 -33.63 32.29
C ASP C 72 5.40 -34.69 31.48
N ARG C 73 4.88 -34.99 30.29
CA ARG C 73 5.42 -36.05 29.45
C ARG C 73 6.69 -35.59 28.74
N LEU C 74 6.81 -34.27 28.53
CA LEU C 74 7.82 -33.75 27.61
C LEU C 74 9.08 -33.31 28.35
N PHE C 75 8.92 -32.82 29.58
CA PHE C 75 10.07 -32.33 30.34
C PHE C 75 9.93 -32.72 31.81
N SER C 76 11.01 -33.26 32.36
CA SER C 76 11.22 -33.31 33.81
C SER C 76 11.92 -32.04 34.24
N GLY C 77 11.62 -31.61 35.48
CA GLY C 77 11.99 -30.27 35.94
C GLY C 77 10.73 -29.51 36.30
N ALA C 78 10.90 -28.27 36.77
CA ALA C 78 9.83 -27.50 37.38
C ALA C 78 8.79 -27.09 36.34
N ARG C 79 7.55 -26.92 36.82
CA ARG C 79 6.40 -26.65 35.99
C ARG C 79 5.99 -25.19 36.15
N PRO C 80 5.55 -24.51 35.06
CA PRO C 80 4.96 -23.18 35.18
C PRO C 80 3.92 -23.18 36.30
N ALA C 81 4.10 -22.27 37.26
CA ALA C 81 3.32 -22.22 38.48
C ALA C 81 1.82 -22.32 38.23
N GLY C 82 1.36 -21.81 37.07
CA GLY C 82 -0.06 -21.63 36.83
C GLY C 82 -0.65 -22.70 35.91
N LEU C 83 0.18 -23.67 35.48
CA LEU C 83 -0.23 -24.64 34.49
C LEU C 83 -1.07 -25.75 35.13
N HIS C 84 -2.23 -26.01 34.52
CA HIS C 84 -3.16 -27.04 34.97
C HIS C 84 -4.16 -27.33 33.84
N PRO C 85 -4.84 -28.50 33.82
CA PRO C 85 -5.88 -28.75 32.81
C PRO C 85 -6.97 -27.69 32.93
N PHE C 86 -7.58 -27.38 31.78
CA PHE C 86 -8.70 -26.45 31.73
C PHE C 86 -9.79 -26.98 32.65
N ARG C 87 -10.32 -26.08 33.48
CA ARG C 87 -11.38 -26.38 34.44
C ARG C 87 -12.74 -26.30 33.75
N GLU C 88 -13.44 -27.44 33.70
CA GLU C 88 -14.81 -27.48 33.23
C GLU C 88 -15.64 -26.56 34.13
N LEU C 89 -16.58 -25.83 33.53
CA LEU C 89 -17.51 -24.98 34.28
C LEU C 89 -18.93 -25.42 33.99
N ASP C 90 -19.54 -26.09 34.96
CA ASP C 90 -20.88 -26.64 34.78
C ASP C 90 -21.87 -25.68 35.46
N GLY C 91 -22.27 -24.66 34.69
CA GLY C 91 -23.15 -23.61 35.18
C GLY C 91 -24.61 -24.04 35.13
N PRO C 92 -25.55 -23.21 35.65
CA PRO C 92 -26.95 -23.58 35.70
C PRO C 92 -27.57 -23.65 34.31
N VAL C 93 -27.13 -22.78 33.40
CA VAL C 93 -27.67 -22.73 32.05
C VAL C 93 -26.61 -23.16 31.05
N HIS C 94 -25.43 -22.52 31.10
CA HIS C 94 -24.40 -22.72 30.09
C HIS C 94 -23.23 -23.52 30.66
N ARG C 95 -22.46 -24.14 29.77
CA ARG C 95 -21.42 -25.07 30.16
C ARG C 95 -20.16 -24.77 29.36
N ALA C 96 -19.03 -24.66 30.07
CA ALA C 96 -17.74 -24.42 29.46
C ALA C 96 -16.94 -25.72 29.49
N VAL C 97 -17.04 -26.49 28.40
CA VAL C 97 -16.52 -27.83 28.34
C VAL C 97 -15.00 -27.79 28.18
N ALA C 98 -14.31 -28.77 28.78
CA ALA C 98 -12.89 -28.99 28.58
C ALA C 98 -12.69 -30.12 27.57
N THR C 99 -11.74 -29.92 26.65
CA THR C 99 -11.49 -30.86 25.59
C THR C 99 -10.00 -31.14 25.51
N PRO C 100 -9.59 -32.34 25.02
CA PRO C 100 -8.17 -32.69 24.92
C PRO C 100 -7.38 -31.82 23.94
N GLY C 101 -6.14 -31.51 24.33
CA GLY C 101 -5.20 -30.76 23.50
C GLY C 101 -3.85 -30.62 24.20
N ASP C 102 -2.79 -31.09 23.53
CA ASP C 102 -1.47 -31.18 24.12
C ASP C 102 -0.57 -30.08 23.57
N LEU C 103 -0.79 -29.72 22.29
CA LEU C 103 -0.01 -28.68 21.64
C LEU C 103 -0.97 -27.73 20.94
N LEU C 104 -0.67 -26.43 21.07
CA LEU C 104 -1.39 -25.39 20.33
C LEU C 104 -0.42 -24.69 19.38
N PHE C 105 -0.76 -24.68 18.09
CA PHE C 105 -0.06 -23.85 17.12
C PHE C 105 -0.98 -22.69 16.76
N HIS C 106 -0.60 -21.50 17.23
CA HIS C 106 -1.32 -20.28 16.89
C HIS C 106 -0.52 -19.56 15.80
N ILE C 107 -0.97 -19.73 14.57
CA ILE C 107 -0.24 -19.21 13.42
C ILE C 107 -0.98 -17.99 12.88
N ARG C 108 -0.26 -16.87 12.78
CA ARG C 108 -0.87 -15.66 12.26
C ARG C 108 -0.01 -15.09 11.12
N ALA C 109 -0.70 -14.57 10.09
CA ALA C 109 -0.09 -13.81 9.01
C ALA C 109 -1.13 -12.88 8.41
N SER C 110 -0.73 -12.06 7.44
CA SER C 110 -1.67 -11.18 6.75
C SER C 110 -2.36 -11.94 5.61
N ARG C 111 -1.90 -13.17 5.35
CA ARG C 111 -2.43 -14.02 4.31
C ARG C 111 -2.57 -15.44 4.85
N LEU C 112 -3.67 -16.12 4.49
CA LEU C 112 -3.96 -17.46 4.96
C LEU C 112 -2.95 -18.46 4.39
N ASP C 113 -2.47 -18.21 3.18
CA ASP C 113 -1.58 -19.11 2.46
C ASP C 113 -0.25 -19.27 3.20
N LEU C 114 0.20 -18.20 3.85
CA LEU C 114 1.43 -18.21 4.63
C LEU C 114 1.23 -19.03 5.89
N CYS C 115 0.02 -18.94 6.45
CA CYS C 115 -0.37 -19.75 7.59
C CYS C 115 -0.37 -21.22 7.21
N PHE C 116 -0.91 -21.53 6.03
CA PHE C 116 -1.05 -22.90 5.59
C PHE C 116 0.33 -23.52 5.35
N ALA C 117 1.25 -22.72 4.80
CA ALA C 117 2.56 -23.22 4.43
C ALA C 117 3.38 -23.59 5.67
N LEU C 118 3.20 -22.85 6.76
CA LEU C 118 3.91 -23.12 8.00
C LEU C 118 3.27 -24.31 8.72
N ALA C 119 1.94 -24.36 8.71
CA ALA C 119 1.17 -25.44 9.33
C ALA C 119 1.50 -26.77 8.66
N THR C 120 1.74 -26.72 7.34
CA THR C 120 2.15 -27.88 6.55
C THR C 120 3.52 -28.37 7.02
N GLU C 121 4.44 -27.42 7.28
CA GLU C 121 5.80 -27.76 7.63
C GLU C 121 5.84 -28.41 9.02
N ILE C 122 5.13 -27.76 9.97
CA ILE C 122 5.04 -28.20 11.35
C ILE C 122 4.44 -29.62 11.41
N MET C 123 3.34 -29.83 10.68
CA MET C 123 2.63 -31.10 10.73
C MET C 123 3.38 -32.18 9.96
N GLY C 124 4.10 -31.77 8.91
CA GLY C 124 4.93 -32.68 8.14
C GLY C 124 5.95 -33.39 9.02
N ARG C 125 6.51 -32.64 9.98
CA ARG C 125 7.50 -33.13 10.92
C ARG C 125 6.82 -33.88 12.07
N LEU C 126 5.49 -33.76 12.18
CA LEU C 126 4.78 -34.24 13.35
C LEU C 126 3.96 -35.51 13.05
N ARG C 127 3.71 -35.79 11.76
CA ARG C 127 2.88 -36.91 11.39
C ARG C 127 3.46 -38.20 11.96
N GLY C 128 2.58 -39.09 12.44
CA GLY C 128 2.97 -40.36 13.01
C GLY C 128 3.29 -40.25 14.50
N ALA C 129 3.13 -39.03 15.05
CA ALA C 129 3.52 -38.75 16.43
C ALA C 129 2.40 -38.02 17.16
N VAL C 130 1.56 -37.30 16.39
CA VAL C 130 0.50 -36.52 16.99
C VAL C 130 -0.82 -36.91 16.32
N THR C 131 -1.94 -36.45 16.91
CA THR C 131 -3.26 -36.64 16.33
C THR C 131 -4.01 -35.31 16.31
N PRO C 132 -4.56 -34.89 15.15
CA PRO C 132 -5.28 -33.63 15.05
C PRO C 132 -6.57 -33.68 15.88
N GLN C 133 -6.77 -32.66 16.74
CA GLN C 133 -7.97 -32.53 17.53
C GLN C 133 -8.86 -31.43 16.94
N ASP C 134 -8.24 -30.34 16.53
CA ASP C 134 -8.95 -29.19 15.99
C ASP C 134 -8.04 -28.49 14.98
N GLU C 135 -8.66 -27.92 13.95
CA GLU C 135 -8.00 -27.11 12.95
C GLU C 135 -9.00 -26.06 12.47
N VAL C 136 -8.65 -24.78 12.64
CA VAL C 136 -9.54 -23.69 12.31
C VAL C 136 -8.78 -22.63 11.52
N HIS C 137 -9.33 -22.28 10.35
CA HIS C 137 -8.79 -21.26 9.47
C HIS C 137 -9.55 -19.96 9.71
N GLY C 138 -8.87 -18.98 10.31
CA GLY C 138 -9.49 -17.72 10.70
C GLY C 138 -9.23 -16.61 9.69
N PHE C 139 -10.26 -15.76 9.50
CA PHE C 139 -10.17 -14.51 8.74
C PHE C 139 -10.89 -13.42 9.52
N LYS C 140 -10.34 -12.21 9.49
CA LYS C 140 -10.95 -11.06 10.14
C LYS C 140 -11.60 -10.19 9.08
N TYR C 141 -12.78 -9.65 9.44
CA TYR C 141 -13.51 -8.72 8.60
C TYR C 141 -12.69 -7.44 8.43
N PHE C 142 -12.91 -6.74 7.32
CA PHE C 142 -12.07 -5.63 6.90
C PHE C 142 -12.12 -4.52 7.96
N ASP C 143 -13.25 -4.43 8.67
N ASP C 143 -13.25 -4.47 8.69
CA ASP C 143 -13.48 -3.35 9.62
CA ASP C 143 -13.57 -3.41 9.61
C ASP C 143 -13.33 -3.86 11.06
C ASP C 143 -13.41 -3.90 11.05
N GLU C 144 -12.60 -4.97 11.22
CA GLU C 144 -12.28 -5.55 12.52
C GLU C 144 -13.50 -6.13 13.23
N ARG C 145 -14.52 -6.53 12.45
CA ARG C 145 -15.76 -7.01 13.03
C ARG C 145 -15.67 -8.51 13.24
N ASP C 146 -16.36 -8.99 14.27
CA ASP C 146 -16.47 -10.43 14.49
C ASP C 146 -17.77 -10.93 13.86
N MET C 147 -18.02 -12.23 13.99
CA MET C 147 -19.15 -12.90 13.35
C MET C 147 -20.48 -12.34 13.88
N LEU C 148 -20.44 -11.71 15.06
CA LEU C 148 -21.62 -11.10 15.65
C LEU C 148 -21.86 -9.71 15.06
N GLY C 149 -20.87 -9.19 14.34
CA GLY C 149 -21.01 -7.90 13.67
C GLY C 149 -20.56 -6.74 14.53
N PHE C 150 -19.95 -7.06 15.68
CA PHE C 150 -19.41 -6.05 16.57
C PHE C 150 -17.90 -5.95 16.35
N VAL C 151 -17.38 -4.72 16.37
CA VAL C 151 -15.95 -4.52 16.34
C VAL C 151 -15.36 -5.28 17.51
N ASP C 152 -14.26 -6.00 17.25
CA ASP C 152 -13.71 -6.94 18.22
C ASP C 152 -12.22 -6.64 18.41
N GLY C 153 -11.85 -6.32 19.66
CA GLY C 153 -10.46 -6.14 20.03
C GLY C 153 -10.16 -4.71 20.49
N THR C 154 -11.21 -3.89 20.60
CA THR C 154 -11.09 -2.46 20.86
C THR C 154 -10.37 -2.19 22.18
N GLU C 155 -10.61 -3.03 23.19
CA GLU C 155 -10.17 -2.73 24.54
C GLU C 155 -8.94 -3.55 24.93
N ASN C 156 -8.47 -4.40 24.00
CA ASN C 156 -7.19 -5.05 24.14
C ASN C 156 -6.13 -4.02 24.54
N PRO C 157 -5.24 -4.34 25.50
CA PRO C 157 -4.11 -3.45 25.82
C PRO C 157 -3.07 -3.41 24.71
N THR C 158 -2.24 -2.36 24.72
CA THR C 158 -1.14 -2.19 23.78
C THR C 158 0.12 -1.81 24.53
N GLY C 159 1.26 -1.95 23.85
CA GLY C 159 2.56 -1.50 24.34
C GLY C 159 2.90 -2.10 25.70
N ALA C 160 3.41 -1.25 26.61
CA ALA C 160 3.89 -1.66 27.92
C ALA C 160 2.77 -2.37 28.68
N ALA C 161 1.56 -1.79 28.64
CA ALA C 161 0.40 -2.27 29.37
C ALA C 161 0.07 -3.71 28.96
N ALA C 162 0.27 -4.01 27.68
CA ALA C 162 0.02 -5.34 27.13
C ALA C 162 1.09 -6.33 27.61
N ARG C 163 2.31 -5.83 27.85
CA ARG C 163 3.41 -6.67 28.31
C ARG C 163 3.18 -7.07 29.76
N ARG C 164 2.71 -6.10 30.56
CA ARG C 164 2.47 -6.30 31.98
C ARG C 164 1.38 -7.35 32.15
N ALA C 165 0.38 -7.33 31.26
CA ALA C 165 -0.80 -8.16 31.37
C ALA C 165 -0.55 -9.58 30.85
N VAL C 166 0.41 -9.72 29.93
CA VAL C 166 0.55 -10.93 29.14
C VAL C 166 1.75 -11.77 29.58
N LEU C 167 2.89 -11.13 29.87
CA LEU C 167 4.14 -11.85 30.03
C LEU C 167 4.38 -12.19 31.50
N VAL C 168 4.72 -13.47 31.74
CA VAL C 168 5.19 -13.93 33.03
C VAL C 168 6.47 -13.16 33.35
N GLY C 169 6.55 -12.63 34.58
CA GLY C 169 7.69 -11.84 35.01
C GLY C 169 8.46 -12.54 36.12
N ALA C 170 8.75 -11.80 37.21
CA ALA C 170 9.65 -12.26 38.25
C ALA C 170 8.92 -13.17 39.25
N GLU C 171 7.59 -13.26 39.12
CA GLU C 171 6.78 -14.12 39.99
C GLU C 171 7.03 -15.59 39.66
N ASP C 172 7.50 -15.87 38.44
CA ASP C 172 7.88 -17.22 38.06
C ASP C 172 9.18 -17.14 37.25
N PRO C 173 10.32 -16.76 37.89
CA PRO C 173 11.53 -16.37 37.17
C PRO C 173 12.09 -17.34 36.15
N ALA C 174 11.89 -18.64 36.37
CA ALA C 174 12.34 -19.69 35.48
C ALA C 174 11.57 -19.63 34.15
N PHE C 175 10.35 -19.09 34.20
CA PHE C 175 9.43 -19.09 33.08
C PHE C 175 9.12 -17.67 32.65
N ALA C 176 9.91 -16.72 33.17
CA ALA C 176 9.83 -15.32 32.78
C ALA C 176 9.82 -15.23 31.25
N GLY C 177 8.80 -14.53 30.73
CA GLY C 177 8.71 -14.28 29.30
C GLY C 177 7.73 -15.24 28.61
N GLY C 178 7.21 -16.21 29.38
CA GLY C 178 6.16 -17.08 28.90
C GLY C 178 4.80 -16.40 29.02
N SER C 179 3.76 -17.08 28.54
CA SER C 179 2.39 -16.60 28.68
C SER C 179 1.45 -17.81 28.80
N TYR C 180 0.23 -17.54 29.28
CA TYR C 180 -0.81 -18.57 29.35
C TYR C 180 -1.91 -18.23 28.34
N ALA C 181 -2.29 -19.23 27.54
CA ALA C 181 -3.32 -19.08 26.51
C ALA C 181 -4.49 -20.00 26.80
N VAL C 182 -5.71 -19.45 26.65
CA VAL C 182 -6.94 -20.22 26.78
C VAL C 182 -7.67 -20.18 25.44
N VAL C 183 -8.06 -21.36 24.95
CA VAL C 183 -8.79 -21.44 23.70
C VAL C 183 -10.20 -21.97 23.97
N GLN C 184 -11.17 -21.40 23.24
CA GLN C 184 -12.52 -21.93 23.19
C GLN C 184 -13.07 -21.67 21.79
N LYS C 185 -13.54 -22.75 21.11
CA LYS C 185 -14.18 -22.61 19.82
C LYS C 185 -15.68 -22.45 20.04
N TYR C 186 -16.21 -21.28 19.66
CA TYR C 186 -17.62 -20.98 19.84
C TYR C 186 -18.36 -21.11 18.50
N LEU C 187 -19.60 -21.65 18.58
CA LEU C 187 -20.53 -21.66 17.46
C LEU C 187 -21.74 -20.79 17.82
N HIS C 188 -22.09 -19.89 16.89
CA HIS C 188 -23.13 -18.90 17.14
C HIS C 188 -24.47 -19.34 16.55
N ASP C 189 -25.56 -18.92 17.22
CA ASP C 189 -26.90 -18.99 16.65
C ASP C 189 -27.19 -17.67 15.95
N ILE C 190 -26.77 -17.60 14.68
CA ILE C 190 -26.91 -16.40 13.86
C ILE C 190 -28.39 -16.10 13.65
N ASP C 191 -29.20 -17.15 13.45
CA ASP C 191 -30.63 -16.99 13.21
C ASP C 191 -31.26 -16.23 14.37
N ALA C 192 -30.95 -16.64 15.60
CA ALA C 192 -31.51 -16.06 16.80
C ALA C 192 -30.98 -14.64 17.00
N TRP C 193 -29.69 -14.47 16.74
CA TRP C 193 -28.98 -13.22 16.95
C TRP C 193 -29.57 -12.12 16.08
N GLU C 194 -30.09 -12.53 14.92
CA GLU C 194 -30.50 -11.58 13.90
C GLU C 194 -31.97 -11.22 14.08
N GLY C 195 -32.63 -11.93 15.00
CA GLY C 195 -34.00 -11.63 15.37
C GLY C 195 -34.07 -10.53 16.43
N LEU C 196 -32.89 -10.13 16.93
CA LEU C 196 -32.76 -9.04 17.89
C LEU C 196 -32.55 -7.73 17.13
N SER C 197 -33.16 -6.66 17.65
CA SER C 197 -32.85 -5.32 17.21
C SER C 197 -31.41 -4.99 17.59
N VAL C 198 -30.83 -4.01 16.90
CA VAL C 198 -29.47 -3.54 17.17
C VAL C 198 -29.36 -3.11 18.64
N GLU C 199 -30.42 -2.51 19.17
CA GLU C 199 -30.41 -2.02 20.55
C GLU C 199 -30.33 -3.21 21.52
N ALA C 200 -31.11 -4.26 21.24
CA ALA C 200 -31.10 -5.47 22.05
C ALA C 200 -29.72 -6.12 22.00
N GLN C 201 -29.14 -6.18 20.79
CA GLN C 201 -27.80 -6.70 20.58
C GLN C 201 -26.78 -5.86 21.34
N GLU C 202 -26.99 -4.54 21.32
CA GLU C 202 -26.09 -3.61 21.99
C GLU C 202 -26.09 -3.88 23.48
N ARG C 203 -27.27 -4.24 24.02
CA ARG C 203 -27.44 -4.47 25.45
C ARG C 203 -26.85 -5.82 25.84
N VAL C 204 -26.60 -6.67 24.85
CA VAL C 204 -25.95 -7.96 25.08
C VAL C 204 -24.44 -7.74 25.22
N ILE C 205 -23.86 -6.98 24.27
N ILE C 205 -23.83 -7.01 24.28
CA ILE C 205 -22.43 -6.74 24.22
CA ILE C 205 -22.40 -6.77 24.30
C ILE C 205 -22.04 -5.72 25.29
C ILE C 205 -22.06 -5.73 25.35
N GLY C 206 -22.65 -4.54 25.22
CA GLY C 206 -22.36 -3.44 26.13
C GLY C 206 -21.69 -2.26 25.41
N ARG C 207 -21.84 -2.23 24.08
CA ARG C 207 -21.27 -1.22 23.21
C ARG C 207 -22.21 -0.97 22.04
N ARG C 208 -22.11 0.23 21.42
CA ARG C 208 -22.88 0.56 20.23
C ARG C 208 -22.31 -0.20 19.03
N LYS C 209 -23.21 -0.66 18.14
CA LYS C 209 -22.82 -1.58 17.08
C LYS C 209 -21.96 -0.87 16.03
N MET C 210 -22.40 0.30 15.56
CA MET C 210 -21.76 0.97 14.44
C MET C 210 -20.51 1.71 14.89
N THR C 211 -20.63 2.47 15.98
CA THR C 211 -19.59 3.41 16.36
C THR C 211 -18.72 2.85 17.48
N ASP C 212 -19.14 1.72 18.06
CA ASP C 212 -18.30 0.93 18.96
C ASP C 212 -17.96 1.73 20.22
N VAL C 213 -18.88 2.61 20.61
CA VAL C 213 -18.74 3.41 21.82
C VAL C 213 -19.33 2.62 22.98
N GLU C 214 -18.55 2.45 24.05
CA GLU C 214 -19.01 1.75 25.24
C GLU C 214 -20.28 2.43 25.76
N LEU C 215 -21.28 1.62 26.12
CA LEU C 215 -22.50 2.13 26.75
C LEU C 215 -22.16 2.78 28.08
N SER C 216 -22.87 3.86 28.39
CA SER C 216 -22.72 4.57 29.66
C SER C 216 -23.19 3.68 30.80
N ASP C 217 -22.61 3.90 31.99
CA ASP C 217 -22.82 3.04 33.15
C ASP C 217 -24.28 3.02 33.56
N ASP C 218 -25.06 4.00 33.08
CA ASP C 218 -26.47 4.16 33.37
C ASP C 218 -27.30 3.12 32.63
N VAL C 219 -26.87 2.77 31.40
CA VAL C 219 -27.71 2.01 30.50
C VAL C 219 -27.17 0.59 30.31
N LYS C 220 -25.88 0.39 30.60
CA LYS C 220 -25.18 -0.85 30.34
C LYS C 220 -25.61 -1.93 31.34
N PRO C 221 -26.30 -3.01 30.88
CA PRO C 221 -26.84 -4.02 31.81
C PRO C 221 -25.72 -4.76 32.52
N ALA C 222 -26.05 -5.36 33.68
CA ALA C 222 -25.07 -5.99 34.53
C ALA C 222 -24.69 -7.36 33.98
N ASP C 223 -25.49 -7.84 33.03
CA ASP C 223 -25.29 -9.15 32.42
C ASP C 223 -24.80 -8.97 30.98
N SER C 224 -24.43 -7.75 30.61
CA SER C 224 -23.82 -7.46 29.32
C SER C 224 -22.41 -8.05 29.30
N HIS C 225 -21.86 -8.25 28.10
CA HIS C 225 -20.58 -8.93 27.94
C HIS C 225 -19.43 -8.10 28.54
N VAL C 226 -19.45 -6.78 28.30
CA VAL C 226 -18.39 -5.89 28.77
C VAL C 226 -18.42 -5.82 30.29
N ALA C 227 -19.63 -5.78 30.86
CA ALA C 227 -19.83 -5.64 32.30
C ALA C 227 -19.22 -6.83 33.04
N LEU C 228 -19.41 -8.04 32.50
CA LEU C 228 -18.99 -9.26 33.18
C LEU C 228 -17.51 -9.56 32.94
N THR C 229 -16.95 -8.98 31.87
CA THR C 229 -15.55 -9.23 31.57
C THR C 229 -14.70 -8.04 32.03
N SER C 230 -15.32 -7.06 32.69
CA SER C 230 -14.59 -6.04 33.41
C SER C 230 -14.36 -6.52 34.84
N VAL C 231 -13.09 -6.58 35.24
CA VAL C 231 -12.73 -7.06 36.57
C VAL C 231 -11.58 -6.22 37.13
N THR C 232 -11.73 -5.82 38.39
CA THR C 232 -10.71 -5.13 39.15
C THR C 232 -10.11 -6.10 40.16
N GLY C 233 -8.77 -6.06 40.30
CA GLY C 233 -8.05 -6.88 41.25
C GLY C 233 -8.23 -6.35 42.67
N PRO C 234 -7.78 -7.10 43.72
CA PRO C 234 -7.96 -6.66 45.10
C PRO C 234 -7.37 -5.30 45.43
N ASP C 235 -6.67 -4.71 44.44
CA ASP C 235 -5.98 -3.43 44.61
C ASP C 235 -6.66 -2.34 43.80
N GLY C 236 -7.71 -2.69 43.05
CA GLY C 236 -8.56 -1.73 42.39
C GLY C 236 -8.15 -1.46 40.93
N SER C 237 -7.09 -2.14 40.46
CA SER C 237 -6.65 -2.00 39.08
C SER C 237 -7.36 -2.99 38.17
N ASP C 238 -7.75 -2.54 36.98
CA ASP C 238 -8.34 -3.37 35.95
C ASP C 238 -7.40 -4.54 35.64
N LEU C 239 -7.97 -5.73 35.52
CA LEU C 239 -7.23 -6.92 35.12
C LEU C 239 -7.51 -7.21 33.64
N GLU C 240 -6.45 -7.35 32.84
CA GLU C 240 -6.57 -7.37 31.40
C GLU C 240 -6.06 -8.70 30.82
N ILE C 241 -6.63 -9.08 29.67
CA ILE C 241 -6.11 -10.17 28.85
C ILE C 241 -5.96 -9.67 27.41
N LEU C 242 -5.03 -10.29 26.67
CA LEU C 242 -4.90 -10.01 25.25
C LEU C 242 -5.67 -11.07 24.46
N ARG C 243 -6.64 -10.61 23.66
CA ARG C 243 -7.47 -11.49 22.84
C ARG C 243 -7.05 -11.36 21.38
N ASP C 244 -7.35 -12.40 20.61
CA ASP C 244 -7.24 -12.33 19.15
C ASP C 244 -8.33 -13.22 18.54
N ASN C 245 -9.58 -12.84 18.79
CA ASN C 245 -10.75 -13.57 18.31
C ASN C 245 -10.73 -13.56 16.79
N MET C 246 -11.00 -14.74 16.19
CA MET C 246 -11.01 -14.88 14.74
C MET C 246 -12.32 -15.50 14.28
N PRO C 247 -13.08 -14.83 13.40
CA PRO C 247 -14.21 -15.46 12.72
C PRO C 247 -13.72 -16.67 11.94
N PHE C 248 -14.56 -17.71 11.92
CA PHE C 248 -14.39 -18.86 11.05
C PHE C 248 -15.77 -19.43 10.75
N GLY C 249 -15.86 -20.29 9.74
CA GLY C 249 -17.10 -21.02 9.53
C GLY C 249 -17.26 -21.56 8.10
N SER C 250 -18.47 -22.02 7.81
CA SER C 250 -18.81 -22.72 6.59
C SER C 250 -20.28 -22.45 6.26
N VAL C 251 -20.53 -21.78 5.14
CA VAL C 251 -21.89 -21.36 4.81
C VAL C 251 -22.74 -22.58 4.47
N GLY C 252 -22.10 -23.61 3.90
CA GLY C 252 -22.80 -24.83 3.50
C GLY C 252 -23.43 -25.53 4.70
N ARG C 253 -22.69 -25.59 5.81
CA ARG C 253 -23.10 -26.35 6.98
C ARG C 253 -23.69 -25.45 8.06
N GLU C 254 -23.88 -24.15 7.74
CA GLU C 254 -24.45 -23.17 8.66
C GLU C 254 -23.60 -23.04 9.93
N GLU C 255 -22.27 -23.16 9.79
CA GLU C 255 -21.38 -22.96 10.92
C GLU C 255 -20.86 -21.52 10.90
N PHE C 256 -21.23 -20.76 11.93
CA PHE C 256 -20.76 -19.39 12.10
C PHE C 256 -20.12 -19.27 13.48
N GLY C 257 -18.80 -19.05 13.50
CA GLY C 257 -18.06 -19.20 14.74
C GLY C 257 -17.19 -18.01 15.10
N THR C 258 -16.79 -17.98 16.38
CA THR C 258 -15.73 -17.15 16.90
C THR C 258 -14.69 -18.06 17.52
N TYR C 259 -13.43 -17.92 17.10
CA TYR C 259 -12.37 -18.66 17.75
C TYR C 259 -11.74 -17.74 18.80
N PHE C 260 -11.86 -18.15 20.07
CA PHE C 260 -11.43 -17.33 21.19
C PHE C 260 -10.05 -17.78 21.64
N ILE C 261 -9.12 -16.83 21.71
CA ILE C 261 -7.83 -17.06 22.34
C ILE C 261 -7.50 -15.84 23.21
N GLY C 262 -7.10 -16.11 24.45
CA GLY C 262 -6.81 -15.07 25.43
C GLY C 262 -5.52 -15.36 26.17
N TYR C 263 -4.56 -14.44 26.05
CA TYR C 263 -3.28 -14.57 26.72
C TYR C 263 -3.32 -13.77 28.01
N ALA C 264 -2.74 -14.35 29.08
CA ALA C 264 -2.57 -13.66 30.35
C ALA C 264 -1.29 -14.19 31.01
N ARG C 265 -0.72 -13.39 31.92
CA ARG C 265 0.51 -13.76 32.60
C ARG C 265 0.20 -14.80 33.69
N THR C 266 -1.09 -14.90 34.05
CA THR C 266 -1.59 -15.94 34.93
C THR C 266 -2.98 -16.36 34.46
N PRO C 267 -3.29 -17.68 34.37
CA PRO C 267 -4.58 -18.13 33.85
C PRO C 267 -5.75 -17.79 34.78
N GLU C 268 -5.41 -17.25 35.96
CA GLU C 268 -6.35 -16.88 37.01
C GLU C 268 -7.20 -15.70 36.53
N VAL C 269 -6.57 -14.76 35.83
CA VAL C 269 -7.27 -13.61 35.29
C VAL C 269 -8.38 -14.09 34.36
N THR C 270 -8.01 -14.98 33.42
CA THR C 270 -8.93 -15.46 32.40
C THR C 270 -10.08 -16.23 33.07
N GLU C 271 -9.73 -17.11 34.01
CA GLU C 271 -10.68 -17.97 34.69
C GLU C 271 -11.66 -17.13 35.53
N THR C 272 -11.17 -16.02 36.08
CA THR C 272 -12.04 -15.09 36.80
C THR C 272 -13.17 -14.67 35.85
N MET C 273 -12.81 -14.37 34.61
CA MET C 273 -13.73 -13.86 33.59
C MET C 273 -14.67 -14.98 33.14
N LEU C 274 -14.12 -16.19 32.97
CA LEU C 274 -14.89 -17.34 32.53
C LEU C 274 -15.97 -17.68 33.56
N GLU C 275 -15.61 -17.61 34.84
CA GLU C 275 -16.50 -17.91 35.95
C GLU C 275 -17.71 -16.97 35.92
N ARG C 276 -17.42 -15.67 35.82
CA ARG C 276 -18.43 -14.63 35.75
C ARG C 276 -19.31 -14.79 34.51
N MET C 277 -18.71 -15.22 33.41
CA MET C 277 -19.44 -15.43 32.16
C MET C 277 -20.42 -16.61 32.32
N PHE C 278 -19.94 -17.69 32.95
CA PHE C 278 -20.63 -18.97 32.97
C PHE C 278 -21.43 -19.16 34.25
N LEU C 279 -20.92 -18.64 35.38
CA LEU C 279 -21.56 -18.84 36.67
C LEU C 279 -22.31 -17.59 37.10
N GLY C 280 -21.82 -16.42 36.67
CA GLY C 280 -22.51 -15.16 36.92
C GLY C 280 -22.13 -14.58 38.27
N THR C 281 -22.89 -13.57 38.72
CA THR C 281 -22.69 -12.95 40.01
C THR C 281 -24.07 -12.72 40.66
N ALA C 282 -24.08 -11.96 41.77
CA ALA C 282 -25.30 -11.56 42.44
C ALA C 282 -26.27 -10.92 41.44
N SER C 283 -25.74 -9.94 40.68
CA SER C 283 -26.55 -9.06 39.84
C SER C 283 -26.69 -9.62 38.41
N ALA C 284 -26.12 -10.79 38.13
CA ALA C 284 -26.09 -11.32 36.77
C ALA C 284 -26.14 -12.85 36.77
N PRO C 285 -27.15 -13.47 36.11
CA PRO C 285 -27.26 -14.92 36.03
C PRO C 285 -26.09 -15.52 35.25
N HIS C 286 -25.85 -14.95 34.06
CA HIS C 286 -24.73 -15.32 33.21
C HIS C 286 -24.50 -14.24 32.16
N ASP C 287 -23.52 -14.47 31.29
CA ASP C 287 -23.18 -13.57 30.20
C ASP C 287 -24.15 -13.78 29.05
N ARG C 288 -24.80 -12.68 28.63
CA ARG C 288 -25.87 -12.72 27.64
C ARG C 288 -25.33 -13.21 26.30
N ILE C 289 -24.02 -13.07 26.08
CA ILE C 289 -23.40 -13.47 24.83
C ILE C 289 -23.53 -14.98 24.65
N LEU C 290 -23.61 -15.72 25.77
CA LEU C 290 -23.61 -17.16 25.77
C LEU C 290 -24.97 -17.70 25.30
N ASP C 291 -25.99 -16.84 25.33
CA ASP C 291 -27.31 -17.21 24.85
C ASP C 291 -27.32 -17.25 23.33
N PHE C 292 -26.17 -16.99 22.70
CA PHE C 292 -26.06 -16.95 21.25
C PHE C 292 -24.73 -17.57 20.81
N SER C 293 -24.05 -18.22 21.75
CA SER C 293 -22.72 -18.75 21.50
C SER C 293 -22.55 -20.03 22.29
N THR C 294 -22.04 -21.08 21.64
CA THR C 294 -21.80 -22.36 22.30
C THR C 294 -20.33 -22.74 22.15
N ALA C 295 -19.67 -22.95 23.28
CA ALA C 295 -18.29 -23.41 23.32
C ALA C 295 -18.28 -24.91 23.05
N VAL C 296 -17.47 -25.32 22.06
CA VAL C 296 -17.41 -26.72 21.67
C VAL C 296 -16.07 -27.31 22.12
N THR C 297 -15.08 -26.44 22.32
CA THR C 297 -13.77 -26.86 22.82
C THR C 297 -13.35 -25.96 23.98
N GLY C 298 -12.30 -26.39 24.69
CA GLY C 298 -11.78 -25.65 25.83
C GLY C 298 -10.47 -26.25 26.33
N SER C 299 -9.37 -25.51 26.08
CA SER C 299 -8.04 -25.95 26.49
C SER C 299 -7.23 -24.77 27.04
N LEU C 300 -6.21 -25.10 27.83
N LEU C 300 -6.21 -25.10 27.84
CA LEU C 300 -5.29 -24.14 28.42
CA LEU C 300 -5.29 -24.13 28.41
C LEU C 300 -3.87 -24.62 28.16
C LEU C 300 -3.86 -24.61 28.18
N PHE C 301 -3.02 -23.72 27.63
CA PHE C 301 -1.64 -24.03 27.31
C PHE C 301 -0.71 -22.95 27.88
N PHE C 302 0.50 -23.36 28.24
CA PHE C 302 1.56 -22.42 28.55
C PHE C 302 2.39 -22.23 27.28
N THR C 303 2.68 -20.97 26.96
CA THR C 303 3.50 -20.63 25.80
C THR C 303 4.83 -20.09 26.29
N PRO C 304 5.91 -20.90 26.24
CA PRO C 304 7.22 -20.52 26.81
C PRO C 304 7.92 -19.40 26.06
N ALA C 305 8.95 -18.85 26.70
CA ALA C 305 9.92 -17.98 26.06
C ALA C 305 10.49 -18.71 24.84
N ALA C 306 10.89 -17.94 23.82
CA ALA C 306 11.33 -18.52 22.57
C ALA C 306 12.61 -19.34 22.76
N ASP C 307 13.48 -18.86 23.67
CA ASP C 307 14.77 -19.49 23.88
C ASP C 307 14.63 -20.74 24.75
N PHE C 308 13.50 -20.86 25.48
CA PHE C 308 13.24 -22.08 26.23
C PHE C 308 13.15 -23.25 25.25
N LEU C 309 12.42 -23.04 24.15
CA LEU C 309 12.16 -24.07 23.15
C LEU C 309 13.42 -24.36 22.33
N GLU C 310 14.32 -23.38 22.28
CA GLU C 310 15.52 -23.44 21.45
C GLU C 310 16.53 -24.39 22.09
N ASP C 311 16.46 -24.55 23.42
CA ASP C 311 17.40 -25.40 24.14
C ASP C 311 16.76 -26.74 24.46
N LEU C 312 16.26 -27.41 23.42
N LEU C 312 16.26 -27.44 23.42
CA LEU C 312 15.66 -28.73 23.51
CA LEU C 312 15.62 -28.73 23.54
C LEU C 312 16.38 -29.68 22.53
C LEU C 312 14.47 -28.66 24.57
N PRO D 8 25.16 5.90 24.67
CA PRO D 8 25.88 5.83 23.41
C PRO D 8 24.99 5.35 22.26
N GLU D 9 24.70 6.29 21.34
CA GLU D 9 23.76 6.06 20.25
C GLU D 9 24.50 5.45 19.06
N PRO D 10 24.10 4.25 18.58
CA PRO D 10 24.71 3.65 17.39
C PRO D 10 24.15 4.23 16.08
N GLN D 11 24.90 4.04 14.99
CA GLN D 11 24.42 4.34 13.66
C GLN D 11 23.35 3.32 13.27
N MET D 12 22.69 3.53 12.13
CA MET D 12 21.61 2.67 11.69
C MET D 12 22.16 1.37 11.11
N VAL D 13 22.91 0.63 11.94
CA VAL D 13 23.50 -0.64 11.51
C VAL D 13 22.39 -1.69 11.48
N LEU D 14 21.47 -1.60 12.44
CA LEU D 14 20.25 -2.40 12.45
C LEU D 14 19.18 -1.67 11.67
N SER D 15 19.27 -1.75 10.34
CA SER D 15 18.23 -1.19 9.49
C SER D 15 17.11 -2.20 9.32
N PRO D 16 15.84 -1.77 9.20
CA PRO D 16 14.78 -2.64 8.68
C PRO D 16 15.13 -3.01 7.25
N LEU D 17 14.36 -3.93 6.67
CA LEU D 17 14.67 -4.49 5.36
C LEU D 17 14.45 -3.42 4.29
N THR D 18 15.50 -3.19 3.49
CA THR D 18 15.49 -2.22 2.40
C THR D 18 15.70 -2.94 1.09
N SER D 19 15.07 -2.44 0.02
CA SER D 19 15.11 -3.09 -1.28
C SER D 19 16.21 -2.51 -2.17
N ALA D 20 16.72 -1.32 -1.81
CA ALA D 20 17.76 -0.68 -2.59
C ALA D 20 18.95 -0.32 -1.70
N ALA D 21 20.13 -0.12 -2.32
CA ALA D 21 21.36 0.23 -1.63
C ALA D 21 22.42 0.75 -2.60
N ILE D 22 23.34 1.57 -2.05
CA ILE D 22 24.56 1.98 -2.72
C ILE D 22 25.72 1.74 -1.75
N PHE D 23 26.80 1.15 -2.27
CA PHE D 23 28.03 0.98 -1.52
C PHE D 23 29.11 1.86 -2.14
N LEU D 24 29.56 2.86 -1.36
CA LEU D 24 30.62 3.78 -1.77
C LEU D 24 31.89 3.46 -0.99
N VAL D 25 32.97 3.15 -1.72
CA VAL D 25 34.28 3.00 -1.12
C VAL D 25 35.21 4.05 -1.73
N VAL D 26 35.88 4.80 -0.85
CA VAL D 26 36.76 5.87 -1.28
C VAL D 26 38.05 5.81 -0.47
N THR D 27 39.13 6.29 -1.09
CA THR D 27 40.35 6.59 -0.37
C THR D 27 40.42 8.11 -0.16
N ILE D 28 41.08 8.54 0.92
CA ILE D 28 41.32 9.95 1.19
C ILE D 28 42.60 10.35 0.47
N ASP D 29 42.49 11.30 -0.45
CA ASP D 29 43.65 11.86 -1.13
C ASP D 29 44.54 12.54 -0.10
N SER D 30 45.84 12.56 -0.41
CA SER D 30 46.84 13.16 0.46
C SER D 30 46.48 14.61 0.75
N GLY D 31 46.30 14.91 2.04
CA GLY D 31 46.01 16.26 2.51
C GLY D 31 44.52 16.59 2.43
N GLY D 32 43.67 15.56 2.39
CA GLY D 32 42.22 15.74 2.31
C GLY D 32 41.53 15.45 3.64
N GLU D 33 42.32 15.27 4.70
CA GLU D 33 41.83 14.79 6.00
C GLU D 33 40.82 15.77 6.58
N ASP D 34 41.09 17.08 6.45
CA ASP D 34 40.27 18.11 7.07
C ASP D 34 38.88 18.14 6.43
N THR D 35 38.83 17.97 5.11
CA THR D 35 37.57 18.03 4.38
C THR D 35 36.69 16.85 4.80
N VAL D 36 37.34 15.71 5.09
CA VAL D 36 36.67 14.48 5.45
C VAL D 36 36.04 14.63 6.85
N ARG D 37 36.76 15.29 7.76
CA ARG D 37 36.32 15.47 9.14
C ARG D 37 35.04 16.30 9.17
N ASP D 38 35.01 17.39 8.39
CA ASP D 38 33.83 18.23 8.29
C ASP D 38 32.63 17.41 7.85
N LEU D 39 32.82 16.59 6.80
CA LEU D 39 31.77 15.77 6.25
C LEU D 39 31.22 14.82 7.31
N LEU D 40 32.12 14.24 8.11
CA LEU D 40 31.79 13.20 9.07
C LEU D 40 30.82 13.73 10.13
N SER D 41 30.98 15.00 10.48
CA SER D 41 30.12 15.61 11.50
C SER D 41 28.85 16.17 10.86
N ASP D 42 28.62 15.80 9.60
CA ASP D 42 27.45 16.28 8.88
C ASP D 42 26.62 15.12 8.32
N VAL D 43 27.24 13.95 8.11
CA VAL D 43 26.54 12.84 7.48
C VAL D 43 25.13 12.72 8.07
N ALA D 44 25.05 12.69 9.40
CA ALA D 44 23.82 12.43 10.14
C ALA D 44 22.73 13.41 9.72
N SER D 45 23.09 14.66 9.44
CA SER D 45 22.13 15.72 9.17
C SER D 45 21.76 15.81 7.68
N LEU D 46 22.64 15.32 6.80
CA LEU D 46 22.31 15.19 5.39
C LEU D 46 21.31 14.04 5.21
N GLU D 47 21.49 12.99 6.01
CA GLU D 47 20.59 11.84 6.07
C GLU D 47 19.18 12.33 6.38
N ARG D 48 19.07 13.25 7.36
CA ARG D 48 17.79 13.81 7.75
C ARG D 48 17.20 14.63 6.61
N ALA D 49 18.04 15.46 5.98
CA ALA D 49 17.62 16.44 4.98
C ALA D 49 17.02 15.75 3.76
N VAL D 50 17.64 14.65 3.33
CA VAL D 50 17.31 14.01 2.07
C VAL D 50 16.13 13.06 2.27
N GLY D 51 16.08 12.39 3.42
CA GLY D 51 15.21 11.26 3.62
C GLY D 51 13.87 11.63 4.26
N PHE D 52 13.79 12.84 4.83
CA PHE D 52 12.70 13.19 5.71
C PHE D 52 11.38 13.37 4.93
N ARG D 53 11.48 13.96 3.73
CA ARG D 53 10.29 14.30 2.96
C ARG D 53 9.83 13.11 2.13
N ALA D 54 10.47 11.95 2.35
CA ALA D 54 10.08 10.72 1.70
C ALA D 54 9.68 9.70 2.78
N GLN D 55 9.53 10.20 4.01
CA GLN D 55 9.10 9.39 5.14
C GLN D 55 7.57 9.29 5.15
N PRO D 56 7.00 8.24 5.78
CA PRO D 56 7.78 7.22 6.48
C PRO D 56 8.27 6.04 5.63
N ASP D 57 7.93 6.04 4.34
CA ASP D 57 8.18 4.88 3.50
C ASP D 57 9.63 4.86 2.99
N GLY D 58 10.40 5.89 3.34
CA GLY D 58 11.74 6.09 2.82
C GLY D 58 12.76 5.09 3.37
N ARG D 59 12.82 5.01 4.71
CA ARG D 59 13.76 4.16 5.43
C ARG D 59 15.18 4.38 4.90
N LEU D 60 15.55 5.64 4.70
CA LEU D 60 16.86 6.02 4.20
C LEU D 60 17.85 6.09 5.36
N SER D 61 18.94 5.34 5.22
CA SER D 61 19.99 5.30 6.24
C SER D 61 21.35 5.15 5.56
N CYS D 62 22.31 5.93 6.06
CA CYS D 62 23.70 5.81 5.68
C CYS D 62 24.50 5.31 6.88
N VAL D 63 25.45 4.41 6.63
CA VAL D 63 26.38 3.98 7.66
C VAL D 63 27.79 4.25 7.14
N THR D 64 28.58 4.93 7.97
CA THR D 64 29.88 5.46 7.60
C THR D 64 30.98 4.67 8.30
N GLY D 65 31.88 4.09 7.51
CA GLY D 65 32.99 3.31 8.03
C GLY D 65 34.34 3.98 7.77
N ILE D 66 35.33 3.66 8.63
CA ILE D 66 36.67 4.19 8.56
C ILE D 66 37.65 3.01 8.57
N GLY D 67 38.53 2.97 7.56
CA GLY D 67 39.57 1.96 7.47
C GLY D 67 40.69 2.20 8.49
N SER D 68 41.53 1.17 8.67
CA SER D 68 42.58 1.15 9.69
C SER D 68 43.57 2.29 9.48
N GLU D 69 44.07 2.40 8.25
CA GLU D 69 45.04 3.42 7.87
C GLU D 69 44.41 4.81 7.96
N ALA D 70 43.19 4.97 7.42
CA ALA D 70 42.53 6.26 7.38
C ALA D 70 42.28 6.78 8.78
N TRP D 71 42.02 5.86 9.72
CA TRP D 71 41.77 6.21 11.12
C TRP D 71 42.99 6.94 11.71
N ASP D 72 44.19 6.43 11.37
CA ASP D 72 45.44 6.92 11.93
C ASP D 72 45.77 8.31 11.38
N ARG D 73 45.27 8.62 10.18
CA ARG D 73 45.49 9.90 9.54
C ARG D 73 44.45 10.91 10.01
N LEU D 74 43.26 10.43 10.38
CA LEU D 74 42.14 11.28 10.74
C LEU D 74 42.18 11.64 12.23
N PHE D 75 42.53 10.67 13.07
CA PHE D 75 42.42 10.84 14.52
C PHE D 75 43.75 10.51 15.19
N SER D 76 43.84 10.84 16.48
CA SER D 76 44.99 10.51 17.30
C SER D 76 44.53 10.04 18.68
N GLY D 77 45.37 9.22 19.32
CA GLY D 77 45.04 8.68 20.63
C GLY D 77 44.62 7.21 20.54
N ALA D 78 43.66 6.83 21.39
CA ALA D 78 43.21 5.45 21.51
C ALA D 78 42.47 5.05 20.24
N ARG D 79 42.67 3.79 19.83
CA ARG D 79 42.07 3.24 18.63
C ARG D 79 41.11 2.12 19.03
N PRO D 80 40.09 1.80 18.19
CA PRO D 80 39.25 0.62 18.40
C PRO D 80 40.12 -0.64 18.47
N ALA D 81 39.84 -1.48 19.48
CA ALA D 81 40.67 -2.61 19.84
C ALA D 81 41.00 -3.49 18.62
N GLY D 82 39.99 -3.78 17.79
CA GLY D 82 40.14 -4.78 16.76
C GLY D 82 40.32 -4.19 15.36
N LEU D 83 40.60 -2.89 15.26
CA LEU D 83 40.69 -2.23 13.96
C LEU D 83 42.04 -2.51 13.31
N HIS D 84 42.01 -3.15 12.14
CA HIS D 84 43.18 -3.44 11.33
C HIS D 84 42.76 -3.51 9.87
N PRO D 85 43.71 -3.52 8.89
CA PRO D 85 43.36 -3.74 7.50
C PRO D 85 42.92 -5.20 7.31
N PHE D 86 42.12 -5.44 6.27
CA PHE D 86 41.58 -6.73 5.93
C PHE D 86 42.72 -7.73 5.74
N ARG D 87 42.57 -8.93 6.33
CA ARG D 87 43.59 -9.96 6.27
C ARG D 87 43.39 -10.79 5.02
N GLU D 88 44.32 -10.66 4.05
CA GLU D 88 44.33 -11.49 2.86
C GLU D 88 44.37 -12.95 3.26
N LEU D 89 43.65 -13.79 2.51
CA LEU D 89 43.68 -15.23 2.72
C LEU D 89 44.14 -15.89 1.44
N ASP D 90 45.25 -16.64 1.51
CA ASP D 90 45.73 -17.40 0.38
C ASP D 90 45.48 -18.88 0.63
N GLY D 91 44.31 -19.36 0.19
CA GLY D 91 43.93 -20.76 0.33
C GLY D 91 44.49 -21.58 -0.81
N PRO D 92 44.49 -22.93 -0.70
CA PRO D 92 44.97 -23.80 -1.78
C PRO D 92 44.33 -23.49 -3.13
N VAL D 93 42.99 -23.31 -3.14
CA VAL D 93 42.27 -23.11 -4.37
C VAL D 93 41.84 -21.64 -4.51
N HIS D 94 41.28 -21.08 -3.44
CA HIS D 94 40.62 -19.78 -3.49
C HIS D 94 41.41 -18.73 -2.70
N ARG D 95 41.21 -17.46 -3.08
CA ARG D 95 41.92 -16.35 -2.48
C ARG D 95 40.91 -15.25 -2.09
N ALA D 96 41.13 -14.68 -0.91
CA ALA D 96 40.38 -13.52 -0.44
C ALA D 96 41.30 -12.31 -0.49
N VAL D 97 41.08 -11.44 -1.49
CA VAL D 97 41.99 -10.34 -1.78
C VAL D 97 41.62 -9.12 -0.94
N ALA D 98 42.63 -8.30 -0.62
CA ALA D 98 42.44 -7.04 0.09
C ALA D 98 42.60 -5.88 -0.89
N THR D 99 41.60 -4.99 -0.90
CA THR D 99 41.62 -3.85 -1.80
C THR D 99 41.47 -2.55 -1.02
N PRO D 100 42.13 -1.45 -1.47
CA PRO D 100 42.11 -0.19 -0.73
C PRO D 100 40.71 0.38 -0.53
N GLY D 101 40.57 1.16 0.54
CA GLY D 101 39.31 1.74 0.95
C GLY D 101 39.45 2.35 2.34
N ASP D 102 39.25 3.67 2.42
CA ASP D 102 39.43 4.41 3.65
C ASP D 102 38.07 4.68 4.29
N LEU D 103 37.10 5.05 3.46
CA LEU D 103 35.75 5.31 3.93
C LEU D 103 34.77 4.41 3.19
N LEU D 104 33.82 3.86 3.96
CA LEU D 104 32.65 3.17 3.44
C LEU D 104 31.44 4.06 3.67
N PHE D 105 30.59 4.17 2.65
CA PHE D 105 29.25 4.70 2.83
C PHE D 105 28.26 3.63 2.41
N HIS D 106 27.62 3.03 3.41
CA HIS D 106 26.58 2.04 3.20
C HIS D 106 25.23 2.76 3.26
N ILE D 107 24.68 3.07 2.09
CA ILE D 107 23.44 3.82 1.97
C ILE D 107 22.35 2.85 1.51
N ARG D 108 21.21 2.87 2.22
CA ARG D 108 20.11 1.96 1.97
C ARG D 108 18.79 2.70 2.11
N ALA D 109 17.87 2.45 1.16
CA ALA D 109 16.52 2.99 1.20
C ALA D 109 15.57 1.97 0.57
N SER D 110 14.27 2.30 0.62
CA SER D 110 13.25 1.53 -0.08
C SER D 110 13.29 1.87 -1.56
N ARG D 111 14.00 2.94 -1.92
CA ARG D 111 14.07 3.46 -3.27
C ARG D 111 15.52 3.82 -3.60
N LEU D 112 15.94 3.53 -4.85
CA LEU D 112 17.32 3.72 -5.27
C LEU D 112 17.68 5.20 -5.35
N ASP D 113 16.66 6.04 -5.53
CA ASP D 113 16.85 7.45 -5.82
C ASP D 113 17.14 8.23 -4.54
N LEU D 114 16.70 7.71 -3.39
CA LEU D 114 17.02 8.32 -2.11
C LEU D 114 18.50 8.10 -1.80
N CYS D 115 18.97 6.88 -2.09
CA CYS D 115 20.36 6.52 -1.94
C CYS D 115 21.22 7.43 -2.82
N PHE D 116 20.76 7.67 -4.04
CA PHE D 116 21.51 8.38 -5.04
C PHE D 116 21.60 9.86 -4.66
N ALA D 117 20.48 10.39 -4.15
CA ALA D 117 20.42 11.76 -3.69
C ALA D 117 21.40 11.99 -2.55
N LEU D 118 21.51 11.01 -1.64
CA LEU D 118 22.36 11.15 -0.46
C LEU D 118 23.82 10.95 -0.84
N ALA D 119 24.08 10.02 -1.76
CA ALA D 119 25.44 9.76 -2.24
C ALA D 119 26.00 11.01 -2.92
N THR D 120 25.13 11.74 -3.63
CA THR D 120 25.49 12.93 -4.40
C THR D 120 25.91 14.04 -3.44
N GLU D 121 25.14 14.21 -2.37
CA GLU D 121 25.43 15.24 -1.37
C GLU D 121 26.79 14.97 -0.75
N ILE D 122 26.94 13.78 -0.15
CA ILE D 122 28.17 13.32 0.46
C ILE D 122 29.34 13.54 -0.49
N MET D 123 29.21 13.04 -1.73
CA MET D 123 30.31 13.07 -2.69
C MET D 123 30.61 14.50 -3.15
N GLY D 124 29.59 15.36 -3.12
CA GLY D 124 29.73 16.74 -3.54
C GLY D 124 30.62 17.53 -2.58
N ARG D 125 30.68 17.07 -1.33
CA ARG D 125 31.38 17.72 -0.24
C ARG D 125 32.75 17.07 -0.02
N LEU D 126 32.98 15.92 -0.65
CA LEU D 126 34.25 15.22 -0.54
C LEU D 126 35.07 15.43 -1.81
N ARG D 127 34.46 16.11 -2.79
CA ARG D 127 35.06 16.37 -4.10
C ARG D 127 36.44 17.00 -3.91
N GLY D 128 37.44 16.45 -4.59
CA GLY D 128 38.80 16.97 -4.53
C GLY D 128 39.58 16.45 -3.32
N ALA D 129 38.89 15.74 -2.42
CA ALA D 129 39.53 15.26 -1.19
C ALA D 129 39.62 13.73 -1.16
N VAL D 130 38.92 13.05 -2.08
CA VAL D 130 38.83 11.60 -2.08
C VAL D 130 38.94 11.07 -3.50
N THR D 131 39.27 9.78 -3.62
CA THR D 131 39.25 9.09 -4.91
C THR D 131 38.27 7.93 -4.84
N PRO D 132 37.28 7.85 -5.75
CA PRO D 132 36.37 6.70 -5.80
C PRO D 132 37.13 5.39 -6.07
N GLN D 133 36.87 4.40 -5.22
CA GLN D 133 37.49 3.08 -5.32
C GLN D 133 36.46 2.07 -5.84
N ASP D 134 35.26 2.09 -5.26
CA ASP D 134 34.20 1.19 -5.67
C ASP D 134 32.84 1.84 -5.44
N GLU D 135 31.94 1.64 -6.40
CA GLU D 135 30.56 2.10 -6.32
C GLU D 135 29.66 0.98 -6.82
N VAL D 136 28.69 0.58 -5.99
CA VAL D 136 27.78 -0.50 -6.36
C VAL D 136 26.34 -0.07 -6.06
N HIS D 137 25.48 -0.18 -7.08
CA HIS D 137 24.06 0.10 -6.97
C HIS D 137 23.31 -1.22 -6.86
N GLY D 138 22.74 -1.45 -5.67
CA GLY D 138 22.24 -2.76 -5.31
C GLY D 138 20.71 -2.78 -5.27
N PHE D 139 20.15 -3.89 -5.77
CA PHE D 139 18.71 -4.16 -5.70
C PHE D 139 18.53 -5.57 -5.15
N LYS D 140 17.41 -5.81 -4.47
CA LYS D 140 17.09 -7.14 -3.99
C LYS D 140 15.99 -7.73 -4.88
N TYR D 141 15.99 -9.06 -5.03
CA TYR D 141 14.92 -9.75 -5.73
C TYR D 141 13.66 -9.70 -4.88
N PHE D 142 12.50 -9.79 -5.54
CA PHE D 142 11.23 -9.45 -4.92
C PHE D 142 10.95 -10.41 -3.75
N ASP D 143 11.60 -11.58 -3.77
CA ASP D 143 11.34 -12.65 -2.82
C ASP D 143 12.54 -12.85 -1.88
N GLU D 144 13.45 -11.87 -1.86
CA GLU D 144 14.59 -11.81 -0.95
C GLU D 144 15.67 -12.81 -1.39
N ARG D 145 15.68 -13.16 -2.67
CA ARG D 145 16.67 -14.07 -3.21
C ARG D 145 17.89 -13.29 -3.70
N ASP D 146 19.03 -13.99 -3.79
CA ASP D 146 20.22 -13.41 -4.38
C ASP D 146 20.37 -13.91 -5.81
N MET D 147 21.57 -13.71 -6.38
CA MET D 147 21.84 -13.95 -7.78
C MET D 147 21.97 -15.45 -8.04
N LEU D 148 22.19 -16.24 -6.97
CA LEU D 148 22.25 -17.68 -7.09
C LEU D 148 20.85 -18.29 -6.98
N GLY D 149 19.83 -17.44 -6.73
CA GLY D 149 18.44 -17.86 -6.71
C GLY D 149 17.98 -18.38 -5.35
N PHE D 150 18.85 -18.28 -4.34
CA PHE D 150 18.52 -18.73 -2.99
C PHE D 150 18.14 -17.53 -2.12
N VAL D 151 17.19 -17.74 -1.21
CA VAL D 151 16.78 -16.70 -0.28
C VAL D 151 17.96 -16.32 0.59
N ASP D 152 18.23 -15.01 0.70
CA ASP D 152 19.44 -14.50 1.34
C ASP D 152 19.06 -13.61 2.51
N GLY D 153 19.40 -14.05 3.73
CA GLY D 153 19.23 -13.26 4.94
C GLY D 153 18.32 -13.90 5.97
N THR D 154 17.93 -15.17 5.74
CA THR D 154 16.93 -15.85 6.57
C THR D 154 17.41 -15.96 8.00
N GLU D 155 18.68 -16.35 8.18
CA GLU D 155 19.21 -16.69 9.49
C GLU D 155 19.95 -15.49 10.11
N ASN D 156 19.67 -14.29 9.61
CA ASN D 156 20.14 -13.06 10.24
C ASN D 156 19.54 -12.94 11.64
N PRO D 157 20.30 -12.42 12.63
CA PRO D 157 19.76 -12.17 13.97
C PRO D 157 18.77 -11.01 14.00
N THR D 158 17.80 -11.07 14.91
CA THR D 158 16.79 -10.04 15.05
C THR D 158 16.82 -9.46 16.47
N GLY D 159 16.41 -8.19 16.59
CA GLY D 159 16.23 -7.50 17.86
C GLY D 159 17.46 -7.62 18.76
N ALA D 160 17.22 -8.12 19.97
CA ALA D 160 18.21 -8.11 21.05
C ALA D 160 19.38 -9.03 20.73
N ALA D 161 19.13 -10.08 19.92
CA ALA D 161 20.18 -11.00 19.51
C ALA D 161 21.18 -10.30 18.59
N ALA D 162 20.67 -9.49 17.66
CA ALA D 162 21.50 -8.76 16.71
C ALA D 162 22.32 -7.69 17.42
N ARG D 163 21.64 -6.95 18.31
N ARG D 163 21.66 -6.97 18.34
CA ARG D 163 22.20 -5.83 19.05
CA ARG D 163 22.22 -5.82 19.03
C ARG D 163 23.45 -6.30 19.79
C ARG D 163 23.41 -6.26 19.88
N ARG D 164 23.34 -7.47 20.44
CA ARG D 164 24.41 -8.02 21.25
C ARG D 164 25.56 -8.51 20.37
N ALA D 165 25.26 -8.77 19.09
CA ALA D 165 26.19 -9.43 18.18
C ALA D 165 26.94 -8.43 17.30
N VAL D 166 26.39 -7.21 17.18
N VAL D 166 26.38 -7.21 17.20
CA VAL D 166 26.93 -6.24 16.23
CA VAL D 166 26.85 -6.23 16.24
C VAL D 166 27.56 -5.07 16.97
C VAL D 166 27.53 -5.07 16.96
N LEU D 167 26.98 -4.69 18.12
CA LEU D 167 27.42 -3.50 18.83
C LEU D 167 28.56 -3.81 19.79
N VAL D 168 29.63 -3.03 19.65
CA VAL D 168 30.74 -2.99 20.59
C VAL D 168 30.18 -2.53 21.94
N GLY D 169 30.55 -3.26 23.00
CA GLY D 169 30.12 -2.92 24.36
C GLY D 169 31.31 -2.69 25.28
N ALA D 170 31.28 -3.37 26.44
CA ALA D 170 32.16 -3.11 27.57
C ALA D 170 33.58 -3.65 27.33
N GLU D 171 33.77 -4.47 26.30
CA GLU D 171 35.06 -5.06 26.02
C GLU D 171 35.97 -4.04 25.32
N ASP D 172 35.39 -2.88 24.99
CA ASP D 172 36.11 -1.75 24.43
C ASP D 172 35.31 -0.48 24.73
N PRO D 173 35.30 0.00 26.00
CA PRO D 173 34.29 0.95 26.48
C PRO D 173 34.31 2.29 25.74
N ALA D 174 35.50 2.67 25.29
CA ALA D 174 35.69 3.94 24.60
C ALA D 174 34.97 3.93 23.25
N PHE D 175 34.69 2.74 22.71
CA PHE D 175 34.17 2.64 21.37
C PHE D 175 32.84 1.89 21.34
N ALA D 176 32.16 1.85 22.50
CA ALA D 176 30.84 1.26 22.62
C ALA D 176 29.89 1.91 21.60
N GLY D 177 28.97 1.10 21.06
CA GLY D 177 27.99 1.56 20.09
C GLY D 177 28.50 1.43 18.66
N GLY D 178 29.78 1.08 18.52
CA GLY D 178 30.41 0.90 17.23
C GLY D 178 30.18 -0.52 16.69
N SER D 179 30.70 -0.76 15.49
CA SER D 179 30.65 -2.07 14.84
C SER D 179 31.80 -2.22 13.85
N TYR D 180 32.14 -3.47 13.54
CA TYR D 180 33.07 -3.76 12.46
C TYR D 180 32.29 -4.29 11.26
N ALA D 181 32.55 -3.68 10.10
CA ALA D 181 31.94 -4.08 8.83
C ALA D 181 33.01 -4.62 7.87
N VAL D 182 32.75 -5.81 7.35
CA VAL D 182 33.60 -6.38 6.32
C VAL D 182 32.81 -6.37 5.02
N VAL D 183 33.44 -5.85 3.96
CA VAL D 183 32.85 -5.81 2.63
C VAL D 183 33.67 -6.68 1.68
N GLN D 184 32.95 -7.39 0.81
CA GLN D 184 33.55 -8.07 -0.33
C GLN D 184 32.59 -7.97 -1.51
N LYS D 185 33.13 -7.64 -2.69
CA LYS D 185 32.38 -7.71 -3.93
C LYS D 185 32.66 -9.07 -4.56
N TYR D 186 31.59 -9.86 -4.77
CA TYR D 186 31.71 -11.18 -5.37
C TYR D 186 31.03 -11.19 -6.73
N LEU D 187 31.73 -11.76 -7.72
CA LEU D 187 31.18 -12.05 -9.04
C LEU D 187 30.86 -13.54 -9.12
N HIS D 188 29.71 -13.87 -9.73
CA HIS D 188 29.33 -15.26 -9.86
C HIS D 188 29.52 -15.73 -11.29
N ASP D 189 30.06 -16.94 -11.44
CA ASP D 189 30.02 -17.62 -12.72
C ASP D 189 28.63 -18.28 -12.84
N ILE D 190 27.64 -17.52 -13.32
CA ILE D 190 26.27 -17.98 -13.40
C ILE D 190 26.18 -19.20 -14.32
N ASP D 191 26.92 -19.17 -15.44
CA ASP D 191 26.92 -20.25 -16.43
C ASP D 191 27.20 -21.59 -15.75
N ALA D 192 28.27 -21.63 -14.93
CA ALA D 192 28.67 -22.85 -14.24
C ALA D 192 27.62 -23.24 -13.19
N TRP D 193 27.04 -22.23 -12.52
CA TRP D 193 26.06 -22.45 -11.47
C TRP D 193 24.87 -23.23 -12.01
N GLU D 194 24.31 -22.74 -13.12
CA GLU D 194 23.08 -23.28 -13.69
C GLU D 194 23.34 -24.61 -14.38
N GLY D 195 24.61 -25.02 -14.42
CA GLY D 195 25.01 -26.34 -14.89
C GLY D 195 24.62 -27.44 -13.91
N LEU D 196 24.73 -27.13 -12.60
CA LEU D 196 24.29 -28.01 -11.52
C LEU D 196 22.77 -28.15 -11.56
N SER D 197 22.27 -29.27 -11.03
CA SER D 197 20.86 -29.44 -10.74
C SER D 197 20.50 -28.68 -9.47
N VAL D 198 19.20 -28.62 -9.15
CA VAL D 198 18.72 -27.97 -7.95
C VAL D 198 19.33 -28.65 -6.71
N GLU D 199 19.27 -29.99 -6.68
N GLU D 199 19.28 -29.99 -6.68
CA GLU D 199 19.69 -30.78 -5.54
CA GLU D 199 19.70 -30.75 -5.51
C GLU D 199 21.19 -30.59 -5.28
C GLU D 199 21.19 -30.60 -5.27
N ALA D 200 21.97 -30.55 -6.36
CA ALA D 200 23.40 -30.30 -6.30
C ALA D 200 23.65 -28.91 -5.70
N GLN D 201 22.89 -27.93 -6.18
CA GLN D 201 22.98 -26.55 -5.71
C GLN D 201 22.61 -26.46 -4.24
N GLU D 202 21.67 -27.30 -3.81
CA GLU D 202 21.21 -27.35 -2.43
C GLU D 202 22.33 -27.87 -1.53
N ARG D 203 23.14 -28.79 -2.06
CA ARG D 203 24.25 -29.38 -1.32
C ARG D 203 25.44 -28.41 -1.27
N VAL D 204 25.34 -27.31 -2.03
CA VAL D 204 26.34 -26.25 -2.03
C VAL D 204 25.99 -25.25 -0.92
N ILE D 205 24.71 -24.89 -0.83
CA ILE D 205 24.26 -23.89 0.12
C ILE D 205 24.03 -24.54 1.49
N GLY D 206 23.19 -25.58 1.53
CA GLY D 206 22.82 -26.23 2.78
C GLY D 206 21.38 -25.91 3.17
N ARG D 207 20.61 -25.37 2.22
CA ARG D 207 19.20 -25.08 2.39
C ARG D 207 18.47 -25.42 1.09
N ARG D 208 17.16 -25.69 1.20
CA ARG D 208 16.32 -25.97 0.05
C ARG D 208 16.09 -24.68 -0.73
N LYS D 209 16.04 -24.78 -2.06
CA LYS D 209 15.99 -23.59 -2.89
C LYS D 209 14.62 -22.93 -2.78
N MET D 210 13.59 -23.73 -3.01
CA MET D 210 12.20 -23.26 -3.12
C MET D 210 11.67 -22.89 -1.74
N THR D 211 11.82 -23.78 -0.76
CA THR D 211 11.16 -23.63 0.53
C THR D 211 12.04 -22.87 1.52
N ASP D 212 13.35 -22.85 1.25
CA ASP D 212 14.34 -22.21 2.10
C ASP D 212 14.42 -22.90 3.46
N VAL D 213 14.21 -24.21 3.47
CA VAL D 213 14.34 -24.97 4.71
C VAL D 213 15.75 -25.55 4.75
N GLU D 214 16.38 -25.45 5.93
CA GLU D 214 17.71 -26.01 6.16
C GLU D 214 17.66 -27.52 5.96
N LEU D 215 18.64 -28.06 5.23
CA LEU D 215 18.80 -29.50 5.11
C LEU D 215 19.06 -30.06 6.51
N SER D 216 18.52 -31.26 6.79
CA SER D 216 18.78 -31.92 8.06
C SER D 216 20.23 -32.38 8.13
N ASP D 217 20.71 -32.58 9.36
CA ASP D 217 22.13 -32.68 9.67
C ASP D 217 22.76 -33.89 9.00
N ASP D 218 21.95 -34.93 8.76
CA ASP D 218 22.44 -36.18 8.20
C ASP D 218 22.38 -36.14 6.66
N VAL D 219 22.33 -34.92 6.10
CA VAL D 219 22.28 -34.73 4.65
C VAL D 219 23.24 -33.62 4.26
N LYS D 220 23.32 -32.59 5.12
CA LYS D 220 24.02 -31.34 4.83
C LYS D 220 25.52 -31.58 4.77
N PRO D 221 26.18 -31.39 3.61
CA PRO D 221 27.63 -31.60 3.49
C PRO D 221 28.42 -30.76 4.49
N ALA D 222 29.60 -31.26 4.88
CA ALA D 222 30.48 -30.54 5.78
C ALA D 222 31.12 -29.35 5.06
N ASP D 223 30.97 -29.31 3.73
CA ASP D 223 31.54 -28.26 2.90
C ASP D 223 30.47 -27.36 2.31
N SER D 224 29.23 -27.48 2.81
CA SER D 224 28.17 -26.57 2.41
C SER D 224 28.36 -25.22 3.10
N HIS D 225 27.76 -24.16 2.52
CA HIS D 225 27.99 -22.79 2.95
C HIS D 225 27.49 -22.59 4.39
N VAL D 226 26.34 -23.20 4.71
CA VAL D 226 25.69 -22.99 6.00
C VAL D 226 26.41 -23.81 7.07
N ALA D 227 27.00 -24.94 6.65
CA ALA D 227 27.77 -25.78 7.57
C ALA D 227 29.05 -25.05 7.99
N LEU D 228 29.67 -24.35 7.04
CA LEU D 228 30.98 -23.75 7.25
C LEU D 228 30.86 -22.40 7.94
N THR D 229 29.76 -21.68 7.73
CA THR D 229 29.61 -20.34 8.31
C THR D 229 28.86 -20.42 9.64
N SER D 230 28.49 -21.63 10.06
CA SER D 230 27.99 -21.85 11.41
C SER D 230 29.16 -22.12 12.35
N VAL D 231 29.43 -21.15 13.24
CA VAL D 231 30.53 -21.27 14.19
C VAL D 231 29.95 -21.06 15.59
N THR D 232 30.29 -21.99 16.50
CA THR D 232 29.94 -21.81 17.90
C THR D 232 31.21 -21.55 18.71
N GLY D 233 31.06 -20.77 19.78
CA GLY D 233 32.16 -20.42 20.66
C GLY D 233 32.34 -21.42 21.79
N PRO D 234 33.30 -21.19 22.72
CA PRO D 234 33.66 -22.18 23.74
C PRO D 234 32.59 -22.44 24.81
N ASP D 235 31.71 -21.46 25.02
CA ASP D 235 30.62 -21.61 25.98
C ASP D 235 29.41 -22.23 25.29
N GLY D 236 29.56 -22.56 24.00
CA GLY D 236 28.52 -23.21 23.22
C GLY D 236 27.54 -22.21 22.62
N SER D 237 27.87 -20.92 22.72
CA SER D 237 27.04 -19.87 22.14
C SER D 237 27.29 -19.78 20.64
N ASP D 238 26.23 -19.48 19.90
CA ASP D 238 26.30 -19.17 18.48
C ASP D 238 27.04 -17.84 18.29
N LEU D 239 28.08 -17.87 17.44
CA LEU D 239 28.73 -16.67 16.97
C LEU D 239 28.05 -16.24 15.68
N GLU D 240 27.63 -14.97 15.64
CA GLU D 240 26.71 -14.50 14.61
C GLU D 240 27.21 -13.19 14.04
N ILE D 241 26.79 -12.92 12.79
CA ILE D 241 26.98 -11.61 12.18
C ILE D 241 25.66 -11.17 11.55
N LEU D 242 25.62 -9.90 11.14
CA LEU D 242 24.48 -9.37 10.42
C LEU D 242 24.91 -9.11 8.98
N ARG D 243 24.28 -9.81 8.03
CA ARG D 243 24.59 -9.62 6.63
C ARG D 243 23.50 -8.78 5.97
N ASP D 244 23.87 -8.08 4.90
CA ASP D 244 22.91 -7.40 4.06
C ASP D 244 23.36 -7.49 2.61
N ASN D 245 23.61 -8.73 2.17
CA ASN D 245 23.96 -9.04 0.79
C ASN D 245 22.98 -8.35 -0.16
N MET D 246 23.54 -7.62 -1.13
CA MET D 246 22.75 -7.06 -2.21
C MET D 246 23.31 -7.57 -3.54
N PRO D 247 22.46 -8.17 -4.40
CA PRO D 247 22.83 -8.42 -5.80
C PRO D 247 23.04 -7.10 -6.56
N PHE D 248 23.97 -7.14 -7.51
CA PHE D 248 24.21 -6.07 -8.46
C PHE D 248 24.57 -6.73 -9.78
N GLY D 249 24.47 -5.99 -10.89
CA GLY D 249 24.83 -6.59 -12.15
C GLY D 249 24.83 -5.63 -13.33
N SER D 250 25.44 -6.12 -14.42
CA SER D 250 25.36 -5.53 -15.74
C SER D 250 25.14 -6.65 -16.74
N VAL D 251 23.98 -6.63 -17.39
CA VAL D 251 23.55 -7.70 -18.26
C VAL D 251 24.40 -7.72 -19.52
N GLY D 252 24.80 -6.53 -19.96
CA GLY D 252 25.56 -6.36 -21.20
C GLY D 252 26.95 -6.98 -21.10
N ARG D 253 27.53 -6.95 -19.88
CA ARG D 253 28.91 -7.37 -19.68
C ARG D 253 28.95 -8.76 -19.04
N GLU D 254 27.77 -9.35 -18.83
CA GLU D 254 27.61 -10.65 -18.20
C GLU D 254 28.20 -10.63 -16.79
N GLU D 255 27.93 -9.56 -16.06
CA GLU D 255 28.43 -9.43 -14.70
C GLU D 255 27.25 -9.59 -13.73
N PHE D 256 27.31 -10.66 -12.93
CA PHE D 256 26.27 -10.99 -11.97
C PHE D 256 26.93 -11.29 -10.63
N GLY D 257 26.74 -10.39 -9.65
CA GLY D 257 27.46 -10.52 -8.40
C GLY D 257 26.57 -10.41 -7.16
N THR D 258 27.17 -10.69 -6.01
CA THR D 258 26.58 -10.38 -4.72
C THR D 258 27.57 -9.50 -3.97
N TYR D 259 27.07 -8.37 -3.47
CA TYR D 259 27.91 -7.48 -2.66
C TYR D 259 27.76 -7.89 -1.20
N PHE D 260 28.81 -8.48 -0.65
CA PHE D 260 28.76 -8.96 0.72
C PHE D 260 29.09 -7.81 1.67
N ILE D 261 28.23 -7.61 2.68
CA ILE D 261 28.59 -6.82 3.84
C ILE D 261 28.14 -7.55 5.11
N GLY D 262 29.09 -7.75 6.03
CA GLY D 262 28.84 -8.38 7.31
C GLY D 262 29.26 -7.48 8.47
N TYR D 263 28.38 -7.37 9.48
CA TYR D 263 28.62 -6.53 10.64
C TYR D 263 28.78 -7.39 11.89
N ALA D 264 29.79 -7.07 12.70
CA ALA D 264 30.02 -7.75 13.97
C ALA D 264 30.58 -6.77 14.99
N ARG D 265 30.60 -7.22 16.27
CA ARG D 265 31.13 -6.43 17.37
C ARG D 265 32.66 -6.55 17.41
N THR D 266 33.18 -7.60 16.77
CA THR D 266 34.61 -7.87 16.68
C THR D 266 34.91 -8.57 15.36
N PRO D 267 36.02 -8.22 14.65
CA PRO D 267 36.35 -8.88 13.38
C PRO D 267 36.66 -10.37 13.52
N GLU D 268 37.02 -10.78 14.74
CA GLU D 268 37.24 -12.18 15.09
C GLU D 268 36.18 -13.07 14.45
N VAL D 269 34.90 -12.72 14.67
CA VAL D 269 33.79 -13.56 14.26
C VAL D 269 33.81 -13.68 12.74
N THR D 270 33.72 -12.53 12.06
CA THR D 270 33.65 -12.50 10.60
C THR D 270 34.87 -13.22 10.02
N GLU D 271 36.01 -13.05 10.69
CA GLU D 271 37.29 -13.51 10.16
C GLU D 271 37.41 -15.04 10.28
N THR D 272 36.85 -15.62 11.35
CA THR D 272 36.86 -17.06 11.52
C THR D 272 36.07 -17.70 10.37
N MET D 273 34.89 -17.14 10.11
CA MET D 273 34.02 -17.54 9.02
C MET D 273 34.77 -17.46 7.70
N LEU D 274 35.53 -16.38 7.52
CA LEU D 274 36.31 -16.17 6.31
C LEU D 274 37.39 -17.24 6.16
N GLU D 275 38.13 -17.49 7.26
CA GLU D 275 39.16 -18.52 7.28
C GLU D 275 38.52 -19.87 6.94
N ARG D 276 37.40 -20.17 7.60
CA ARG D 276 36.74 -21.46 7.48
C ARG D 276 36.21 -21.65 6.06
N MET D 277 35.96 -20.54 5.35
CA MET D 277 35.44 -20.61 3.99
C MET D 277 36.58 -20.79 2.99
N PHE D 278 37.65 -20.02 3.15
CA PHE D 278 38.70 -19.96 2.13
C PHE D 278 39.74 -21.06 2.36
N LEU D 279 40.06 -21.34 3.63
CA LEU D 279 41.17 -22.21 3.98
C LEU D 279 40.65 -23.57 4.45
N GLY D 280 39.35 -23.65 4.75
CA GLY D 280 38.68 -24.92 5.01
C GLY D 280 38.94 -25.43 6.41
N THR D 281 38.49 -26.68 6.67
CA THR D 281 38.64 -27.34 7.97
C THR D 281 39.12 -28.77 7.75
N ALA D 282 39.06 -29.59 8.81
CA ALA D 282 39.51 -30.97 8.76
C ALA D 282 38.60 -31.81 7.88
N SER D 283 37.32 -31.43 7.80
N SER D 283 37.35 -31.34 7.74
CA SER D 283 36.36 -32.18 7.00
CA SER D 283 36.26 -32.10 7.12
C SER D 283 36.30 -31.64 5.57
C SER D 283 35.77 -31.44 5.83
N ALA D 284 36.37 -30.31 5.44
CA ALA D 284 36.05 -29.63 4.20
C ALA D 284 37.25 -28.87 3.65
N PRO D 285 37.60 -29.05 2.35
CA PRO D 285 38.68 -28.27 1.72
C PRO D 285 38.44 -26.77 1.64
N HIS D 286 37.23 -26.38 1.21
CA HIS D 286 36.79 -25.00 1.15
C HIS D 286 35.27 -24.96 1.03
N ASP D 287 34.69 -23.76 1.15
CA ASP D 287 33.27 -23.52 0.98
C ASP D 287 32.94 -23.62 -0.52
N ARG D 288 32.02 -24.53 -0.86
CA ARG D 288 31.66 -24.84 -2.23
C ARG D 288 31.06 -23.64 -2.94
N ILE D 289 30.56 -22.66 -2.18
CA ILE D 289 29.99 -21.46 -2.76
C ILE D 289 31.07 -20.68 -3.50
N LEU D 290 32.33 -20.83 -3.05
CA LEU D 290 33.46 -20.14 -3.65
C LEU D 290 33.81 -20.72 -5.01
N ASP D 291 33.30 -21.94 -5.31
CA ASP D 291 33.51 -22.58 -6.59
C ASP D 291 32.66 -21.92 -7.67
N PHE D 292 31.87 -20.91 -7.29
CA PHE D 292 30.99 -20.21 -8.22
C PHE D 292 30.98 -18.71 -7.89
N SER D 293 31.98 -18.25 -7.13
CA SER D 293 32.01 -16.88 -6.64
C SER D 293 33.46 -16.42 -6.49
N THR D 294 33.83 -15.36 -7.21
CA THR D 294 35.16 -14.78 -7.07
C THR D 294 35.05 -13.48 -6.27
N ALA D 295 35.88 -13.37 -5.21
CA ALA D 295 36.01 -12.13 -4.47
C ALA D 295 36.99 -11.21 -5.18
N VAL D 296 36.54 -9.98 -5.49
CA VAL D 296 37.34 -9.06 -6.28
C VAL D 296 37.66 -7.80 -5.48
N THR D 297 36.94 -7.59 -4.35
CA THR D 297 37.29 -6.56 -3.39
C THR D 297 37.27 -7.15 -1.98
N GLY D 298 37.91 -6.44 -1.04
CA GLY D 298 37.96 -6.81 0.36
C GLY D 298 38.46 -5.63 1.19
N SER D 299 37.69 -5.23 2.19
CA SER D 299 38.02 -4.09 3.03
C SER D 299 37.36 -4.23 4.40
N LEU D 300 37.97 -3.59 5.41
CA LEU D 300 37.45 -3.63 6.77
C LEU D 300 37.35 -2.22 7.32
N PHE D 301 36.22 -1.92 7.95
CA PHE D 301 35.96 -0.59 8.49
C PHE D 301 35.43 -0.71 9.91
N PHE D 302 35.64 0.37 10.67
CA PHE D 302 34.97 0.55 11.95
C PHE D 302 33.83 1.54 11.75
N THR D 303 32.62 1.15 12.14
CA THR D 303 31.47 2.04 12.05
C THR D 303 31.17 2.57 13.44
N PRO D 304 31.64 3.80 13.77
CA PRO D 304 31.60 4.30 15.14
C PRO D 304 30.18 4.59 15.58
N ALA D 305 30.01 4.92 16.87
CA ALA D 305 28.74 5.42 17.37
C ALA D 305 28.43 6.73 16.64
N ALA D 306 27.15 7.10 16.61
CA ALA D 306 26.71 8.27 15.87
C ALA D 306 27.25 9.53 16.55
N ASP D 307 27.27 9.52 17.88
CA ASP D 307 27.63 10.69 18.67
C ASP D 307 29.15 10.95 18.59
N PHE D 308 29.91 9.93 18.17
CA PHE D 308 31.34 10.08 17.95
C PHE D 308 31.58 10.90 16.70
N LEU D 309 30.74 10.71 15.68
CA LEU D 309 30.86 11.41 14.40
C LEU D 309 30.49 12.88 14.58
N GLU D 310 29.54 13.15 15.49
CA GLU D 310 29.08 14.50 15.76
C GLU D 310 30.00 15.17 16.78
N ASP D 311 31.30 15.22 16.47
N ASP D 311 31.31 15.11 16.51
CA ASP D 311 32.28 16.00 17.23
CA ASP D 311 32.38 15.60 17.37
C ASP D 311 33.36 16.52 16.27
C ASP D 311 31.93 15.62 18.84
N PRO E 8 -14.14 13.16 -29.04
CA PRO E 8 -14.25 14.20 -28.03
C PRO E 8 -13.93 13.71 -26.62
N GLU E 9 -12.82 14.20 -26.07
CA GLU E 9 -12.36 13.82 -24.74
C GLU E 9 -13.18 14.60 -23.72
N PRO E 10 -13.87 13.91 -22.77
CA PRO E 10 -14.64 14.57 -21.71
C PRO E 10 -13.82 14.85 -20.45
N GLN E 11 -14.46 15.51 -19.48
CA GLN E 11 -13.80 15.82 -18.20
C GLN E 11 -13.81 14.58 -17.32
N MET E 12 -13.15 14.69 -16.16
CA MET E 12 -12.92 13.59 -15.25
C MET E 12 -14.14 13.36 -14.36
N VAL E 13 -15.31 13.26 -14.99
N VAL E 13 -15.32 13.25 -14.98
CA VAL E 13 -16.58 13.09 -14.31
CA VAL E 13 -16.57 13.09 -14.28
C VAL E 13 -16.62 11.68 -13.70
C VAL E 13 -16.65 11.68 -13.71
N LEU E 14 -16.11 10.71 -14.46
CA LEU E 14 -16.00 9.34 -14.02
C LEU E 14 -14.64 9.17 -13.33
N SER E 15 -14.54 9.67 -12.10
CA SER E 15 -13.31 9.55 -11.33
C SER E 15 -13.30 8.21 -10.61
N PRO E 16 -12.12 7.59 -10.38
CA PRO E 16 -11.97 6.58 -9.34
C PRO E 16 -12.38 7.21 -8.00
N LEU E 17 -12.65 6.36 -7.01
CA LEU E 17 -13.08 6.83 -5.71
C LEU E 17 -12.00 7.72 -5.11
N THR E 18 -12.43 8.87 -4.57
CA THR E 18 -11.56 9.82 -3.89
C THR E 18 -12.13 10.06 -2.49
N SER E 19 -11.25 10.42 -1.55
CA SER E 19 -11.63 10.50 -0.15
C SER E 19 -11.77 11.95 0.31
N ALA E 20 -11.23 12.89 -0.46
CA ALA E 20 -11.37 14.31 -0.17
C ALA E 20 -11.83 15.05 -1.43
N ALA E 21 -12.47 16.21 -1.23
CA ALA E 21 -12.92 17.05 -2.33
C ALA E 21 -13.07 18.49 -1.86
N ILE E 22 -12.93 19.44 -2.80
CA ILE E 22 -13.33 20.83 -2.57
C ILE E 22 -14.36 21.19 -3.62
N PHE E 23 -15.47 21.81 -3.16
CA PHE E 23 -16.48 22.35 -4.04
C PHE E 23 -16.40 23.88 -3.99
N LEU E 24 -16.22 24.49 -5.16
N LEU E 24 -16.14 24.48 -5.15
CA LEU E 24 -16.09 25.94 -5.24
CA LEU E 24 -16.11 25.93 -5.29
C LEU E 24 -17.15 26.49 -6.21
C LEU E 24 -17.27 26.37 -6.17
N VAL E 25 -18.01 27.37 -5.69
CA VAL E 25 -19.08 28.00 -6.46
C VAL E 25 -18.84 29.50 -6.44
N VAL E 26 -18.71 30.10 -7.62
CA VAL E 26 -18.48 31.53 -7.72
C VAL E 26 -19.48 32.14 -8.71
N THR E 27 -19.69 33.45 -8.58
CA THR E 27 -20.36 34.23 -9.61
C THR E 27 -19.34 35.17 -10.23
N ILE E 28 -19.54 35.47 -11.52
CA ILE E 28 -18.62 36.32 -12.26
C ILE E 28 -19.12 37.76 -12.17
N ASP E 29 -18.30 38.63 -11.57
CA ASP E 29 -18.59 40.06 -11.42
C ASP E 29 -18.61 40.71 -12.80
N SER E 30 -19.05 41.98 -12.84
CA SER E 30 -19.14 42.73 -14.09
C SER E 30 -17.75 42.95 -14.67
N GLY E 31 -17.55 42.46 -15.89
CA GLY E 31 -16.35 42.77 -16.67
C GLY E 31 -15.23 41.76 -16.46
N GLY E 32 -15.52 40.72 -15.67
CA GLY E 32 -14.52 39.69 -15.37
C GLY E 32 -14.60 38.51 -16.32
N GLU E 33 -15.26 38.72 -17.47
CA GLU E 33 -15.54 37.67 -18.43
C GLU E 33 -14.25 37.11 -19.00
N ASP E 34 -13.29 38.01 -19.29
CA ASP E 34 -12.09 37.65 -20.03
C ASP E 34 -11.10 36.94 -19.11
N THR E 35 -11.04 37.36 -17.84
CA THR E 35 -10.20 36.72 -16.85
C THR E 35 -10.60 35.25 -16.75
N VAL E 36 -11.92 35.02 -16.77
CA VAL E 36 -12.51 33.70 -16.58
C VAL E 36 -12.20 32.83 -17.79
N ARG E 37 -12.36 33.40 -18.99
CA ARG E 37 -12.15 32.67 -20.24
C ARG E 37 -10.70 32.19 -20.33
N ASP E 38 -9.76 33.02 -19.86
CA ASP E 38 -8.34 32.67 -19.84
C ASP E 38 -8.10 31.47 -18.93
N LEU E 39 -8.81 31.44 -17.79
CA LEU E 39 -8.69 30.34 -16.84
C LEU E 39 -9.19 29.05 -17.48
N LEU E 40 -10.44 29.07 -17.97
CA LEU E 40 -11.08 27.88 -18.51
C LEU E 40 -10.13 27.16 -19.47
N SER E 41 -9.32 27.94 -20.20
CA SER E 41 -8.46 27.41 -21.24
C SER E 41 -7.14 26.89 -20.66
N ASP E 42 -6.91 27.16 -19.37
CA ASP E 42 -5.66 26.77 -18.72
C ASP E 42 -5.93 25.69 -17.66
N VAL E 43 -7.21 25.55 -17.29
CA VAL E 43 -7.60 24.84 -16.07
C VAL E 43 -7.05 23.41 -16.08
N ALA E 44 -7.10 22.72 -17.22
CA ALA E 44 -6.67 21.33 -17.31
C ALA E 44 -5.15 21.23 -17.12
N SER E 45 -4.42 22.26 -17.57
CA SER E 45 -2.98 22.28 -17.47
C SER E 45 -2.55 22.60 -16.04
N LEU E 46 -3.42 23.27 -15.28
CA LEU E 46 -3.19 23.53 -13.87
C LEU E 46 -3.38 22.23 -13.09
N GLU E 47 -4.43 21.48 -13.48
CA GLU E 47 -4.73 20.19 -12.90
C GLU E 47 -3.53 19.26 -13.05
N ARG E 48 -2.93 19.27 -14.24
CA ARG E 48 -1.78 18.43 -14.51
C ARG E 48 -0.57 18.91 -13.71
N ALA E 49 -0.41 20.24 -13.62
CA ALA E 49 0.75 20.87 -13.01
C ALA E 49 0.84 20.51 -11.52
N VAL E 50 -0.33 20.48 -10.86
CA VAL E 50 -0.42 20.25 -9.43
C VAL E 50 -0.50 18.74 -9.17
N GLY E 51 -1.08 18.01 -10.11
CA GLY E 51 -1.48 16.62 -9.89
C GLY E 51 -0.42 15.62 -10.36
N PHE E 52 0.36 15.99 -11.38
CA PHE E 52 1.20 15.02 -12.07
C PHE E 52 2.17 14.34 -11.11
N ARG E 53 2.85 15.14 -10.28
CA ARG E 53 3.96 14.64 -9.50
C ARG E 53 3.46 13.91 -8.27
N ALA E 54 2.14 13.92 -8.06
CA ALA E 54 1.52 13.21 -6.96
C ALA E 54 1.00 11.85 -7.43
N GLN E 55 0.92 11.67 -8.76
CA GLN E 55 0.50 10.41 -9.37
C GLN E 55 1.45 9.30 -8.94
N PRO E 56 0.97 8.04 -8.77
CA PRO E 56 -0.43 7.70 -9.04
C PRO E 56 -1.41 7.79 -7.87
N ASP E 57 -0.87 7.95 -6.65
CA ASP E 57 -1.66 8.01 -5.42
C ASP E 57 -2.64 9.18 -5.47
N GLY E 58 -2.19 10.29 -6.06
CA GLY E 58 -2.89 11.56 -6.00
C GLY E 58 -4.36 11.46 -6.38
N ARG E 59 -4.61 10.90 -7.58
CA ARG E 59 -5.93 10.85 -8.20
C ARG E 59 -6.56 12.24 -8.17
N LEU E 60 -5.76 13.26 -8.49
CA LEU E 60 -6.23 14.65 -8.50
C LEU E 60 -6.99 14.90 -9.80
N SER E 61 -8.14 15.59 -9.68
CA SER E 61 -8.93 15.98 -10.84
C SER E 61 -9.85 17.14 -10.50
N CYS E 62 -10.20 17.92 -11.54
CA CYS E 62 -11.11 19.03 -11.43
C CYS E 62 -12.12 19.02 -12.59
N VAL E 63 -13.40 19.17 -12.24
CA VAL E 63 -14.46 19.29 -13.23
C VAL E 63 -15.00 20.71 -13.17
N THR E 64 -15.05 21.37 -14.34
CA THR E 64 -15.46 22.76 -14.43
C THR E 64 -16.86 22.83 -15.04
N GLY E 65 -17.80 23.36 -14.26
CA GLY E 65 -19.17 23.57 -14.71
C GLY E 65 -19.44 25.06 -14.92
N ILE E 66 -20.36 25.35 -15.84
CA ILE E 66 -20.80 26.70 -16.14
C ILE E 66 -22.32 26.74 -16.08
N GLY E 67 -22.86 27.78 -15.42
CA GLY E 67 -24.29 27.94 -15.26
C GLY E 67 -24.94 28.59 -16.48
N SER E 68 -26.27 28.64 -16.46
CA SER E 68 -27.10 29.14 -17.55
C SER E 68 -26.88 30.63 -17.76
N GLU E 69 -26.81 31.38 -16.65
CA GLU E 69 -26.58 32.81 -16.64
C GLU E 69 -25.26 33.14 -17.33
N ALA E 70 -24.19 32.50 -16.84
CA ALA E 70 -22.82 32.82 -17.21
C ALA E 70 -22.53 32.39 -18.65
N TRP E 71 -23.23 31.35 -19.11
CA TRP E 71 -22.99 30.82 -20.44
C TRP E 71 -23.20 31.90 -21.50
N ASP E 72 -24.25 32.72 -21.30
CA ASP E 72 -24.66 33.72 -22.27
C ASP E 72 -23.69 34.90 -22.26
N ARG E 73 -23.02 35.13 -21.13
CA ARG E 73 -22.06 36.20 -21.00
C ARG E 73 -20.74 35.78 -21.65
N LEU E 74 -20.38 34.50 -21.50
CA LEU E 74 -19.04 34.01 -21.83
C LEU E 74 -18.96 33.56 -23.29
N PHE E 75 -20.04 32.94 -23.79
CA PHE E 75 -20.06 32.45 -25.15
C PHE E 75 -21.32 32.96 -25.84
N SER E 76 -21.18 33.34 -27.12
CA SER E 76 -22.30 33.41 -28.02
C SER E 76 -22.42 32.07 -28.74
N GLY E 77 -23.28 32.00 -29.76
CA GLY E 77 -23.49 30.76 -30.49
C GLY E 77 -24.38 29.79 -29.72
N ALA E 78 -24.31 28.51 -30.08
CA ALA E 78 -25.15 27.46 -29.53
C ALA E 78 -25.01 27.39 -28.01
N ARG E 79 -26.14 27.13 -27.33
CA ARG E 79 -26.20 26.80 -25.92
C ARG E 79 -26.54 25.31 -25.79
N PRO E 80 -26.04 24.57 -24.77
CA PRO E 80 -26.40 23.16 -24.61
C PRO E 80 -27.90 23.05 -24.40
N ALA E 81 -28.47 21.93 -24.83
CA ALA E 81 -29.91 21.77 -24.95
C ALA E 81 -30.59 21.90 -23.60
N GLY E 82 -29.94 21.39 -22.54
CA GLY E 82 -30.59 21.20 -21.26
C GLY E 82 -30.18 22.23 -20.23
N LEU E 83 -29.31 23.17 -20.64
CA LEU E 83 -28.78 24.14 -19.68
C LEU E 83 -29.83 25.20 -19.36
N HIS E 84 -30.27 25.21 -18.10
CA HIS E 84 -31.22 26.20 -17.62
C HIS E 84 -30.95 26.49 -16.14
N PRO E 85 -31.43 27.63 -15.60
CA PRO E 85 -31.25 27.94 -14.17
C PRO E 85 -31.93 26.86 -13.32
N PHE E 86 -31.33 26.58 -12.15
CA PHE E 86 -31.92 25.65 -11.21
C PHE E 86 -33.32 26.18 -10.82
N ARG E 87 -34.29 25.26 -10.71
CA ARG E 87 -35.66 25.63 -10.45
C ARG E 87 -36.05 25.33 -9.01
N GLU E 88 -36.59 26.34 -8.32
CA GLU E 88 -37.06 26.17 -6.95
C GLU E 88 -38.20 25.15 -6.92
N LEU E 89 -38.17 24.30 -5.90
CA LEU E 89 -39.28 23.42 -5.59
C LEU E 89 -39.86 23.82 -4.23
N ASP E 90 -41.15 24.15 -4.23
CA ASP E 90 -41.81 24.56 -3.01
C ASP E 90 -42.83 23.50 -2.62
N GLY E 91 -42.36 22.45 -1.93
CA GLY E 91 -43.21 21.36 -1.49
C GLY E 91 -44.22 21.81 -0.45
N PRO E 92 -45.24 20.99 -0.11
CA PRO E 92 -46.13 21.29 1.00
C PRO E 92 -45.38 21.47 2.33
N VAL E 93 -44.19 20.87 2.42
CA VAL E 93 -43.43 20.85 3.66
C VAL E 93 -42.01 21.36 3.40
N HIS E 94 -41.39 20.87 2.32
CA HIS E 94 -39.95 21.00 2.12
C HIS E 94 -39.65 21.86 0.89
N ARG E 95 -38.52 22.58 0.94
CA ARG E 95 -38.16 23.54 -0.09
C ARG E 95 -36.74 23.27 -0.58
N ALA E 96 -36.61 23.06 -1.89
CA ALA E 96 -35.32 23.10 -2.57
C ALA E 96 -35.09 24.50 -3.14
N VAL E 97 -34.17 25.24 -2.50
CA VAL E 97 -33.89 26.63 -2.85
C VAL E 97 -33.00 26.67 -4.08
N ALA E 98 -33.06 27.79 -4.82
CA ALA E 98 -32.09 28.12 -5.84
C ALA E 98 -31.17 29.22 -5.32
N THR E 99 -29.86 29.08 -5.57
CA THR E 99 -28.88 30.03 -5.06
C THR E 99 -27.90 30.39 -6.18
N PRO E 100 -27.36 31.63 -6.20
CA PRO E 100 -26.51 32.08 -7.30
C PRO E 100 -25.24 31.24 -7.41
N GLY E 101 -24.77 31.06 -8.65
CA GLY E 101 -23.55 30.33 -8.95
C GLY E 101 -23.36 30.19 -10.45
N ASP E 102 -22.28 30.79 -10.96
CA ASP E 102 -22.00 30.83 -12.39
C ASP E 102 -20.96 29.78 -12.77
N LEU E 103 -19.97 29.58 -11.90
CA LEU E 103 -18.91 28.61 -12.14
C LEU E 103 -18.88 27.61 -11.00
N LEU E 104 -18.63 26.34 -11.36
CA LEU E 104 -18.43 25.27 -10.40
C LEU E 104 -17.05 24.66 -10.60
N PHE E 105 -16.30 24.49 -9.50
CA PHE E 105 -15.12 23.66 -9.50
C PHE E 105 -15.34 22.46 -8.59
N HIS E 106 -15.44 21.27 -9.21
CA HIS E 106 -15.49 20.01 -8.48
C HIS E 106 -14.09 19.41 -8.49
N ILE E 107 -13.40 19.52 -7.34
CA ILE E 107 -12.01 19.15 -7.21
C ILE E 107 -11.88 17.95 -6.27
N ARG E 108 -11.26 16.87 -6.76
CA ARG E 108 -11.19 15.62 -6.03
C ARG E 108 -9.76 15.12 -5.96
N ALA E 109 -9.43 14.42 -4.86
CA ALA E 109 -8.16 13.76 -4.68
C ALA E 109 -8.23 12.82 -3.47
N SER E 110 -7.20 12.00 -3.31
CA SER E 110 -7.06 11.11 -2.17
C SER E 110 -6.71 11.91 -0.91
N ARG E 111 -6.16 13.12 -1.13
CA ARG E 111 -5.70 13.99 -0.06
C ARG E 111 -6.23 15.40 -0.30
N LEU E 112 -6.59 16.09 0.80
CA LEU E 112 -7.24 17.39 0.75
C LEU E 112 -6.25 18.48 0.32
N ASP E 113 -4.96 18.26 0.60
CA ASP E 113 -3.91 19.24 0.30
C ASP E 113 -3.82 19.47 -1.21
N LEU E 114 -3.94 18.38 -1.98
CA LEU E 114 -3.91 18.44 -3.44
C LEU E 114 -5.07 19.28 -3.95
N CYS E 115 -6.25 19.07 -3.34
CA CYS E 115 -7.45 19.84 -3.66
C CYS E 115 -7.17 21.32 -3.44
N PHE E 116 -6.68 21.65 -2.24
CA PHE E 116 -6.42 23.02 -1.82
C PHE E 116 -5.38 23.66 -2.74
N ALA E 117 -4.33 22.87 -3.07
CA ALA E 117 -3.27 23.32 -3.96
C ALA E 117 -3.86 23.78 -5.29
N LEU E 118 -4.80 23.00 -5.82
CA LEU E 118 -5.37 23.28 -7.13
C LEU E 118 -6.29 24.49 -7.03
N ALA E 119 -7.07 24.54 -5.94
CA ALA E 119 -8.06 25.59 -5.73
C ALA E 119 -7.36 26.95 -5.59
N THR E 120 -6.19 26.94 -4.91
CA THR E 120 -5.39 28.14 -4.71
C THR E 120 -4.91 28.68 -6.05
N GLU E 121 -4.50 27.77 -6.95
CA GLU E 121 -4.09 28.13 -8.30
C GLU E 121 -5.24 28.79 -9.05
N ILE E 122 -6.41 28.13 -9.05
CA ILE E 122 -7.56 28.57 -9.80
C ILE E 122 -7.96 29.97 -9.34
N MET E 123 -8.21 30.12 -8.03
CA MET E 123 -8.66 31.38 -7.48
C MET E 123 -7.57 32.44 -7.63
N GLY E 124 -6.31 32.01 -7.56
CA GLY E 124 -5.18 32.89 -7.82
C GLY E 124 -5.40 33.69 -9.11
N ARG E 125 -5.79 32.98 -10.18
N ARG E 125 -5.84 32.98 -10.16
CA ARG E 125 -5.98 33.56 -11.51
CA ARG E 125 -5.99 33.52 -11.50
C ARG E 125 -7.26 34.39 -11.55
C ARG E 125 -7.41 34.01 -11.73
N LEU E 126 -8.20 34.10 -10.64
CA LEU E 126 -9.54 34.66 -10.68
C LEU E 126 -9.68 35.83 -9.70
N ARG E 127 -8.69 36.02 -8.82
CA ARG E 127 -8.66 37.16 -7.92
C ARG E 127 -9.12 38.41 -8.67
N GLY E 128 -10.19 39.02 -8.17
CA GLY E 128 -10.63 40.33 -8.62
C GLY E 128 -11.66 40.25 -9.75
N ALA E 129 -12.00 39.03 -10.18
CA ALA E 129 -12.93 38.84 -11.27
C ALA E 129 -14.20 38.13 -10.81
N VAL E 130 -14.10 37.34 -9.74
CA VAL E 130 -15.21 36.52 -9.26
C VAL E 130 -15.43 36.73 -7.77
N THR E 131 -16.70 36.62 -7.35
CA THR E 131 -17.08 36.62 -5.94
C THR E 131 -17.40 35.18 -5.51
N PRO E 132 -16.83 34.68 -4.40
CA PRO E 132 -17.11 33.32 -3.93
C PRO E 132 -18.50 33.23 -3.31
N GLN E 133 -19.28 32.24 -3.76
CA GLN E 133 -20.62 32.05 -3.25
C GLN E 133 -20.64 30.90 -2.24
N ASP E 134 -19.71 29.95 -2.39
CA ASP E 134 -19.65 28.80 -1.52
C ASP E 134 -18.30 28.09 -1.65
N GLU E 135 -17.77 27.66 -0.50
CA GLU E 135 -16.56 26.85 -0.44
C GLU E 135 -16.76 25.77 0.60
N VAL E 136 -16.62 24.51 0.18
CA VAL E 136 -16.86 23.38 1.06
C VAL E 136 -15.71 22.39 0.92
N HIS E 137 -15.09 22.03 2.05
CA HIS E 137 -14.06 21.02 2.07
C HIS E 137 -14.69 19.71 2.54
N GLY E 138 -14.76 18.75 1.62
CA GLY E 138 -15.41 17.48 1.86
C GLY E 138 -14.41 16.38 2.24
N PHE E 139 -14.89 15.43 3.05
CA PHE E 139 -14.17 14.22 3.39
C PHE E 139 -15.17 13.06 3.36
N LYS E 140 -14.70 11.88 2.98
CA LYS E 140 -15.54 10.69 2.98
C LYS E 140 -15.03 9.77 4.09
N TYR E 141 -15.95 9.14 4.81
CA TYR E 141 -15.59 8.21 5.88
C TYR E 141 -14.91 6.99 5.26
N PHE E 142 -14.21 6.22 6.09
CA PHE E 142 -13.24 5.25 5.59
C PHE E 142 -13.96 4.05 4.98
N ASP E 143 -15.14 3.71 5.52
CA ASP E 143 -15.95 2.60 5.01
C ASP E 143 -17.00 3.14 4.02
N GLU E 144 -16.74 4.34 3.49
CA GLU E 144 -17.52 4.97 2.44
C GLU E 144 -18.86 5.46 2.97
N ARG E 145 -18.96 5.66 4.29
CA ARG E 145 -20.21 6.10 4.88
C ARG E 145 -20.33 7.62 4.77
N ASP E 146 -21.57 8.11 4.77
CA ASP E 146 -21.85 9.54 4.80
C ASP E 146 -22.16 9.96 6.23
N MET E 147 -22.61 11.21 6.39
CA MET E 147 -22.80 11.84 7.69
C MET E 147 -23.93 11.17 8.47
N LEU E 148 -24.87 10.56 7.76
CA LEU E 148 -25.99 9.88 8.38
C LEU E 148 -25.59 8.47 8.82
N GLY E 149 -24.41 8.03 8.40
CA GLY E 149 -23.84 6.78 8.88
C GLY E 149 -24.01 5.63 7.88
N PHE E 150 -24.54 5.92 6.69
CA PHE E 150 -24.84 4.89 5.72
C PHE E 150 -23.85 4.94 4.57
N VAL E 151 -23.40 3.76 4.13
CA VAL E 151 -22.63 3.59 2.91
C VAL E 151 -23.32 4.40 1.81
N ASP E 152 -22.57 5.29 1.16
CA ASP E 152 -23.13 6.24 0.21
C ASP E 152 -22.40 6.09 -1.12
N GLY E 153 -23.14 5.65 -2.15
CA GLY E 153 -22.63 5.60 -3.52
C GLY E 153 -22.65 4.20 -4.11
N THR E 154 -23.43 3.31 -3.48
CA THR E 154 -23.39 1.88 -3.76
C THR E 154 -23.90 1.59 -5.16
N GLU E 155 -25.00 2.28 -5.55
CA GLU E 155 -25.73 1.96 -6.76
C GLU E 155 -25.40 2.93 -7.89
N ASN E 156 -24.35 3.76 -7.71
CA ASN E 156 -23.85 4.56 -8.82
C ASN E 156 -23.49 3.63 -9.97
N PRO E 157 -23.87 3.96 -11.22
CA PRO E 157 -23.47 3.13 -12.37
C PRO E 157 -21.96 3.18 -12.52
N THR E 158 -21.40 2.11 -13.09
CA THR E 158 -19.97 2.03 -13.35
C THR E 158 -19.77 1.73 -14.84
N GLY E 159 -18.51 1.76 -15.28
CA GLY E 159 -18.13 1.36 -16.62
C GLY E 159 -19.01 2.02 -17.68
N ALA E 160 -19.68 1.17 -18.48
CA ALA E 160 -20.37 1.60 -19.68
C ALA E 160 -21.74 2.21 -19.34
N ALA E 161 -22.40 1.65 -18.32
CA ALA E 161 -23.68 2.17 -17.85
C ALA E 161 -23.53 3.63 -17.44
N ALA E 162 -22.42 3.92 -16.75
CA ALA E 162 -22.07 5.25 -16.31
C ALA E 162 -21.88 6.17 -17.52
N ARG E 163 -21.17 5.69 -18.55
CA ARG E 163 -20.88 6.48 -19.73
C ARG E 163 -22.18 6.99 -20.35
N ARG E 164 -23.18 6.09 -20.42
CA ARG E 164 -24.43 6.35 -21.12
C ARG E 164 -25.35 7.24 -20.31
N ALA E 165 -25.22 7.19 -18.97
CA ALA E 165 -26.09 7.93 -18.08
C ALA E 165 -25.60 9.37 -17.90
N VAL E 166 -24.29 9.57 -18.10
CA VAL E 166 -23.61 10.77 -17.63
C VAL E 166 -23.25 11.67 -18.80
N LEU E 167 -22.77 11.07 -19.91
CA LEU E 167 -22.19 11.84 -21.00
C LEU E 167 -23.22 12.14 -22.08
N VAL E 168 -23.22 13.40 -22.53
CA VAL E 168 -24.04 13.86 -23.64
C VAL E 168 -23.50 13.22 -24.92
N GLY E 169 -24.42 12.83 -25.81
CA GLY E 169 -24.07 12.18 -27.07
C GLY E 169 -24.82 12.80 -28.25
N ALA E 170 -25.39 11.93 -29.08
CA ALA E 170 -25.90 12.24 -30.40
C ALA E 170 -27.06 13.24 -30.33
N GLU E 171 -27.76 13.27 -29.19
CA GLU E 171 -28.96 14.08 -29.02
C GLU E 171 -28.62 15.56 -29.04
N ASP E 172 -27.39 15.90 -28.62
CA ASP E 172 -26.90 17.26 -28.64
C ASP E 172 -25.44 17.25 -29.11
N PRO E 173 -25.20 17.02 -30.42
CA PRO E 173 -23.89 16.57 -30.89
C PRO E 173 -22.75 17.57 -30.77
N ALA E 174 -23.11 18.86 -30.67
CA ALA E 174 -22.13 19.92 -30.58
C ALA E 174 -21.56 20.01 -29.15
N PHE E 175 -22.09 19.18 -28.25
CA PHE E 175 -21.70 19.23 -26.84
C PHE E 175 -21.43 17.83 -26.30
N ALA E 176 -21.35 16.84 -27.20
CA ALA E 176 -21.04 15.46 -26.84
C ALA E 176 -19.79 15.41 -25.95
N GLY E 177 -19.87 14.63 -24.87
CA GLY E 177 -18.79 14.53 -23.90
C GLY E 177 -19.00 15.48 -22.73
N GLY E 178 -19.96 16.42 -22.87
CA GLY E 178 -20.35 17.29 -21.79
C GLY E 178 -21.24 16.54 -20.79
N SER E 179 -21.57 17.21 -19.68
CA SER E 179 -22.43 16.63 -18.66
C SER E 179 -23.16 17.73 -17.90
N TYR E 180 -24.21 17.33 -17.17
CA TYR E 180 -25.00 18.26 -16.37
C TYR E 180 -24.81 17.91 -14.90
N ALA E 181 -24.31 18.87 -14.13
CA ALA E 181 -24.06 18.69 -12.70
C ALA E 181 -25.06 19.51 -11.89
N VAL E 182 -25.76 18.85 -10.97
CA VAL E 182 -26.61 19.54 -10.01
C VAL E 182 -25.97 19.43 -8.64
N VAL E 183 -26.07 20.54 -7.88
CA VAL E 183 -25.40 20.71 -6.61
C VAL E 183 -26.41 21.22 -5.58
N GLN E 184 -26.34 20.66 -4.37
CA GLN E 184 -27.15 21.08 -3.24
C GLN E 184 -26.38 20.85 -1.94
N LYS E 185 -26.25 21.91 -1.13
CA LYS E 185 -25.63 21.81 0.17
C LYS E 185 -26.70 21.50 1.22
N TYR E 186 -26.53 20.34 1.89
CA TYR E 186 -27.48 19.89 2.88
C TYR E 186 -26.87 20.01 4.27
N LEU E 187 -27.69 20.51 5.22
N LEU E 187 -27.66 20.59 5.18
CA LEU E 187 -27.33 20.53 6.63
CA LEU E 187 -27.39 20.53 6.61
C LEU E 187 -28.27 19.61 7.38
C LEU E 187 -28.28 19.46 7.22
N HIS E 188 -27.69 18.63 8.08
CA HIS E 188 -28.44 17.58 8.77
C HIS E 188 -28.74 17.98 10.22
N ASP E 189 -29.85 17.45 10.72
CA ASP E 189 -30.17 17.49 12.14
C ASP E 189 -29.75 16.15 12.76
N ILE E 190 -28.51 16.12 13.27
CA ILE E 190 -27.90 14.89 13.75
C ILE E 190 -28.61 14.42 15.03
N ASP E 191 -29.02 15.37 15.87
CA ASP E 191 -29.69 15.06 17.12
C ASP E 191 -30.95 14.26 16.86
N ALA E 192 -31.83 14.79 16.02
CA ALA E 192 -33.05 14.10 15.62
C ALA E 192 -32.70 12.73 15.04
N TRP E 193 -31.76 12.70 14.09
CA TRP E 193 -31.40 11.49 13.35
C TRP E 193 -30.91 10.41 14.31
N GLU E 194 -30.00 10.77 15.23
CA GLU E 194 -29.41 9.81 16.13
C GLU E 194 -30.42 9.34 17.18
N GLY E 195 -31.59 9.99 17.21
CA GLY E 195 -32.66 9.61 18.12
C GLY E 195 -33.41 8.39 17.61
N LEU E 196 -33.46 8.23 16.28
CA LEU E 196 -34.05 7.06 15.65
C LEU E 196 -33.21 5.82 15.97
N SER E 197 -33.87 4.66 16.05
CA SER E 197 -33.18 3.39 16.12
C SER E 197 -32.65 3.05 14.74
N VAL E 198 -31.81 2.02 14.66
CA VAL E 198 -31.21 1.61 13.39
C VAL E 198 -32.33 1.24 12.42
N GLU E 199 -33.31 0.46 12.92
CA GLU E 199 -34.37 -0.11 12.10
C GLU E 199 -35.17 1.02 11.42
N ALA E 200 -35.47 2.07 12.20
CA ALA E 200 -36.28 3.19 11.73
C ALA E 200 -35.51 4.01 10.70
N GLN E 201 -34.18 4.08 10.88
CA GLN E 201 -33.30 4.79 9.97
C GLN E 201 -33.25 4.06 8.63
N GLU E 202 -33.27 2.73 8.68
CA GLU E 202 -33.26 1.90 7.49
C GLU E 202 -34.55 2.11 6.72
N ARG E 203 -35.65 2.30 7.46
N ARG E 203 -35.65 2.30 7.45
CA ARG E 203 -36.95 2.59 6.88
CA ARG E 203 -36.95 2.58 6.84
C ARG E 203 -36.90 3.93 6.14
C ARG E 203 -36.93 3.95 6.15
N VAL E 204 -36.07 4.85 6.63
CA VAL E 204 -35.91 6.17 6.03
C VAL E 204 -35.08 6.06 4.75
N ILE E 205 -34.01 5.27 4.77
CA ILE E 205 -33.07 5.22 3.66
C ILE E 205 -33.54 4.23 2.60
N GLY E 206 -33.72 2.97 3.00
CA GLY E 206 -34.19 1.91 2.10
C GLY E 206 -33.27 0.69 2.14
N ARG E 207 -32.23 0.76 2.98
CA ARG E 207 -31.19 -0.26 3.00
C ARG E 207 -30.73 -0.46 4.43
N ARG E 208 -30.19 -1.66 4.70
CA ARG E 208 -29.65 -2.01 6.01
C ARG E 208 -28.41 -1.17 6.27
N LYS E 209 -28.22 -0.74 7.52
CA LYS E 209 -27.17 0.20 7.87
C LYS E 209 -25.80 -0.46 7.81
N MET E 210 -25.64 -1.58 8.53
CA MET E 210 -24.34 -2.23 8.62
C MET E 210 -23.97 -2.93 7.31
N THR E 211 -24.92 -3.66 6.72
CA THR E 211 -24.60 -4.56 5.61
C THR E 211 -24.82 -3.87 4.27
N ASP E 212 -25.66 -2.84 4.23
CA ASP E 212 -25.92 -2.04 3.03
C ASP E 212 -26.65 -2.90 1.99
N VAL E 213 -27.26 -4.00 2.46
CA VAL E 213 -28.19 -4.78 1.67
C VAL E 213 -29.46 -3.97 1.53
N GLU E 214 -30.05 -3.97 0.34
CA GLU E 214 -31.28 -3.24 0.09
C GLU E 214 -32.44 -3.98 0.78
N LEU E 215 -33.44 -3.22 1.23
CA LEU E 215 -34.67 -3.79 1.77
C LEU E 215 -35.50 -4.35 0.61
N SER E 216 -36.07 -5.54 0.79
CA SER E 216 -36.92 -6.16 -0.22
C SER E 216 -38.13 -5.28 -0.48
N ASP E 217 -38.61 -5.28 -1.73
CA ASP E 217 -39.73 -4.46 -2.16
C ASP E 217 -40.95 -4.78 -1.31
N ASP E 218 -40.95 -6.01 -0.78
CA ASP E 218 -41.95 -6.53 0.13
C ASP E 218 -42.03 -5.68 1.40
N VAL E 219 -40.90 -5.08 1.81
CA VAL E 219 -40.81 -4.40 3.09
C VAL E 219 -40.60 -2.90 2.91
N LYS E 220 -39.74 -2.53 1.96
CA LYS E 220 -39.29 -1.16 1.76
C LYS E 220 -40.47 -0.19 1.74
N PRO E 221 -40.44 0.89 2.56
CA PRO E 221 -41.47 1.92 2.51
C PRO E 221 -41.44 2.67 1.17
N ALA E 222 -42.57 3.31 0.84
CA ALA E 222 -42.70 3.98 -0.43
C ALA E 222 -42.22 5.43 -0.34
N ASP E 223 -41.97 5.89 0.90
CA ASP E 223 -41.43 7.22 1.11
C ASP E 223 -39.98 7.13 1.62
N SER E 224 -39.37 5.96 1.42
CA SER E 224 -37.94 5.81 1.69
C SER E 224 -37.16 6.46 0.55
N HIS E 225 -35.91 6.81 0.83
CA HIS E 225 -35.10 7.59 -0.09
C HIS E 225 -34.85 6.80 -1.36
N VAL E 226 -34.54 5.51 -1.19
CA VAL E 226 -34.24 4.62 -2.30
C VAL E 226 -35.47 4.44 -3.20
N ALA E 227 -36.66 4.38 -2.58
CA ALA E 227 -37.91 4.20 -3.30
C ALA E 227 -38.16 5.39 -4.23
N LEU E 228 -37.90 6.60 -3.72
CA LEU E 228 -38.32 7.81 -4.42
C LEU E 228 -37.28 8.22 -5.45
N THR E 229 -36.05 7.71 -5.32
CA THR E 229 -35.00 8.05 -6.27
C THR E 229 -34.82 6.95 -7.31
N SER E 230 -35.52 5.83 -7.13
CA SER E 230 -35.64 4.82 -8.17
C SER E 230 -36.67 5.26 -9.21
N VAL E 231 -36.19 5.45 -10.45
CA VAL E 231 -37.00 5.94 -11.55
C VAL E 231 -36.82 5.03 -12.76
N THR E 232 -37.93 4.68 -13.41
CA THR E 232 -37.92 4.00 -14.69
C THR E 232 -38.32 4.99 -15.78
N GLY E 233 -37.96 4.68 -17.03
CA GLY E 233 -38.35 5.49 -18.17
C GLY E 233 -39.52 4.86 -18.93
N PRO E 234 -39.89 5.38 -20.12
CA PRO E 234 -40.85 4.71 -21.00
C PRO E 234 -40.25 3.44 -21.61
N ASP E 235 -38.93 3.47 -21.82
CA ASP E 235 -38.16 2.34 -22.29
C ASP E 235 -38.23 1.21 -21.27
N GLY E 236 -38.65 1.55 -20.04
CA GLY E 236 -38.70 0.61 -18.93
C GLY E 236 -37.35 0.54 -18.23
N SER E 237 -36.32 1.10 -18.88
CA SER E 237 -34.96 1.17 -18.36
C SER E 237 -34.92 2.06 -17.13
N ASP E 238 -34.03 1.72 -16.20
CA ASP E 238 -33.76 2.54 -15.03
C ASP E 238 -33.08 3.83 -15.47
N LEU E 239 -33.49 4.95 -14.86
CA LEU E 239 -32.89 6.25 -15.12
C LEU E 239 -31.93 6.57 -13.99
N GLU E 240 -30.65 6.76 -14.33
CA GLU E 240 -29.59 6.78 -13.33
C GLU E 240 -28.85 8.11 -13.40
N ILE E 241 -28.28 8.51 -12.25
CA ILE E 241 -27.36 9.63 -12.17
C ILE E 241 -26.07 9.13 -11.52
N LEU E 242 -25.01 9.93 -11.59
CA LEU E 242 -23.77 9.62 -10.89
C LEU E 242 -23.60 10.62 -9.75
N ARG E 243 -23.39 10.09 -8.53
CA ARG E 243 -23.28 10.93 -7.35
C ARG E 243 -21.87 10.83 -6.77
N ASP E 244 -21.49 11.87 -6.02
CA ASP E 244 -20.29 11.84 -5.21
C ASP E 244 -20.53 12.70 -3.96
N ASN E 245 -21.57 12.30 -3.20
CA ASN E 245 -21.94 12.92 -1.94
C ASN E 245 -20.72 12.94 -1.02
N MET E 246 -20.54 14.05 -0.30
CA MET E 246 -19.39 14.23 0.57
C MET E 246 -19.85 14.83 1.90
N PRO E 247 -19.57 14.15 3.04
CA PRO E 247 -19.61 14.80 4.35
C PRO E 247 -18.75 16.06 4.44
N PHE E 248 -19.19 17.00 5.28
CA PHE E 248 -18.40 18.17 5.64
C PHE E 248 -18.99 18.75 6.92
N GLY E 249 -18.22 19.58 7.62
CA GLY E 249 -18.80 20.37 8.68
C GLY E 249 -17.79 21.00 9.63
N SER E 250 -18.32 21.39 10.79
CA SER E 250 -17.58 22.02 11.87
C SER E 250 -18.25 21.67 13.19
N VAL E 251 -17.50 21.03 14.09
CA VAL E 251 -18.03 20.53 15.35
C VAL E 251 -18.39 21.71 16.25
N GLY E 252 -17.69 22.83 16.08
CA GLY E 252 -17.85 24.00 16.92
C GLY E 252 -19.15 24.74 16.60
N ARG E 253 -19.50 24.80 15.32
CA ARG E 253 -20.70 25.53 14.90
C ARG E 253 -21.88 24.58 14.73
N GLU E 254 -21.68 23.30 15.07
CA GLU E 254 -22.69 22.25 14.98
C GLU E 254 -23.22 22.11 13.56
N GLU E 255 -22.33 22.29 12.59
N GLU E 255 -22.34 22.35 12.58
CA GLU E 255 -22.66 22.19 11.17
CA GLU E 255 -22.70 22.17 11.18
C GLU E 255 -22.22 20.80 10.68
C GLU E 255 -22.23 20.79 10.74
N PHE E 256 -23.20 19.91 10.47
CA PHE E 256 -22.94 18.56 9.98
C PHE E 256 -23.74 18.36 8.70
N GLY E 257 -23.03 18.13 7.59
CA GLY E 257 -23.67 18.24 6.29
C GLY E 257 -23.33 17.12 5.32
N THR E 258 -24.11 17.07 4.24
CA THR E 258 -23.79 16.33 3.03
C THR E 258 -23.79 17.32 1.88
N TYR E 259 -22.76 17.27 1.04
CA TYR E 259 -22.76 18.08 -0.16
C TYR E 259 -23.14 17.18 -1.33
N PHE E 260 -24.38 17.36 -1.83
CA PHE E 260 -24.86 16.59 -2.96
C PHE E 260 -24.32 17.16 -4.27
N ILE E 261 -23.66 16.29 -5.04
CA ILE E 261 -23.37 16.54 -6.45
C ILE E 261 -23.85 15.34 -7.27
N GLY E 262 -24.62 15.63 -8.32
CA GLY E 262 -25.18 14.60 -9.19
C GLY E 262 -24.95 14.95 -10.66
N TYR E 263 -24.51 13.95 -11.42
CA TYR E 263 -24.24 14.10 -12.84
C TYR E 263 -25.21 13.23 -13.65
N ALA E 264 -25.72 13.81 -14.73
CA ALA E 264 -26.62 13.13 -15.65
C ALA E 264 -26.42 13.72 -17.04
N ARG E 265 -26.73 12.93 -18.08
CA ARG E 265 -26.56 13.35 -19.46
C ARG E 265 -27.63 14.37 -19.82
N THR E 266 -28.69 14.45 -19.00
CA THR E 266 -29.76 15.42 -19.17
C THR E 266 -30.28 15.82 -17.79
N PRO E 267 -30.59 17.12 -17.54
CA PRO E 267 -31.10 17.55 -16.23
C PRO E 267 -32.44 16.95 -15.81
N GLU E 268 -33.23 16.52 -16.81
CA GLU E 268 -34.58 16.00 -16.57
C GLU E 268 -34.53 14.90 -15.52
N VAL E 269 -33.57 13.98 -15.65
CA VAL E 269 -33.44 12.84 -14.76
C VAL E 269 -33.32 13.32 -13.32
N THR E 270 -32.39 14.26 -13.09
CA THR E 270 -32.07 14.78 -11.77
C THR E 270 -33.29 15.53 -11.22
N GLU E 271 -33.93 16.31 -12.08
CA GLU E 271 -35.04 17.18 -11.71
C GLU E 271 -36.25 16.33 -11.33
N THR E 272 -36.44 15.21 -12.06
CA THR E 272 -37.54 14.29 -11.83
C THR E 272 -37.36 13.64 -10.45
N MET E 273 -36.12 13.29 -10.14
CA MET E 273 -35.79 12.72 -8.85
C MET E 273 -36.05 13.75 -7.75
N LEU E 274 -35.67 15.01 -8.01
CA LEU E 274 -35.90 16.09 -7.06
C LEU E 274 -37.40 16.27 -6.84
N GLU E 275 -38.17 16.19 -7.93
CA GLU E 275 -39.61 16.42 -7.90
C GLU E 275 -40.26 15.44 -6.95
N ARG E 276 -39.88 14.17 -7.06
CA ARG E 276 -40.49 13.09 -6.31
C ARG E 276 -40.13 13.22 -4.83
N MET E 277 -38.93 13.74 -4.56
CA MET E 277 -38.41 13.84 -3.20
C MET E 277 -39.12 14.97 -2.44
N PHE E 278 -39.42 16.06 -3.16
CA PHE E 278 -39.83 17.30 -2.53
C PHE E 278 -41.33 17.52 -2.63
N LEU E 279 -41.93 17.08 -3.75
CA LEU E 279 -43.33 17.34 -4.02
C LEU E 279 -44.15 16.08 -3.81
N GLY E 280 -43.47 14.93 -3.85
CA GLY E 280 -44.05 13.65 -3.49
C GLY E 280 -44.61 12.89 -4.70
N THR E 281 -45.22 11.74 -4.41
CA THR E 281 -46.04 10.98 -5.32
C THR E 281 -47.41 10.81 -4.67
N ALA E 282 -48.25 9.93 -5.24
CA ALA E 282 -49.55 9.63 -4.67
C ALA E 282 -49.38 8.90 -3.34
N SER E 283 -48.36 8.03 -3.29
CA SER E 283 -48.11 7.15 -2.15
C SER E 283 -47.38 7.90 -1.04
N ALA E 284 -46.38 8.70 -1.44
CA ALA E 284 -45.45 9.32 -0.50
C ALA E 284 -45.65 10.83 -0.47
N PRO E 285 -45.84 11.45 0.71
CA PRO E 285 -45.91 12.90 0.81
C PRO E 285 -44.59 13.57 0.40
N HIS E 286 -43.48 13.05 0.93
CA HIS E 286 -42.15 13.51 0.59
C HIS E 286 -41.13 12.41 0.91
N ASP E 287 -39.89 12.66 0.50
CA ASP E 287 -38.77 11.78 0.83
C ASP E 287 -38.39 11.98 2.29
N ARG E 288 -38.43 10.88 3.06
CA ARG E 288 -38.22 10.88 4.50
C ARG E 288 -36.85 11.45 4.88
N ILE E 289 -35.91 11.45 3.93
CA ILE E 289 -34.56 11.92 4.22
C ILE E 289 -34.60 13.42 4.49
N LEU E 290 -35.62 14.10 3.94
CA LEU E 290 -35.75 15.54 4.03
C LEU E 290 -36.17 15.95 5.43
N ASP E 291 -36.74 15.01 6.19
CA ASP E 291 -37.16 15.26 7.56
C ASP E 291 -35.93 15.41 8.47
N PHE E 292 -34.73 15.15 7.91
CA PHE E 292 -33.49 15.22 8.66
C PHE E 292 -32.43 15.95 7.83
N SER E 293 -32.86 16.53 6.71
CA SER E 293 -31.92 17.18 5.81
C SER E 293 -32.56 18.43 5.19
N THR E 294 -31.80 19.53 5.20
CA THR E 294 -32.26 20.82 4.71
C THR E 294 -31.30 21.30 3.62
N ALA E 295 -31.84 21.64 2.45
CA ALA E 295 -31.06 22.19 1.35
C ALA E 295 -30.90 23.69 1.58
N VAL E 296 -29.66 24.18 1.44
CA VAL E 296 -29.40 25.59 1.71
C VAL E 296 -28.76 26.24 0.49
N THR E 297 -28.27 25.41 -0.45
CA THR E 297 -27.91 25.89 -1.78
C THR E 297 -28.58 24.99 -2.82
N GLY E 298 -28.52 25.43 -4.07
CA GLY E 298 -29.10 24.70 -5.20
C GLY E 298 -28.73 25.39 -6.51
N SER E 299 -27.88 24.72 -7.30
CA SER E 299 -27.41 25.30 -8.55
C SER E 299 -27.23 24.19 -9.58
N LEU E 300 -27.25 24.58 -10.86
CA LEU E 300 -27.14 23.65 -11.97
C LEU E 300 -26.08 24.14 -12.95
N PHE E 301 -25.24 23.20 -13.40
CA PHE E 301 -24.12 23.53 -14.28
C PHE E 301 -24.04 22.54 -15.44
N PHE E 302 -23.58 23.05 -16.59
CA PHE E 302 -23.15 22.21 -17.69
C PHE E 302 -21.63 22.11 -17.64
N THR E 303 -21.13 20.88 -17.50
CA THR E 303 -19.70 20.64 -17.52
C THR E 303 -19.31 20.17 -18.92
N PRO E 304 -18.79 21.08 -19.78
CA PRO E 304 -18.46 20.72 -21.16
C PRO E 304 -17.39 19.65 -21.29
N ALA E 305 -17.21 19.16 -22.52
CA ALA E 305 -16.05 18.34 -22.87
C ALA E 305 -14.79 19.17 -22.62
N ALA E 306 -13.68 18.49 -22.33
CA ALA E 306 -12.42 19.14 -22.02
C ALA E 306 -11.94 19.98 -23.20
N ASP E 307 -12.05 19.42 -24.41
CA ASP E 307 -11.52 20.01 -25.63
C ASP E 307 -12.26 21.31 -25.96
N PHE E 308 -13.46 21.49 -25.38
CA PHE E 308 -14.22 22.71 -25.55
C PHE E 308 -13.52 23.85 -24.82
N LEU E 309 -13.12 23.58 -23.57
CA LEU E 309 -12.45 24.57 -22.73
C LEU E 309 -11.06 24.87 -23.28
N GLU E 310 -10.41 23.85 -23.84
CA GLU E 310 -9.06 23.93 -24.38
C GLU E 310 -9.05 24.83 -25.63
N ASP E 311 -10.19 24.88 -26.33
CA ASP E 311 -10.30 25.56 -27.61
C ASP E 311 -10.81 26.99 -27.45
N LEU E 312 -10.29 27.69 -26.43
CA LEU E 312 -10.68 29.08 -26.18
C LEU E 312 -9.43 29.98 -26.31
N PRO F 8 -5.88 -5.81 -33.75
CA PRO F 8 -4.57 -5.20 -33.94
C PRO F 8 -3.97 -4.70 -32.63
N GLU F 9 -3.10 -5.52 -32.02
CA GLU F 9 -2.70 -5.30 -30.64
C GLU F 9 -1.28 -4.73 -30.55
N PRO F 10 -1.12 -3.51 -29.98
CA PRO F 10 0.20 -2.91 -29.78
C PRO F 10 0.95 -3.52 -28.61
N GLN F 11 2.23 -3.14 -28.48
CA GLN F 11 3.03 -3.46 -27.30
C GLN F 11 2.69 -2.46 -26.20
N MET F 12 3.29 -2.64 -25.01
CA MET F 12 2.96 -1.84 -23.85
C MET F 12 3.66 -0.47 -23.95
N VAL F 13 3.46 0.21 -25.09
CA VAL F 13 4.00 1.53 -25.31
C VAL F 13 3.42 2.47 -24.25
N LEU F 14 2.09 2.43 -24.12
CA LEU F 14 1.36 3.22 -23.14
C LEU F 14 1.36 2.49 -21.81
N SER F 15 2.53 2.53 -21.14
CA SER F 15 2.70 1.86 -19.87
C SER F 15 2.19 2.76 -18.73
N PRO F 16 1.59 2.18 -17.67
CA PRO F 16 1.39 2.92 -16.41
C PRO F 16 2.74 3.43 -15.93
N LEU F 17 2.72 4.52 -15.16
CA LEU F 17 3.93 5.08 -14.57
C LEU F 17 4.73 3.96 -13.90
N THR F 18 5.97 3.78 -14.37
CA THR F 18 6.94 2.87 -13.77
C THR F 18 8.04 3.72 -13.13
N SER F 19 8.90 3.08 -12.34
CA SER F 19 9.87 3.82 -11.54
C SER F 19 11.25 3.18 -11.68
N ALA F 20 11.28 2.02 -12.33
CA ALA F 20 12.53 1.43 -12.78
C ALA F 20 12.40 1.19 -14.28
N ALA F 21 13.56 1.16 -14.96
CA ALA F 21 13.63 0.85 -16.38
C ALA F 21 15.04 0.42 -16.75
N ILE F 22 15.14 -0.51 -17.69
CA ILE F 22 16.41 -0.85 -18.32
C ILE F 22 16.30 -0.58 -19.81
N PHE F 23 17.27 0.18 -20.33
CA PHE F 23 17.42 0.38 -21.76
C PHE F 23 18.55 -0.52 -22.25
N LEU F 24 18.22 -1.42 -23.17
CA LEU F 24 19.20 -2.22 -23.88
C LEU F 24 19.22 -1.82 -25.35
N VAL F 25 20.42 -1.56 -25.87
CA VAL F 25 20.62 -1.30 -27.28
C VAL F 25 21.74 -2.21 -27.76
N VAL F 26 21.43 -3.02 -28.78
CA VAL F 26 22.34 -4.04 -29.25
C VAL F 26 22.39 -3.97 -30.77
N THR F 27 23.56 -4.32 -31.33
CA THR F 27 23.73 -4.53 -32.76
C THR F 27 23.78 -6.03 -33.03
N ILE F 28 23.24 -6.43 -34.19
CA ILE F 28 23.21 -7.83 -34.59
C ILE F 28 24.54 -8.16 -35.26
N ASP F 29 25.28 -9.11 -34.67
CA ASP F 29 26.49 -9.63 -35.28
C ASP F 29 26.13 -10.30 -36.60
N SER F 30 27.10 -10.33 -37.52
CA SER F 30 26.96 -11.02 -38.80
C SER F 30 26.73 -12.51 -38.55
N GLY F 31 25.63 -13.03 -39.08
CA GLY F 31 25.28 -14.44 -38.95
C GLY F 31 24.21 -14.68 -37.89
N GLY F 32 23.94 -13.67 -37.06
CA GLY F 32 23.11 -13.84 -35.87
C GLY F 32 21.62 -13.69 -36.15
N GLU F 33 21.25 -13.46 -37.42
CA GLU F 33 19.88 -13.07 -37.79
C GLU F 33 18.84 -14.07 -37.28
N ASP F 34 19.14 -15.38 -37.41
CA ASP F 34 18.19 -16.43 -37.07
C ASP F 34 17.89 -16.41 -35.57
N THR F 35 18.94 -16.26 -34.77
CA THR F 35 18.83 -16.30 -33.32
C THR F 35 17.94 -15.16 -32.84
N VAL F 36 18.09 -13.99 -33.48
CA VAL F 36 17.31 -12.81 -33.16
C VAL F 36 15.84 -13.07 -33.45
N ARG F 37 15.55 -13.69 -34.61
CA ARG F 37 14.18 -13.97 -35.02
C ARG F 37 13.51 -14.92 -34.03
N ASP F 38 14.25 -15.94 -33.58
CA ASP F 38 13.77 -16.90 -32.60
C ASP F 38 13.34 -16.18 -31.32
N LEU F 39 14.12 -15.18 -30.91
CA LEU F 39 13.86 -14.46 -29.67
C LEU F 39 12.66 -13.52 -29.84
N LEU F 40 12.59 -12.84 -30.99
CA LEU F 40 11.53 -11.88 -31.23
C LEU F 40 10.17 -12.54 -31.05
N SER F 41 10.07 -13.84 -31.36
CA SER F 41 8.80 -14.54 -31.28
C SER F 41 8.50 -14.99 -29.85
N ASP F 42 9.50 -14.94 -28.96
CA ASP F 42 9.35 -15.44 -27.61
C ASP F 42 9.37 -14.31 -26.57
N VAL F 43 9.61 -13.08 -27.02
N VAL F 43 9.65 -13.08 -27.02
CA VAL F 43 9.84 -11.96 -26.13
CA VAL F 43 9.83 -11.96 -26.10
C VAL F 43 8.61 -11.76 -25.23
C VAL F 43 8.61 -11.86 -25.20
N ALA F 44 7.42 -11.92 -25.82
CA ALA F 44 6.15 -11.79 -25.09
C ALA F 44 6.02 -12.90 -24.05
N SER F 45 6.46 -14.11 -24.40
N SER F 45 6.47 -14.11 -24.39
CA SER F 45 6.36 -15.27 -23.52
CA SER F 45 6.35 -15.25 -23.50
C SER F 45 7.32 -15.11 -22.33
C SER F 45 7.33 -15.14 -22.34
N LEU F 46 8.46 -14.46 -22.59
CA LEU F 46 9.48 -14.23 -21.58
C LEU F 46 9.05 -13.09 -20.65
N GLU F 47 8.29 -12.14 -21.21
CA GLU F 47 7.71 -11.06 -20.42
C GLU F 47 6.84 -11.67 -19.33
N ARG F 48 5.98 -12.62 -19.74
CA ARG F 48 5.06 -13.27 -18.83
C ARG F 48 5.82 -14.20 -17.88
N ALA F 49 6.75 -14.98 -18.43
CA ALA F 49 7.52 -15.95 -17.67
C ALA F 49 8.11 -15.29 -16.42
N VAL F 50 8.52 -14.03 -16.56
CA VAL F 50 9.21 -13.31 -15.49
C VAL F 50 8.20 -12.49 -14.68
N GLY F 51 7.23 -11.89 -15.37
CA GLY F 51 6.40 -10.84 -14.79
C GLY F 51 5.18 -11.36 -14.04
N PHE F 52 4.70 -12.55 -14.40
CA PHE F 52 3.39 -13.00 -13.96
C PHE F 52 3.37 -13.17 -12.43
N ARG F 53 4.46 -13.70 -11.87
CA ARG F 53 4.49 -14.10 -10.46
C ARG F 53 4.79 -12.92 -9.55
N ALA F 54 4.80 -11.71 -10.13
CA ALA F 54 4.97 -10.48 -9.36
C ALA F 54 3.72 -9.61 -9.52
N GLN F 55 2.94 -9.90 -10.57
CA GLN F 55 1.67 -9.25 -10.87
C GLN F 55 0.80 -9.25 -9.61
N PRO F 56 -0.01 -8.18 -9.38
CA PRO F 56 -0.16 -7.08 -10.34
C PRO F 56 0.71 -5.85 -10.10
N ASP F 57 1.60 -5.92 -9.11
CA ASP F 57 2.28 -4.75 -8.57
C ASP F 57 3.63 -4.52 -9.26
N GLY F 58 4.04 -5.47 -10.11
CA GLY F 58 5.32 -5.40 -10.78
C GLY F 58 5.27 -4.56 -12.05
N ARG F 59 4.17 -4.70 -12.80
CA ARG F 59 3.90 -3.97 -14.03
C ARG F 59 5.08 -4.08 -14.99
N LEU F 60 5.60 -5.30 -15.16
CA LEU F 60 6.71 -5.55 -16.05
C LEU F 60 6.21 -5.56 -17.49
N SER F 61 6.88 -4.79 -18.35
CA SER F 61 6.58 -4.71 -19.77
C SER F 61 7.86 -4.43 -20.55
N CYS F 62 8.04 -5.17 -21.64
CA CYS F 62 9.18 -4.99 -22.54
C CYS F 62 8.67 -4.53 -23.90
N VAL F 63 9.16 -3.38 -24.35
CA VAL F 63 8.90 -2.90 -25.70
C VAL F 63 10.12 -3.20 -26.57
N THR F 64 9.88 -3.79 -27.74
CA THR F 64 10.95 -4.24 -28.62
C THR F 64 10.99 -3.37 -29.88
N GLY F 65 12.16 -2.77 -30.13
CA GLY F 65 12.37 -1.91 -31.28
C GLY F 65 13.39 -2.52 -32.26
N ILE F 66 13.22 -2.20 -33.54
CA ILE F 66 14.09 -2.70 -34.60
C ILE F 66 14.54 -1.51 -35.45
N GLY F 67 15.83 -1.49 -35.79
CA GLY F 67 16.43 -0.40 -36.54
C GLY F 67 16.22 -0.56 -38.05
N SER F 68 16.54 0.50 -38.79
CA SER F 68 16.24 0.60 -40.22
C SER F 68 17.04 -0.43 -41.01
N GLU F 69 18.34 -0.51 -40.72
CA GLU F 69 19.27 -1.44 -41.35
C GLU F 69 18.98 -2.87 -40.91
N ALA F 70 18.59 -3.02 -39.63
CA ALA F 70 18.32 -4.32 -39.04
C ALA F 70 17.09 -4.94 -39.69
N TRP F 71 16.13 -4.08 -40.07
CA TRP F 71 14.87 -4.51 -40.65
C TRP F 71 15.09 -5.22 -41.97
N ASP F 72 16.03 -4.70 -42.78
CA ASP F 72 16.33 -5.26 -44.09
C ASP F 72 17.08 -6.58 -43.95
N ARG F 73 17.70 -6.80 -42.78
CA ARG F 73 18.41 -8.04 -42.51
C ARG F 73 17.44 -9.11 -42.05
N LEU F 74 16.39 -8.71 -41.31
CA LEU F 74 15.54 -9.66 -40.62
C LEU F 74 14.35 -10.05 -41.51
N PHE F 75 13.63 -9.05 -42.03
CA PHE F 75 12.41 -9.28 -42.78
C PHE F 75 12.64 -8.93 -44.24
N SER F 76 11.94 -9.63 -45.14
CA SER F 76 12.15 -9.47 -46.57
C SER F 76 10.96 -8.80 -47.23
N GLY F 77 9.86 -8.65 -46.48
CA GLY F 77 8.63 -8.09 -47.01
C GLY F 77 8.65 -6.57 -47.05
N ALA F 78 7.53 -5.96 -46.63
CA ALA F 78 7.35 -4.53 -46.65
C ALA F 78 8.02 -3.88 -45.44
N ARG F 79 8.50 -2.65 -45.63
CA ARG F 79 9.08 -1.82 -44.59
C ARG F 79 8.04 -0.84 -44.09
N PRO F 80 8.06 -0.46 -42.78
CA PRO F 80 7.26 0.67 -42.31
C PRO F 80 7.71 1.96 -42.99
N ALA F 81 6.75 2.84 -43.31
CA ALA F 81 6.96 3.98 -44.18
C ALA F 81 7.92 5.01 -43.56
N GLY F 82 8.01 5.03 -42.23
CA GLY F 82 8.74 6.08 -41.53
C GLY F 82 10.15 5.65 -41.11
N LEU F 83 10.47 4.36 -41.30
CA LEU F 83 11.70 3.79 -40.79
C LEU F 83 12.89 4.24 -41.66
N HIS F 84 13.85 4.90 -41.01
CA HIS F 84 15.12 5.29 -41.62
C HIS F 84 16.16 5.34 -40.50
N PRO F 85 17.49 5.37 -40.81
CA PRO F 85 18.50 5.58 -39.78
C PRO F 85 18.27 6.92 -39.08
N PHE F 86 18.68 7.02 -37.81
CA PHE F 86 18.60 8.27 -37.09
C PHE F 86 19.33 9.35 -37.90
N ARG F 87 18.68 10.50 -38.06
CA ARG F 87 19.27 11.64 -38.75
C ARG F 87 20.11 12.45 -37.78
N GLU F 88 21.38 12.67 -38.15
CA GLU F 88 22.32 13.46 -37.36
C GLU F 88 22.03 14.94 -37.59
N LEU F 89 22.35 15.77 -36.59
CA LEU F 89 22.04 17.19 -36.66
C LEU F 89 23.28 18.01 -36.27
N ASP F 90 23.95 18.57 -37.29
CA ASP F 90 25.07 19.48 -37.10
C ASP F 90 24.55 20.90 -36.90
N GLY F 91 24.25 21.23 -35.65
CA GLY F 91 23.83 22.58 -35.30
C GLY F 91 25.04 23.51 -35.21
N PRO F 92 24.82 24.85 -35.28
CA PRO F 92 25.91 25.82 -35.13
C PRO F 92 26.73 25.57 -33.87
N VAL F 93 26.05 25.12 -32.81
CA VAL F 93 26.68 24.97 -31.50
C VAL F 93 26.55 23.52 -31.02
N HIS F 94 25.36 22.93 -31.13
CA HIS F 94 25.07 21.63 -30.54
C HIS F 94 24.84 20.56 -31.60
N ARG F 95 25.37 19.36 -31.35
CA ARG F 95 25.31 18.26 -32.30
C ARG F 95 24.57 17.07 -31.69
N ALA F 96 23.58 16.56 -32.44
CA ALA F 96 22.85 15.35 -32.10
C ALA F 96 23.40 14.19 -32.93
N VAL F 97 24.23 13.36 -32.28
CA VAL F 97 25.00 12.27 -32.89
C VAL F 97 24.06 11.12 -33.25
N ALA F 98 24.48 10.33 -34.25
CA ALA F 98 23.85 9.06 -34.54
C ALA F 98 24.80 7.92 -34.14
N THR F 99 24.31 7.03 -33.27
CA THR F 99 25.12 5.92 -32.80
C THR F 99 24.50 4.59 -33.26
N PRO F 100 25.30 3.51 -33.40
CA PRO F 100 24.79 2.20 -33.82
C PRO F 100 23.81 1.60 -32.83
N GLY F 101 22.93 0.75 -33.34
CA GLY F 101 21.95 0.03 -32.55
C GLY F 101 20.87 -0.58 -33.44
N ASP F 102 20.76 -1.91 -33.41
CA ASP F 102 19.86 -2.63 -34.30
C ASP F 102 18.58 -3.00 -33.56
N LEU F 103 18.70 -3.28 -32.26
CA LEU F 103 17.55 -3.68 -31.46
C LEU F 103 17.42 -2.77 -30.24
N LEU F 104 16.17 -2.51 -29.85
CA LEU F 104 15.87 -1.78 -28.63
C LEU F 104 15.05 -2.67 -27.70
N PHE F 105 15.53 -2.79 -26.45
CA PHE F 105 14.75 -3.40 -25.38
C PHE F 105 14.48 -2.33 -24.33
N HIS F 106 13.24 -1.83 -24.31
CA HIS F 106 12.79 -0.88 -23.32
C HIS F 106 11.98 -1.62 -22.27
N ILE F 107 12.61 -1.88 -21.12
CA ILE F 107 12.03 -2.68 -20.05
C ILE F 107 11.67 -1.76 -18.88
N ARG F 108 10.44 -1.91 -18.36
CA ARG F 108 9.91 -1.02 -17.33
C ARG F 108 9.15 -1.83 -16.29
N ALA F 109 9.27 -1.41 -15.03
CA ALA F 109 8.66 -2.10 -13.90
C ALA F 109 8.66 -1.19 -12.68
N SER F 110 7.96 -1.62 -11.62
CA SER F 110 7.94 -0.90 -10.35
C SER F 110 9.24 -1.13 -9.61
N ARG F 111 9.88 -2.28 -9.85
CA ARG F 111 11.13 -2.61 -9.19
C ARG F 111 12.14 -3.12 -10.22
N LEU F 112 13.40 -2.77 -10.00
CA LEU F 112 14.47 -2.93 -10.98
C LEU F 112 14.76 -4.41 -11.25
N ASP F 113 14.64 -5.25 -10.22
CA ASP F 113 14.99 -6.67 -10.34
C ASP F 113 14.15 -7.35 -11.42
N LEU F 114 12.90 -6.91 -11.57
CA LEU F 114 12.01 -7.47 -12.59
C LEU F 114 12.53 -7.08 -13.97
N CYS F 115 13.05 -5.85 -14.07
CA CYS F 115 13.68 -5.39 -15.29
C CYS F 115 14.90 -6.24 -15.58
N PHE F 116 15.73 -6.44 -14.54
CA PHE F 116 17.01 -7.10 -14.67
C PHE F 116 16.78 -8.56 -15.04
N ALA F 117 15.81 -9.18 -14.35
CA ALA F 117 15.49 -10.59 -14.53
C ALA F 117 15.21 -10.85 -16.00
N LEU F 118 14.34 -10.00 -16.58
CA LEU F 118 13.91 -10.12 -17.96
C LEU F 118 15.06 -9.78 -18.89
N ALA F 119 15.86 -8.78 -18.51
CA ALA F 119 17.01 -8.35 -19.29
C ALA F 119 17.98 -9.52 -19.45
N THR F 120 18.11 -10.32 -18.37
CA THR F 120 19.01 -11.46 -18.30
C THR F 120 18.54 -12.54 -19.29
N GLU F 121 17.24 -12.86 -19.20
CA GLU F 121 16.60 -13.86 -20.05
C GLU F 121 16.87 -13.55 -21.52
N ILE F 122 16.48 -12.35 -21.95
CA ILE F 122 16.62 -11.90 -23.33
C ILE F 122 18.09 -12.07 -23.78
N MET F 123 19.03 -11.55 -22.98
CA MET F 123 20.43 -11.56 -23.37
C MET F 123 20.99 -12.98 -23.36
N GLY F 124 20.51 -13.80 -22.42
CA GLY F 124 20.84 -15.22 -22.37
C GLY F 124 20.65 -15.89 -23.73
N ARG F 125 19.49 -15.67 -24.35
N ARG F 125 19.53 -15.58 -24.39
CA ARG F 125 19.18 -16.21 -25.67
CA ARG F 125 19.15 -16.21 -25.66
C ARG F 125 20.12 -15.59 -26.69
C ARG F 125 19.82 -15.50 -26.84
N LEU F 126 20.28 -14.26 -26.62
CA LEU F 126 20.94 -13.49 -27.65
C LEU F 126 22.46 -13.63 -27.58
N ARG F 127 22.96 -14.33 -26.56
CA ARG F 127 24.40 -14.54 -26.40
C ARG F 127 24.97 -15.13 -27.68
N GLY F 128 26.05 -14.50 -28.19
CA GLY F 128 26.73 -14.96 -29.38
C GLY F 128 26.16 -14.32 -30.65
N ALA F 129 24.95 -13.76 -30.55
CA ALA F 129 24.23 -13.27 -31.72
C ALA F 129 24.31 -11.75 -31.82
N VAL F 130 24.38 -11.06 -30.68
CA VAL F 130 24.37 -9.61 -30.67
C VAL F 130 25.57 -9.08 -29.88
N THR F 131 25.81 -7.77 -30.03
CA THR F 131 26.82 -7.04 -29.27
C THR F 131 26.13 -5.86 -28.58
N PRO F 132 26.22 -5.76 -27.23
CA PRO F 132 25.60 -4.64 -26.51
C PRO F 132 26.32 -3.34 -26.84
N GLN F 133 25.53 -2.27 -27.04
CA GLN F 133 26.05 -0.97 -27.36
C GLN F 133 25.86 -0.04 -26.16
N ASP F 134 24.68 -0.14 -25.55
CA ASP F 134 24.34 0.71 -24.42
C ASP F 134 23.42 -0.06 -23.46
N GLU F 135 23.63 0.16 -22.17
CA GLU F 135 22.83 -0.42 -21.11
C GLU F 135 22.70 0.58 -19.98
N VAL F 136 21.47 0.98 -19.68
CA VAL F 136 21.20 2.04 -18.73
C VAL F 136 20.14 1.56 -17.73
N HIS F 137 20.49 1.64 -16.45
CA HIS F 137 19.59 1.34 -15.35
C HIS F 137 19.02 2.64 -14.82
N GLY F 138 17.76 2.90 -15.14
CA GLY F 138 17.10 4.15 -14.82
C GLY F 138 16.22 4.03 -13.57
N PHE F 139 16.01 5.17 -12.90
CA PHE F 139 15.20 5.27 -11.70
C PHE F 139 14.54 6.64 -11.68
N LYS F 140 13.27 6.69 -11.26
CA LYS F 140 12.58 7.97 -11.19
C LYS F 140 12.81 8.59 -9.80
N TYR F 141 12.88 9.92 -9.76
CA TYR F 141 13.03 10.67 -8.51
C TYR F 141 11.65 10.92 -7.91
N PHE F 142 11.45 10.42 -6.68
CA PHE F 142 10.17 10.03 -6.11
C PHE F 142 9.00 10.97 -6.45
N ASP F 143 9.30 12.19 -6.93
CA ASP F 143 8.26 13.16 -7.26
C ASP F 143 8.18 13.40 -8.77
N GLU F 144 8.56 12.38 -9.55
CA GLU F 144 8.57 12.40 -11.01
C GLU F 144 9.53 13.48 -11.52
N ARG F 145 10.64 13.70 -10.81
CA ARG F 145 11.62 14.71 -11.19
C ARG F 145 12.78 14.07 -11.94
N ASP F 146 13.42 14.85 -12.82
CA ASP F 146 14.60 14.39 -13.51
C ASP F 146 15.84 14.96 -12.82
N MET F 147 16.99 14.78 -13.46
CA MET F 147 18.28 15.10 -12.86
C MET F 147 18.42 16.61 -12.68
N LEU F 148 17.63 17.39 -13.44
CA LEU F 148 17.68 18.85 -13.38
C LEU F 148 16.82 19.36 -12.21
N GLY F 149 16.08 18.44 -11.58
CA GLY F 149 15.26 18.77 -10.42
C GLY F 149 13.90 19.35 -10.81
N PHE F 150 13.57 19.30 -12.10
CA PHE F 150 12.27 19.69 -12.61
C PHE F 150 11.40 18.46 -12.83
N VAL F 151 10.08 18.62 -12.67
CA VAL F 151 9.11 17.57 -12.88
C VAL F 151 9.12 17.20 -14.38
N ASP F 152 9.17 15.89 -14.66
CA ASP F 152 9.36 15.42 -16.03
C ASP F 152 8.22 14.49 -16.43
N GLY F 153 7.42 14.95 -17.40
CA GLY F 153 6.38 14.15 -18.02
C GLY F 153 4.98 14.73 -17.81
N THR F 154 4.93 16.00 -17.38
CA THR F 154 3.69 16.66 -17.02
C THR F 154 2.76 16.74 -18.23
N GLU F 155 3.34 16.95 -19.41
CA GLU F 155 2.56 17.31 -20.58
C GLU F 155 2.34 16.11 -21.50
N ASN F 156 2.81 14.93 -21.09
CA ASN F 156 2.56 13.72 -21.86
C ASN F 156 1.06 13.58 -22.12
N PRO F 157 0.64 13.16 -23.34
CA PRO F 157 -0.77 12.87 -23.62
C PRO F 157 -1.18 11.61 -22.86
N THR F 158 -2.47 11.56 -22.47
CA THR F 158 -3.01 10.42 -21.76
C THR F 158 -4.25 9.93 -22.49
N GLY F 159 -4.89 8.88 -21.92
CA GLY F 159 -6.13 8.35 -22.42
C GLY F 159 -6.09 8.12 -23.93
N ALA F 160 -7.01 8.78 -24.64
CA ALA F 160 -7.21 8.59 -26.07
C ALA F 160 -6.22 9.42 -26.88
N ALA F 161 -5.79 10.56 -26.32
CA ALA F 161 -4.84 11.44 -26.99
C ALA F 161 -3.52 10.69 -27.21
N ALA F 162 -3.18 9.85 -26.22
CA ALA F 162 -1.99 9.03 -26.23
C ALA F 162 -2.02 8.05 -27.41
N ARG F 163 -3.16 7.36 -27.56
CA ARG F 163 -3.34 6.33 -28.57
C ARG F 163 -3.13 6.95 -29.96
N ARG F 164 -3.71 8.14 -30.16
CA ARG F 164 -3.77 8.80 -31.46
C ARG F 164 -2.42 9.42 -31.80
N ALA F 165 -1.63 9.75 -30.78
CA ALA F 165 -0.38 10.46 -30.96
C ALA F 165 0.76 9.49 -31.26
N VAL F 166 0.58 8.22 -30.87
CA VAL F 166 1.69 7.29 -30.74
C VAL F 166 1.54 6.10 -31.68
N LEU F 167 0.34 5.49 -31.73
CA LEU F 167 0.14 4.26 -32.48
C LEU F 167 -0.11 4.58 -33.95
N VAL F 168 0.62 3.86 -34.82
CA VAL F 168 0.43 3.88 -36.26
C VAL F 168 -0.96 3.35 -36.58
N GLY F 169 -1.63 3.98 -37.56
CA GLY F 169 -3.02 3.69 -37.86
C GLY F 169 -3.22 3.28 -39.32
N ALA F 170 -4.19 3.92 -39.97
CA ALA F 170 -4.60 3.53 -41.31
C ALA F 170 -3.65 4.11 -42.36
N GLU F 171 -2.75 5.02 -41.95
CA GLU F 171 -1.86 5.69 -42.87
C GLU F 171 -0.78 4.73 -43.37
N ASP F 172 -0.60 3.62 -42.63
CA ASP F 172 0.34 2.56 -42.98
C ASP F 172 -0.26 1.24 -42.53
N PRO F 173 -1.34 0.75 -43.19
CA PRO F 173 -2.23 -0.26 -42.61
C PRO F 173 -1.58 -1.61 -42.29
N ALA F 174 -0.42 -1.86 -42.90
CA ALA F 174 0.31 -3.10 -42.70
C ALA F 174 1.06 -3.07 -41.36
N PHE F 175 1.16 -1.88 -40.75
CA PHE F 175 1.98 -1.71 -39.56
C PHE F 175 1.24 -0.94 -38.48
N ALA F 176 -0.10 -0.99 -38.51
CA ALA F 176 -0.93 -0.38 -37.48
C ALA F 176 -0.67 -1.07 -36.14
N GLY F 177 -0.70 -0.26 -35.06
CA GLY F 177 -0.43 -0.75 -33.72
C GLY F 177 1.03 -0.56 -33.35
N GLY F 178 1.85 -0.32 -34.38
CA GLY F 178 3.27 -0.03 -34.20
C GLY F 178 3.51 1.41 -33.73
N SER F 179 4.75 1.69 -33.38
CA SER F 179 5.17 3.04 -33.02
C SER F 179 6.64 3.20 -33.39
N TYR F 180 7.07 4.45 -33.53
CA TYR F 180 8.47 4.79 -33.78
C TYR F 180 9.04 5.35 -32.50
N ALA F 181 10.19 4.79 -32.08
CA ALA F 181 10.86 5.19 -30.86
C ALA F 181 12.20 5.83 -31.20
N VAL F 182 12.48 6.95 -30.52
CA VAL F 182 13.76 7.65 -30.61
C VAL F 182 14.38 7.66 -29.22
N VAL F 183 15.63 7.21 -29.13
CA VAL F 183 16.35 7.21 -27.88
C VAL F 183 17.59 8.10 -28.01
N GLN F 184 17.85 8.90 -26.98
CA GLN F 184 19.06 9.69 -26.87
C GLN F 184 19.53 9.69 -25.42
N LYS F 185 20.83 9.43 -25.22
CA LYS F 185 21.40 9.50 -23.88
C LYS F 185 22.00 10.90 -23.69
N TYR F 186 21.47 11.62 -22.69
CA TYR F 186 21.96 12.95 -22.36
C TYR F 186 22.79 12.87 -21.08
N LEU F 187 23.95 13.55 -21.10
CA LEU F 187 24.72 13.82 -19.91
C LEU F 187 24.55 15.28 -19.53
N HIS F 188 24.51 15.57 -18.22
CA HIS F 188 24.28 16.91 -17.72
C HIS F 188 25.51 17.47 -17.03
N ASP F 189 25.69 18.79 -17.16
CA ASP F 189 26.68 19.52 -16.40
C ASP F 189 25.98 20.12 -15.18
N ILE F 190 25.86 19.30 -14.13
CA ILE F 190 25.17 19.67 -12.90
C ILE F 190 25.86 20.89 -12.28
N ASP F 191 27.16 21.04 -12.54
CA ASP F 191 27.95 22.13 -12.00
C ASP F 191 27.43 23.48 -12.53
N ALA F 192 27.45 23.62 -13.86
CA ALA F 192 26.99 24.83 -14.52
C ALA F 192 25.56 25.14 -14.11
N TRP F 193 24.74 24.07 -14.05
CA TRP F 193 23.30 24.15 -13.83
C TRP F 193 22.97 24.65 -12.42
N GLU F 194 23.60 24.07 -11.40
CA GLU F 194 23.31 24.43 -10.02
C GLU F 194 23.95 25.78 -9.68
N GLY F 195 24.82 26.26 -10.57
CA GLY F 195 25.40 27.59 -10.45
C GLY F 195 24.42 28.66 -10.94
N LEU F 196 23.27 28.23 -11.47
CA LEU F 196 22.22 29.13 -11.92
C LEU F 196 21.24 29.36 -10.77
N SER F 197 20.60 30.54 -10.80
CA SER F 197 19.50 30.85 -9.89
C SER F 197 18.28 30.04 -10.31
N VAL F 198 17.38 29.80 -9.35
CA VAL F 198 16.21 28.97 -9.58
C VAL F 198 15.31 29.63 -10.63
N GLU F 199 15.32 30.97 -10.67
CA GLU F 199 14.52 31.72 -11.63
C GLU F 199 15.14 31.61 -13.02
N ALA F 200 16.47 31.55 -13.07
CA ALA F 200 17.20 31.42 -14.32
C ALA F 200 16.94 30.05 -14.95
N GLN F 201 16.89 29.01 -14.09
CA GLN F 201 16.59 27.65 -14.51
C GLN F 201 15.20 27.60 -15.13
N GLU F 202 14.26 28.33 -14.51
CA GLU F 202 12.87 28.35 -14.93
C GLU F 202 12.74 28.92 -16.35
N ARG F 203 13.67 29.80 -16.73
CA ARG F 203 13.68 30.41 -18.05
C ARG F 203 14.18 29.41 -19.09
N VAL F 204 15.05 28.49 -18.65
CA VAL F 204 15.62 27.47 -19.50
C VAL F 204 14.55 26.44 -19.86
N ILE F 205 13.76 26.02 -18.86
CA ILE F 205 12.76 24.97 -19.05
C ILE F 205 11.46 25.60 -19.54
N GLY F 206 11.02 26.67 -18.87
CA GLY F 206 9.79 27.36 -19.23
C GLY F 206 8.65 27.01 -18.28
N ARG F 207 9.00 26.47 -17.10
CA ARG F 207 8.05 26.13 -16.06
C ARG F 207 8.66 26.45 -14.69
N ARG F 208 7.80 26.68 -13.70
CA ARG F 208 8.22 26.86 -12.31
C ARG F 208 8.86 25.57 -11.80
N LYS F 209 9.85 25.69 -10.91
CA LYS F 209 10.62 24.52 -10.50
C LYS F 209 9.86 23.72 -9.44
N MET F 210 9.23 24.41 -8.47
CA MET F 210 8.63 23.74 -7.34
C MET F 210 7.19 23.37 -7.66
N THR F 211 6.48 24.27 -8.34
CA THR F 211 5.04 24.15 -8.49
C THR F 211 4.67 23.53 -9.83
N ASP F 212 5.65 23.47 -10.74
CA ASP F 212 5.51 22.88 -12.07
C ASP F 212 4.45 23.61 -12.89
N VAL F 213 4.19 24.87 -12.54
CA VAL F 213 3.25 25.68 -13.30
C VAL F 213 3.98 26.27 -14.51
N GLU F 214 3.34 26.20 -15.67
CA GLU F 214 3.92 26.71 -16.90
C GLU F 214 4.01 28.23 -16.82
N LEU F 215 5.15 28.78 -17.24
CA LEU F 215 5.29 30.22 -17.43
C LEU F 215 4.30 30.67 -18.50
N SER F 216 3.69 31.85 -18.30
CA SER F 216 2.79 32.42 -19.28
C SER F 216 3.59 32.96 -20.46
N ASP F 217 2.90 33.30 -21.56
CA ASP F 217 3.54 33.63 -22.82
C ASP F 217 4.16 35.03 -22.74
N ASP F 218 3.70 35.83 -21.77
CA ASP F 218 4.23 37.16 -21.49
C ASP F 218 5.68 37.05 -21.01
N VAL F 219 6.06 35.87 -20.52
CA VAL F 219 7.28 35.72 -19.73
C VAL F 219 8.15 34.60 -20.30
N LYS F 220 7.51 33.60 -20.93
CA LYS F 220 8.19 32.40 -21.41
C LYS F 220 9.17 32.77 -22.53
N PRO F 221 10.50 32.64 -22.30
CA PRO F 221 11.49 32.99 -23.32
C PRO F 221 11.38 32.04 -24.49
N ALA F 222 11.79 32.50 -25.68
CA ALA F 222 11.55 31.80 -26.92
C ALA F 222 12.54 30.66 -27.11
N ASP F 223 13.63 30.67 -26.33
CA ASP F 223 14.67 29.66 -26.45
C ASP F 223 14.60 28.67 -25.29
N SER F 224 13.49 28.68 -24.55
CA SER F 224 13.25 27.70 -23.50
C SER F 224 12.83 26.37 -24.12
N HIS F 225 13.03 25.29 -23.35
CA HIS F 225 12.74 23.93 -23.76
C HIS F 225 11.27 23.77 -24.13
N VAL F 226 10.36 24.34 -23.34
CA VAL F 226 8.94 24.16 -23.56
C VAL F 226 8.46 25.01 -24.75
N ALA F 227 9.18 26.10 -25.03
CA ALA F 227 8.85 26.94 -26.18
C ALA F 227 9.16 26.21 -27.48
N LEU F 228 10.28 25.48 -27.50
CA LEU F 228 10.84 24.93 -28.72
C LEU F 228 10.24 23.55 -29.05
N THR F 229 9.74 22.86 -28.03
CA THR F 229 9.14 21.54 -28.22
C THR F 229 7.62 21.66 -28.35
N SER F 230 7.09 22.88 -28.21
CA SER F 230 5.70 23.18 -28.50
C SER F 230 5.53 23.38 -30.00
N VAL F 231 4.77 22.48 -30.63
CA VAL F 231 4.66 22.45 -32.09
C VAL F 231 3.20 22.26 -32.48
N THR F 232 2.72 23.15 -33.35
CA THR F 232 1.42 23.03 -34.00
C THR F 232 1.64 22.62 -35.46
N GLY F 233 0.71 21.84 -36.00
CA GLY F 233 0.85 21.27 -37.34
C GLY F 233 0.32 22.22 -38.41
N PRO F 234 0.15 21.73 -39.67
CA PRO F 234 -0.44 22.53 -40.75
C PRO F 234 -1.89 22.95 -40.52
N ASP F 235 -2.51 22.41 -39.45
CA ASP F 235 -3.90 22.67 -39.14
C ASP F 235 -4.05 23.11 -37.68
N GLY F 236 -3.03 23.81 -37.19
CA GLY F 236 -3.10 24.60 -35.95
C GLY F 236 -3.29 23.76 -34.70
N SER F 237 -3.23 22.43 -34.85
CA SER F 237 -3.40 21.53 -33.72
C SER F 237 -2.06 20.92 -33.30
N ASP F 238 -1.94 20.62 -32.00
CA ASP F 238 -0.68 20.31 -31.35
C ASP F 238 -0.20 18.91 -31.73
N LEU F 239 1.09 18.82 -32.07
CA LEU F 239 1.76 17.56 -32.34
C LEU F 239 2.46 17.12 -31.06
N GLU F 240 2.03 15.96 -30.53
CA GLU F 240 2.48 15.46 -29.24
C GLU F 240 3.30 14.17 -29.45
N ILE F 241 4.24 13.93 -28.52
CA ILE F 241 4.98 12.69 -28.42
C ILE F 241 4.80 12.14 -27.02
N LEU F 242 5.07 10.84 -26.84
CA LEU F 242 5.01 10.20 -25.54
C LEU F 242 6.41 9.92 -25.02
N ARG F 243 6.79 10.60 -23.93
CA ARG F 243 8.12 10.50 -23.34
C ARG F 243 8.06 9.70 -22.04
N ASP F 244 9.13 8.97 -21.76
CA ASP F 244 9.31 8.31 -20.47
C ASP F 244 10.78 8.42 -20.06
N ASN F 245 11.23 9.67 -19.89
CA ASN F 245 12.59 10.01 -19.49
C ASN F 245 12.91 9.35 -18.15
N MET F 246 14.14 8.84 -18.04
CA MET F 246 14.60 8.20 -16.81
C MET F 246 15.97 8.76 -16.43
N PRO F 247 16.13 9.23 -15.16
CA PRO F 247 17.45 9.54 -14.61
C PRO F 247 18.30 8.28 -14.49
N PHE F 248 19.62 8.47 -14.58
CA PHE F 248 20.59 7.42 -14.29
C PHE F 248 21.90 8.11 -13.91
N GLY F 249 22.86 7.33 -13.41
CA GLY F 249 24.20 7.86 -13.29
C GLY F 249 25.08 7.10 -12.31
N SER F 250 26.14 7.79 -11.88
CA SER F 250 27.23 7.22 -11.13
C SER F 250 27.93 8.37 -10.39
N VAL F 251 27.83 8.37 -9.07
CA VAL F 251 28.34 9.48 -8.27
C VAL F 251 29.85 9.57 -8.42
N GLY F 252 30.54 8.42 -8.35
CA GLY F 252 31.98 8.34 -8.42
C GLY F 252 32.54 8.90 -9.73
N ARG F 253 31.85 8.62 -10.85
CA ARG F 253 32.34 9.00 -12.16
C ARG F 253 31.84 10.40 -12.54
N GLU F 254 30.99 10.99 -11.68
CA GLU F 254 30.48 12.34 -11.90
C GLU F 254 29.50 12.37 -13.08
N GLU F 255 28.83 11.23 -13.34
CA GLU F 255 27.85 11.12 -14.41
C GLU F 255 26.44 11.25 -13.83
N PHE F 256 25.69 12.25 -14.33
CA PHE F 256 24.29 12.44 -13.98
C PHE F 256 23.52 12.69 -15.28
N GLY F 257 22.61 11.76 -15.62
CA GLY F 257 22.04 11.76 -16.95
C GLY F 257 20.52 11.74 -16.96
N THR F 258 19.97 12.13 -18.12
CA THR F 258 18.58 11.86 -18.50
C THR F 258 18.62 10.91 -19.69
N TYR F 259 17.87 9.81 -19.60
CA TYR F 259 17.73 8.94 -20.75
C TYR F 259 16.43 9.29 -21.45
N PHE F 260 16.56 9.96 -22.60
CA PHE F 260 15.40 10.35 -23.39
C PHE F 260 14.90 9.14 -24.18
N ILE F 261 13.58 8.91 -24.11
CA ILE F 261 12.91 8.02 -25.05
C ILE F 261 11.52 8.58 -25.36
N GLY F 262 11.29 8.88 -26.64
CA GLY F 262 10.03 9.44 -27.10
C GLY F 262 9.35 8.55 -28.14
N TYR F 263 8.07 8.26 -27.92
CA TYR F 263 7.28 7.48 -28.85
C TYR F 263 6.47 8.44 -29.71
N ALA F 264 6.23 8.04 -30.97
CA ALA F 264 5.46 8.85 -31.90
C ALA F 264 4.86 7.99 -33.00
N ARG F 265 3.70 8.44 -33.50
CA ARG F 265 2.97 7.82 -34.61
C ARG F 265 3.85 7.84 -35.85
N THR F 266 4.65 8.91 -36.00
CA THR F 266 5.53 9.13 -37.13
C THR F 266 6.83 9.77 -36.65
N PRO F 267 8.00 9.43 -37.23
CA PRO F 267 9.27 10.01 -36.80
C PRO F 267 9.38 11.50 -37.07
N GLU F 268 8.52 12.02 -37.96
CA GLU F 268 8.58 13.38 -38.46
C GLU F 268 8.23 14.37 -37.34
N VAL F 269 7.33 13.97 -36.44
CA VAL F 269 6.95 14.81 -35.31
C VAL F 269 8.17 15.04 -34.41
N THR F 270 8.81 13.96 -33.96
N THR F 270 8.80 13.94 -33.96
CA THR F 270 9.92 14.05 -33.01
CA THR F 270 9.91 13.96 -33.03
C THR F 270 11.18 14.60 -33.69
C THR F 270 11.11 14.66 -33.70
N GLU F 271 11.27 14.41 -35.00
CA GLU F 271 12.36 14.97 -35.78
C GLU F 271 12.26 16.50 -35.86
N THR F 272 11.02 17.00 -35.98
CA THR F 272 10.76 18.44 -36.05
C THR F 272 11.25 19.10 -34.76
N MET F 273 10.81 18.54 -33.63
CA MET F 273 11.18 19.05 -32.32
C MET F 273 12.70 19.06 -32.17
N LEU F 274 13.34 18.00 -32.67
CA LEU F 274 14.78 17.82 -32.55
C LEU F 274 15.52 18.91 -33.30
N GLU F 275 15.01 19.24 -34.51
CA GLU F 275 15.60 20.27 -35.35
C GLU F 275 15.53 21.62 -34.65
N ARG F 276 14.33 21.92 -34.11
CA ARG F 276 14.07 23.19 -33.45
C ARG F 276 14.97 23.35 -32.22
N MET F 277 15.29 22.23 -31.56
CA MET F 277 16.17 22.21 -30.41
C MET F 277 17.61 22.48 -30.82
N PHE F 278 18.08 21.75 -31.85
CA PHE F 278 19.48 21.72 -32.21
C PHE F 278 19.82 22.78 -33.26
N LEU F 279 18.98 22.91 -34.29
CA LEU F 279 19.25 23.86 -35.37
C LEU F 279 18.64 25.22 -35.02
N GLY F 280 17.78 25.26 -34.00
CA GLY F 280 17.13 26.49 -33.58
C GLY F 280 16.05 26.91 -34.58
N THR F 281 15.52 28.13 -34.38
CA THR F 281 14.52 28.72 -35.26
C THR F 281 14.85 30.19 -35.48
N ALA F 282 13.78 30.95 -35.75
CA ALA F 282 13.79 32.38 -36.03
C ALA F 282 14.43 33.16 -34.88
N SER F 283 13.82 33.03 -33.70
CA SER F 283 14.18 33.83 -32.54
C SER F 283 15.21 33.09 -31.69
N ALA F 284 15.04 31.76 -31.59
CA ALA F 284 15.86 30.93 -30.73
C ALA F 284 17.02 30.34 -31.51
N PRO F 285 18.28 30.59 -31.10
CA PRO F 285 19.45 29.91 -31.68
C PRO F 285 19.49 28.40 -31.42
N HIS F 286 19.16 28.01 -30.17
CA HIS F 286 19.02 26.62 -29.79
C HIS F 286 18.19 26.52 -28.50
N ASP F 287 17.83 25.28 -28.13
CA ASP F 287 17.18 24.99 -26.87
C ASP F 287 18.23 25.12 -25.76
N ARG F 288 18.01 26.07 -24.84
CA ARG F 288 18.94 26.38 -23.78
C ARG F 288 19.30 25.13 -22.97
N ILE F 289 18.42 24.13 -23.00
CA ILE F 289 18.64 22.93 -22.21
C ILE F 289 19.93 22.25 -22.69
N LEU F 290 20.33 22.56 -23.93
CA LEU F 290 21.44 21.87 -24.56
C LEU F 290 22.77 22.42 -24.07
N ASP F 291 22.74 23.57 -23.38
CA ASP F 291 23.94 24.17 -22.81
C ASP F 291 24.26 23.51 -21.47
N PHE F 292 23.47 22.49 -21.10
CA PHE F 292 23.67 21.72 -19.89
C PHE F 292 23.43 20.24 -20.17
N SER F 293 23.33 19.88 -21.46
CA SER F 293 22.95 18.53 -21.84
C SER F 293 23.64 18.12 -23.14
N THR F 294 24.59 17.19 -23.05
CA THR F 294 25.25 16.63 -24.22
C THR F 294 24.65 15.26 -24.52
N ALA F 295 24.11 15.10 -25.74
CA ALA F 295 23.68 13.80 -26.23
C ALA F 295 24.91 12.98 -26.64
N VAL F 296 25.00 11.75 -26.14
CA VAL F 296 26.16 10.90 -26.40
C VAL F 296 25.74 9.72 -27.28
N THR F 297 24.41 9.52 -27.43
CA THR F 297 23.87 8.51 -28.31
C THR F 297 22.69 9.09 -29.08
N GLY F 298 22.22 8.34 -30.09
CA GLY F 298 21.04 8.72 -30.85
C GLY F 298 20.67 7.64 -31.86
N SER F 299 19.46 7.09 -31.73
CA SER F 299 18.99 5.99 -32.55
C SER F 299 17.49 6.10 -32.80
N LEU F 300 17.02 5.43 -33.86
CA LEU F 300 15.61 5.40 -34.22
C LEU F 300 15.19 3.95 -34.45
N PHE F 301 14.04 3.58 -33.87
CA PHE F 301 13.55 2.20 -33.90
C PHE F 301 12.06 2.19 -34.26
N PHE F 302 11.66 1.13 -34.97
CA PHE F 302 10.25 0.82 -35.14
C PHE F 302 9.85 -0.26 -34.14
N THR F 303 8.79 -0.01 -33.37
CA THR F 303 8.28 -0.96 -32.40
C THR F 303 7.00 -1.58 -32.96
N PRO F 304 7.08 -2.79 -33.56
CA PRO F 304 5.93 -3.39 -34.24
C PRO F 304 4.79 -3.74 -33.29
N ALA F 305 3.62 -4.05 -33.85
CA ALA F 305 2.51 -4.60 -33.08
C ALA F 305 2.97 -5.91 -32.45
N ALA F 306 2.38 -6.24 -31.30
CA ALA F 306 2.78 -7.40 -30.52
C ALA F 306 2.62 -8.70 -31.31
N ASP F 307 1.59 -8.75 -32.17
CA ASP F 307 1.28 -9.95 -32.91
C ASP F 307 2.18 -10.09 -34.14
N PHE F 308 2.78 -8.98 -34.59
CA PHE F 308 3.75 -9.02 -35.67
C PHE F 308 4.96 -9.84 -35.23
N LEU F 309 5.34 -9.68 -33.96
CA LEU F 309 6.47 -10.40 -33.37
C LEU F 309 6.08 -11.86 -33.14
N GLU F 310 4.83 -12.07 -32.68
CA GLU F 310 4.30 -13.38 -32.34
C GLU F 310 4.25 -14.28 -33.57
N ASP F 311 3.89 -13.70 -34.72
CA ASP F 311 3.62 -14.45 -35.94
C ASP F 311 4.91 -14.62 -36.76
N LEU F 312 5.95 -15.16 -36.13
CA LEU F 312 7.22 -15.41 -36.82
C LEU F 312 7.50 -16.91 -36.84
N SER F 313 8.38 -17.37 -35.94
CA SER F 313 8.81 -18.76 -35.87
C SER F 313 7.60 -19.70 -35.77
CHA HEM G . -1.12 -24.51 -17.61
CHB HEM G . -1.37 -26.39 -13.16
CHC HEM G . -5.54 -28.64 -14.37
CHD HEM G . -5.45 -26.45 -18.68
C1A HEM G . -0.83 -24.87 -16.32
C2A HEM G . 0.36 -24.53 -15.64
C3A HEM G . 0.29 -25.06 -14.39
C4A HEM G . -0.94 -25.72 -14.29
CMA HEM G . 1.34 -24.97 -13.30
CAA HEM G . 1.52 -23.74 -16.22
CBA HEM G . 1.41 -22.25 -15.90
CGA HEM G . 0.29 -21.61 -16.71
O1A HEM G . -0.72 -21.22 -16.10
O2A HEM G . 0.36 -21.48 -17.96
C1B HEM G . -2.55 -27.16 -13.14
C2B HEM G . -2.97 -27.86 -11.96
C3B HEM G . -4.13 -28.49 -12.28
C4B HEM G . -4.41 -28.15 -13.69
CMB HEM G . -2.27 -27.90 -10.61
CAB HEM G . -4.96 -29.34 -11.39
CBB HEM G . -4.75 -30.65 -11.37
C1C HEM G . -5.87 -28.26 -15.66
C2C HEM G . -6.97 -28.74 -16.38
C3C HEM G . -6.94 -28.11 -17.63
C4C HEM G . -5.82 -27.25 -17.63
CMC HEM G . -7.96 -29.74 -15.86
CAC HEM G . -7.87 -28.25 -18.78
CBC HEM G . -9.04 -28.91 -18.74
C1D HEM G . -4.24 -25.74 -18.69
C2D HEM G . -3.88 -24.90 -19.85
C3D HEM G . -2.67 -24.37 -19.57
C4D HEM G . -2.32 -24.87 -18.22
CMD HEM G . -4.70 -24.72 -21.11
CAD HEM G . -1.84 -23.44 -20.42
CBD HEM G . -1.13 -24.23 -21.51
CGD HEM G . -0.17 -23.32 -22.24
O1D HEM G . -0.49 -22.76 -23.30
O2D HEM G . 0.98 -23.13 -21.77
NA HEM G . -1.62 -25.62 -15.47
NB HEM G . -3.42 -27.37 -14.14
NC HEM G . -5.18 -27.36 -16.42
ND HEM G . -3.29 -25.69 -17.75
FE HEM G . -3.28 -26.56 -16.08
MG MG H . -2.32 -38.87 1.11
CHA HEM I . 12.31 24.80 11.96
CHB HEM I . 8.49 26.65 9.61
CHC HEM I . 7.03 28.73 13.77
CHD HEM I . 10.57 26.45 16.15
C1A HEM I . 11.44 25.19 10.97
C2A HEM I . 11.65 24.93 9.59
C3A HEM I . 10.57 25.45 8.91
C4A HEM I . 9.70 26.03 9.88
CMA HEM I . 10.36 25.43 7.41
CAA HEM I . 12.85 24.23 9.00
CBA HEM I . 12.58 22.75 8.75
CGA HEM I . 12.35 22.04 10.05
O1A HEM I . 11.19 21.71 10.37
O2A HEM I . 13.31 21.80 10.82
C1B HEM I . 7.78 27.37 10.57
C2B HEM I . 6.57 28.07 10.25
C3B HEM I . 6.13 28.65 11.41
C4B HEM I . 7.13 28.29 12.44
CMB HEM I . 5.89 28.15 8.91
CAB HEM I . 4.93 29.48 11.59
CBB HEM I . 4.99 30.77 11.28
C1C HEM I . 7.86 28.30 14.79
C2C HEM I . 7.78 28.69 16.14
C3C HEM I . 8.80 28.03 16.82
C4C HEM I . 9.50 27.25 15.85
CMC HEM I . 6.74 29.64 16.71
CAC HEM I . 9.14 28.09 18.26
CBC HEM I . 8.27 28.45 19.20
C1D HEM I . 11.31 25.80 15.16
C2D HEM I . 12.47 24.98 15.52
C3D HEM I . 12.99 24.50 14.36
C4D HEM I . 12.10 25.06 13.30
CMD HEM I . 12.97 24.74 16.93
CAD HEM I . 14.20 23.59 14.18
CBD HEM I . 15.50 24.25 14.65
CGD HEM I . 16.76 23.65 14.07
O1D HEM I . 17.08 23.80 12.87
O2D HEM I . 17.54 23.00 14.82
NA HEM I . 10.26 25.87 11.13
NB HEM I . 8.09 27.54 11.87
NC HEM I . 8.91 27.44 14.63
ND HEM I . 11.13 25.83 13.83
FE HEM I . 9.75 26.72 12.85
CHA HEM J . -14.76 -7.54 24.79
CHB HEM J . -16.82 -10.47 21.52
CHC HEM J . -15.63 -14.31 24.26
CHD HEM J . -13.21 -11.40 27.28
C1A HEM J . -15.45 -8.02 23.70
C2A HEM J . -16.07 -7.20 22.73
C3A HEM J . -16.66 -8.03 21.81
C4A HEM J . -16.39 -9.35 22.21
CMA HEM J . -17.45 -7.62 20.58
CAA HEM J . -16.09 -5.68 22.74
CBA HEM J . -15.01 -5.08 21.83
CGA HEM J . -13.66 -5.30 22.46
O1A HEM J . -13.25 -4.58 23.39
O2A HEM J . -12.98 -6.26 22.03
C1B HEM J . -16.65 -11.77 22.01
C2B HEM J . -17.13 -12.90 21.31
C3B HEM J . -16.81 -14.00 22.06
C4B HEM J . -16.11 -13.47 23.25
CMB HEM J . -17.85 -12.89 19.98
CAB HEM J . -17.09 -15.42 21.74
CBB HEM J . -18.30 -15.94 21.95
C1C HEM J . -14.89 -13.87 25.34
C2C HEM J . -14.45 -14.66 26.41
C3C HEM J . -13.76 -13.83 27.28
C4C HEM J . -13.80 -12.52 26.72
CMC HEM J . -14.71 -16.16 26.52
CAC HEM J . -13.10 -14.18 28.56
CBC HEM J . -12.68 -15.40 28.84
C1D HEM J . -13.44 -10.11 26.82
C2D HEM J . -12.85 -8.93 27.48
C3D HEM J . -13.28 -7.87 26.78
C4D HEM J . -14.14 -8.39 25.70
CMD HEM J . -11.94 -8.89 28.69
CAD HEM J . -12.96 -6.41 27.06
CBD HEM J . -13.78 -5.87 28.24
CGD HEM J . -13.39 -4.45 28.52
O1D HEM J . -13.91 -3.51 27.87
O2D HEM J . -12.55 -4.18 29.41
NA HEM J . -15.66 -9.34 23.37
NB HEM J . -16.06 -12.14 23.16
NC HEM J . -14.51 -12.58 25.55
ND HEM J . -14.21 -9.74 25.76
FE HEM J . -15.18 -10.84 24.59
CHA HEM K . 23.96 -17.91 4.96
CHB HEM K . 24.51 -16.48 0.37
CHC HEM K . 29.02 -14.92 1.41
CHD HEM K . 28.08 -15.64 6.09
C1A HEM K . 23.75 -17.70 3.61
C2A HEM K . 22.63 -18.17 2.89
C3A HEM K . 22.78 -17.77 1.60
C4A HEM K . 23.99 -17.05 1.52
CMA HEM K . 21.82 -18.04 0.46
CAA HEM K . 21.48 -18.99 3.46
CBA HEM K . 20.27 -18.14 3.86
CGA HEM K . 20.66 -17.12 4.91
O1A HEM K . 20.55 -17.40 6.13
O2A HEM K . 21.11 -16.00 4.56
C1B HEM K . 25.80 -15.95 0.29
C2B HEM K . 26.32 -15.47 -0.94
C3B HEM K . 27.59 -15.01 -0.68
C4B HEM K . 27.81 -15.25 0.77
CMB HEM K . 25.61 -15.44 -2.27
CAB HEM K . 28.54 -14.42 -1.64
CBB HEM K . 29.18 -15.20 -2.50
C1C HEM K . 29.18 -14.98 2.78
C2C HEM K . 30.34 -14.64 3.49
C3C HEM K . 30.08 -14.85 4.84
C4C HEM K . 28.73 -15.32 4.93
CMC HEM K . 31.63 -14.14 2.87
CAC HEM K . 30.94 -14.64 6.03
CBC HEM K . 32.21 -14.24 5.97
C1D HEM K . 26.87 -16.32 6.13
C2D HEM K . 26.28 -16.75 7.41
C3D HEM K . 25.13 -17.40 7.10
C4D HEM K . 25.04 -17.34 5.63
CMD HEM K . 26.87 -16.51 8.79
CAD HEM K . 24.11 -18.02 8.03
CBD HEM K . 24.61 -19.26 8.79
CGD HEM K . 23.43 -19.97 9.39
O1D HEM K . 22.56 -20.45 8.62
O2D HEM K . 23.30 -20.07 10.63
NA HEM K . 24.59 -17.02 2.75
NB HEM K . 26.70 -15.81 1.27
NC HEM K . 28.21 -15.40 3.66
ND HEM K . 26.10 -16.71 5.10
FE HEM K . 26.40 -16.37 3.28
MG MG L . 30.21 -17.06 -18.21
CHA HEM M . -29.00 6.54 -2.84
CHB HEM M . -27.79 9.43 0.85
CHC HEM M . -29.40 13.31 -1.65
CHD HEM M . -30.36 10.43 -5.42
C1A HEM M . -28.57 7.00 -1.61
C2A HEM M . -28.07 6.18 -0.57
C3A HEM M . -27.73 7.00 0.47
C4A HEM M . -28.01 8.32 0.07
CMA HEM M . -27.15 6.59 1.81
CAA HEM M . -27.95 4.66 -0.60
CBA HEM M . -26.57 4.14 -1.02
CGA HEM M . -26.35 4.38 -2.50
O1A HEM M . -26.87 3.61 -3.36
O2A HEM M . -25.66 5.36 -2.87
C1B HEM M . -28.12 10.72 0.44
C2B HEM M . -27.83 11.85 1.26
C3B HEM M . -28.27 12.95 0.58
C4B HEM M . -28.84 12.44 -0.69
CMB HEM M . -27.18 11.87 2.62
CAB HEM M . -28.21 14.35 1.03
CBB HEM M . -29.27 14.81 1.69
C1C HEM M . -29.86 12.86 -2.89
C2C HEM M . -30.54 13.64 -3.85
C3C HEM M . -30.81 12.80 -4.93
C4C HEM M . -30.29 11.52 -4.60
CMC HEM M . -30.89 15.10 -3.71
CAC HEM M . -31.52 13.14 -6.20
CBC HEM M . -31.24 14.21 -6.93
C1D HEM M . -30.01 9.15 -4.99
C2D HEM M . -30.09 8.01 -5.92
C3D HEM M . -29.71 6.94 -5.21
C4D HEM M . -29.40 7.41 -3.85
CMD HEM M . -30.50 8.04 -7.38
CAD HEM M . -29.63 5.51 -5.73
CBD HEM M . -31.05 4.98 -5.97
CGD HEM M . -30.98 3.53 -6.34
O1D HEM M . -31.05 3.20 -7.55
O2D HEM M . -30.84 2.66 -5.45
NA HEM M . -28.54 8.32 -1.20
NB HEM M . -28.72 11.11 -0.69
NC HEM M . -29.74 11.57 -3.34
ND HEM M . -29.61 8.75 -3.77
FE HEM M . -29.34 9.83 -2.24
CHA HEM N . 8.79 18.79 -21.70
CHB HEM N . 13.00 17.58 -19.66
CHC HEM N . 14.71 16.16 -24.00
CHD HEM N . 10.33 16.97 -25.92
C1A HEM N . 9.82 18.65 -20.80
C2A HEM N . 9.81 19.17 -19.48
C3A HEM N . 11.00 18.84 -18.90
C4A HEM N . 11.73 18.10 -19.86
CMA HEM N . 11.44 19.18 -17.49
CAA HEM N . 8.70 19.97 -18.84
CBA HEM N . 7.66 19.10 -18.10
CGA HEM N . 7.01 18.12 -19.04
O1A HEM N . 7.53 17.01 -19.22
O2A HEM N . 5.96 18.41 -19.66
C1B HEM N . 13.81 17.08 -20.69
C2B HEM N . 15.14 16.63 -20.45
C3B HEM N . 15.65 16.24 -21.66
C4B HEM N . 14.56 16.45 -22.65
CMB HEM N . 15.85 16.61 -19.12
CAB HEM N . 16.99 15.68 -21.94
CBB HEM N . 18.09 16.41 -21.74
C1C HEM N . 13.68 16.26 -24.91
C2C HEM N . 13.77 15.98 -26.29
C3C HEM N . 12.51 16.21 -26.84
C4C HEM N . 11.66 16.65 -25.77
CMC HEM N . 15.03 15.50 -26.98
CAC HEM N . 12.07 16.08 -28.25
CBC HEM N . 12.29 15.00 -28.99
C1D HEM N . 9.56 17.53 -24.89
C2D HEM N . 8.15 17.93 -25.10
C3D HEM N . 7.73 18.44 -23.93
C4D HEM N . 8.88 18.35 -23.01
CMD HEM N . 7.34 17.79 -26.36
CAD HEM N . 6.34 18.97 -23.63
CBD HEM N . 6.19 20.46 -23.95
CGD HEM N . 4.74 20.89 -23.94
O1D HEM N . 4.38 21.81 -23.17
O2D HEM N . 3.89 20.36 -24.69
NA HEM N . 11.02 18.01 -21.02
NB HEM N . 13.50 16.96 -21.99
NC HEM N . 12.40 16.67 -24.61
ND HEM N . 9.95 17.81 -23.63
FE HEM N . 11.64 17.50 -22.85
#